data_5R4G
# 
_entry.id   5R4G 
# 
_audit_conform.dict_name       mmcif_pdbx.dic 
_audit_conform.dict_version    5.387 
_audit_conform.dict_location   http://mmcif.pdb.org/dictionaries/ascii/mmcif_pdbx.dic 
# 
loop_
_database_2.database_id 
_database_2.database_code 
_database_2.pdbx_database_accession 
_database_2.pdbx_DOI 
PDB   5R4G         pdb_00005r4g 10.2210/pdb5r4g/pdb 
WWPDB D_1001402757 ?            ?                   
# 
loop_
_pdbx_audit_revision_history.ordinal 
_pdbx_audit_revision_history.data_content_type 
_pdbx_audit_revision_history.major_revision 
_pdbx_audit_revision_history.minor_revision 
_pdbx_audit_revision_history.revision_date 
1 'Structure model' 1 0 2020-04-01 
2 'Structure model' 1 1 2024-03-06 
# 
_pdbx_audit_revision_details.ordinal             1 
_pdbx_audit_revision_details.revision_ordinal    1 
_pdbx_audit_revision_details.data_content_type   'Structure model' 
_pdbx_audit_revision_details.provider            repository 
_pdbx_audit_revision_details.type                'Initial release' 
_pdbx_audit_revision_details.description         ? 
_pdbx_audit_revision_details.details             ? 
# 
loop_
_pdbx_audit_revision_group.ordinal 
_pdbx_audit_revision_group.revision_ordinal 
_pdbx_audit_revision_group.data_content_type 
_pdbx_audit_revision_group.group 
1 2 'Structure model' 'Data collection'     
2 2 'Structure model' 'Database references' 
# 
loop_
_pdbx_audit_revision_category.ordinal 
_pdbx_audit_revision_category.revision_ordinal 
_pdbx_audit_revision_category.data_content_type 
_pdbx_audit_revision_category.category 
1 2 'Structure model' chem_comp_atom 
2 2 'Structure model' chem_comp_bond 
3 2 'Structure model' database_2     
# 
loop_
_pdbx_audit_revision_item.ordinal 
_pdbx_audit_revision_item.revision_ordinal 
_pdbx_audit_revision_item.data_content_type 
_pdbx_audit_revision_item.item 
1 2 'Structure model' '_database_2.pdbx_DOI'                
2 2 'Structure model' '_database_2.pdbx_database_accession' 
# 
_pdbx_database_status.entry_id                        5R4G 
_pdbx_database_status.status_code                     REL 
_pdbx_database_status.status_code_sf                  REL 
_pdbx_database_status.status_code_mr                  ? 
_pdbx_database_status.status_code_cs                  ? 
_pdbx_database_status.recvd_initial_deposition_date   2020-02-24 
_pdbx_database_status.deposit_site                    RCSB 
_pdbx_database_status.process_site                    RCSB 
_pdbx_database_status.SG_entry                        ? 
_pdbx_database_status.pdb_format_compatible           Y 
_pdbx_database_status.methods_development_category    ? 
_pdbx_database_status.status_code_nmr_data            ? 
# 
loop_
_audit_author.name 
_audit_author.pdbx_ordinal 
_audit_author.identifier_ORCID 
'Talon, R.'        1  ? 
'Krojer, T.'       2  ? 
'Fairhead, M.'     3  ? 
'Sethi, R.'        4  ? 
'Bradley, A.R.'    5  ? 
'Aimon, A.'        6  ? 
'Collins, P.'      7  ? 
'Brandao-Neto, J.' 8  ? 
'Douangamath, A.'  9  ? 
'Wright, N.'       10 ? 
'MacLean, E.'      11 ? 
'Renjie, Z.'       12 ? 
'Dias, A.'         13 ? 
'Brennan, P.E.'    14 ? 
'Bountra, C.'      15 ? 
'Arrowsmith, C.H.' 16 ? 
'Edwards, A.'      17 ? 
'von Delft, F.'    18 ? 
# 
_citation.id                        primary 
_citation.title                     'PanDDA analysis group deposition' 
_citation.journal_abbrev            'To Be Published' 
_citation.journal_volume            ? 
_citation.page_first                ? 
_citation.page_last                 ? 
_citation.year                      ? 
_citation.journal_id_ASTM           ? 
_citation.country                   ? 
_citation.journal_id_ISSN           ? 
_citation.journal_id_CSD            0353 
_citation.book_publisher            ? 
_citation.pdbx_database_id_PubMed   ? 
_citation.pdbx_database_id_DOI      ? 
# 
loop_
_citation_author.citation_id 
_citation_author.name 
_citation_author.identifier_ORCID 
_citation_author.ordinal 
primary 'Talon, R.'        ? 1  
primary 'Krojer, T.'       ? 2  
primary 'Fairhead, M.'     ? 3  
primary 'Sethi, R.'        ? 4  
primary 'Bradley, A.R.'    ? 5  
primary 'Aimon, A.'        ? 6  
primary 'Collins, P.'      ? 7  
primary 'Brandao-Neto, J.' ? 8  
primary 'Douangamath, A.'  ? 9  
primary 'Wright, N.'       ? 10 
primary 'MacLean, E.'      ? 11 
primary 'Renjie, Z.'       ? 12 
primary 'Dias, A.'         ? 13 
primary 'Brennan, P.E.'    ? 14 
primary 'Bountra, C.'      ? 15 
primary 'Arrowsmith, C.H.' ? 16 
primary 'Edwards, A.'      ? 17 
primary 'von Delft, F.'    ? 18 
# 
loop_
_entity.id 
_entity.type 
_entity.src_method 
_entity.pdbx_description 
_entity.formula_weight 
_entity.pdbx_number_of_molecules 
_entity.pdbx_ec 
_entity.pdbx_mutation 
_entity.pdbx_fragment 
_entity.details 
1 polymer     man 'Nucleosome-remodeling factor subunit BPTF'      14455.415 1   ? ? ? ? 
2 non-polymer syn 'DIMETHYL SULFOXIDE'                             78.133    1   ? ? ? ? 
3 non-polymer syn '4-(1,2,3-thiadiazol-4-yl)phenyl ethylcarbamate' 249.289   1   ? ? ? ? 
4 water       nat water                                            18.015    156 ? ? ? ? 
# 
_entity_name_com.entity_id   1 
_entity_name_com.name        
'Bromodomain and PHD finger-containing transcription factor,Fetal Alz-50 clone 1 protein,Fetal Alzheimer antigen' 
# 
_entity_poly.entity_id                      1 
_entity_poly.type                           'polypeptide(L)' 
_entity_poly.nstd_linkage                   no 
_entity_poly.nstd_monomer                   no 
_entity_poly.pdbx_seq_one_letter_code       
;SMSTEDAMTVLTPLTEKDYEGLKRVLRSLQAHKMAWPFLEPVDPNDAPDYYGVIKEPMDLATMEERVQRRYYEKLTEFVA
DMTKIFDNCRYYNPSDSPFYQCAEVLESFFVQKLKGFKASRSH
;
_entity_poly.pdbx_seq_one_letter_code_can   
;SMSTEDAMTVLTPLTEKDYEGLKRVLRSLQAHKMAWPFLEPVDPNDAPDYYGVIKEPMDLATMEERVQRRYYEKLTEFVA
DMTKIFDNCRYYNPSDSPFYQCAEVLESFFVQKLKGFKASRSH
;
_entity_poly.pdbx_strand_id                 A 
_entity_poly.pdbx_target_identifier         ? 
# 
loop_
_pdbx_entity_nonpoly.entity_id 
_pdbx_entity_nonpoly.name 
_pdbx_entity_nonpoly.comp_id 
2 'DIMETHYL SULFOXIDE'                             DMS 
3 '4-(1,2,3-thiadiazol-4-yl)phenyl ethylcarbamate' RU4 
4 water                                            HOH 
# 
loop_
_entity_poly_seq.entity_id 
_entity_poly_seq.num 
_entity_poly_seq.mon_id 
_entity_poly_seq.hetero 
1 1   SER n 
1 2   MET n 
1 3   SER n 
1 4   THR n 
1 5   GLU n 
1 6   ASP n 
1 7   ALA n 
1 8   MET n 
1 9   THR n 
1 10  VAL n 
1 11  LEU n 
1 12  THR n 
1 13  PRO n 
1 14  LEU n 
1 15  THR n 
1 16  GLU n 
1 17  LYS n 
1 18  ASP n 
1 19  TYR n 
1 20  GLU n 
1 21  GLY n 
1 22  LEU n 
1 23  LYS n 
1 24  ARG n 
1 25  VAL n 
1 26  LEU n 
1 27  ARG n 
1 28  SER n 
1 29  LEU n 
1 30  GLN n 
1 31  ALA n 
1 32  HIS n 
1 33  LYS n 
1 34  MET n 
1 35  ALA n 
1 36  TRP n 
1 37  PRO n 
1 38  PHE n 
1 39  LEU n 
1 40  GLU n 
1 41  PRO n 
1 42  VAL n 
1 43  ASP n 
1 44  PRO n 
1 45  ASN n 
1 46  ASP n 
1 47  ALA n 
1 48  PRO n 
1 49  ASP n 
1 50  TYR n 
1 51  TYR n 
1 52  GLY n 
1 53  VAL n 
1 54  ILE n 
1 55  LYS n 
1 56  GLU n 
1 57  PRO n 
1 58  MET n 
1 59  ASP n 
1 60  LEU n 
1 61  ALA n 
1 62  THR n 
1 63  MET n 
1 64  GLU n 
1 65  GLU n 
1 66  ARG n 
1 67  VAL n 
1 68  GLN n 
1 69  ARG n 
1 70  ARG n 
1 71  TYR n 
1 72  TYR n 
1 73  GLU n 
1 74  LYS n 
1 75  LEU n 
1 76  THR n 
1 77  GLU n 
1 78  PHE n 
1 79  VAL n 
1 80  ALA n 
1 81  ASP n 
1 82  MET n 
1 83  THR n 
1 84  LYS n 
1 85  ILE n 
1 86  PHE n 
1 87  ASP n 
1 88  ASN n 
1 89  CYS n 
1 90  ARG n 
1 91  TYR n 
1 92  TYR n 
1 93  ASN n 
1 94  PRO n 
1 95  SER n 
1 96  ASP n 
1 97  SER n 
1 98  PRO n 
1 99  PHE n 
1 100 TYR n 
1 101 GLN n 
1 102 CYS n 
1 103 ALA n 
1 104 GLU n 
1 105 VAL n 
1 106 LEU n 
1 107 GLU n 
1 108 SER n 
1 109 PHE n 
1 110 PHE n 
1 111 VAL n 
1 112 GLN n 
1 113 LYS n 
1 114 LEU n 
1 115 LYS n 
1 116 GLY n 
1 117 PHE n 
1 118 LYS n 
1 119 ALA n 
1 120 SER n 
1 121 ARG n 
1 122 SER n 
1 123 HIS n 
# 
_entity_src_gen.entity_id                          1 
_entity_src_gen.pdbx_src_id                        1 
_entity_src_gen.pdbx_alt_source_flag               sample 
_entity_src_gen.pdbx_seq_type                      'Biological sequence' 
_entity_src_gen.pdbx_beg_seq_num                   1 
_entity_src_gen.pdbx_end_seq_num                   123 
_entity_src_gen.gene_src_common_name               Human 
_entity_src_gen.gene_src_genus                     ? 
_entity_src_gen.pdbx_gene_src_gene                 'BPTF, FAC1, FALZ' 
_entity_src_gen.gene_src_species                   ? 
_entity_src_gen.gene_src_strain                    ? 
_entity_src_gen.gene_src_tissue                    ? 
_entity_src_gen.gene_src_tissue_fraction           ? 
_entity_src_gen.gene_src_details                   ? 
_entity_src_gen.pdbx_gene_src_fragment             ? 
_entity_src_gen.pdbx_gene_src_scientific_name      'Homo sapiens' 
_entity_src_gen.pdbx_gene_src_ncbi_taxonomy_id     9606 
_entity_src_gen.pdbx_gene_src_variant              ? 
_entity_src_gen.pdbx_gene_src_cell_line            ? 
_entity_src_gen.pdbx_gene_src_atcc                 ? 
_entity_src_gen.pdbx_gene_src_organ                ? 
_entity_src_gen.pdbx_gene_src_organelle            ? 
_entity_src_gen.pdbx_gene_src_cell                 ? 
_entity_src_gen.pdbx_gene_src_cellular_location    ? 
_entity_src_gen.host_org_common_name               ? 
_entity_src_gen.pdbx_host_org_scientific_name      'Escherichia coli' 
_entity_src_gen.pdbx_host_org_ncbi_taxonomy_id     562 
_entity_src_gen.host_org_genus                     ? 
_entity_src_gen.pdbx_host_org_gene                 ? 
_entity_src_gen.pdbx_host_org_organ                ? 
_entity_src_gen.host_org_species                   ? 
_entity_src_gen.pdbx_host_org_tissue               ? 
_entity_src_gen.pdbx_host_org_tissue_fraction      ? 
_entity_src_gen.pdbx_host_org_strain               ? 
_entity_src_gen.pdbx_host_org_variant              ? 
_entity_src_gen.pdbx_host_org_cell_line            ? 
_entity_src_gen.pdbx_host_org_atcc                 ? 
_entity_src_gen.pdbx_host_org_culture_collection   ? 
_entity_src_gen.pdbx_host_org_cell                 ? 
_entity_src_gen.pdbx_host_org_organelle            ? 
_entity_src_gen.pdbx_host_org_cellular_location    ? 
_entity_src_gen.pdbx_host_org_vector_type          ? 
_entity_src_gen.pdbx_host_org_vector               ? 
_entity_src_gen.host_org_details                   ? 
_entity_src_gen.expression_system_id               ? 
_entity_src_gen.plasmid_name                       ? 
_entity_src_gen.plasmid_details                    ? 
_entity_src_gen.pdbx_description                   ? 
# 
loop_
_chem_comp.id 
_chem_comp.type 
_chem_comp.mon_nstd_flag 
_chem_comp.name 
_chem_comp.pdbx_synonyms 
_chem_comp.formula 
_chem_comp.formula_weight 
ALA 'L-peptide linking' y ALANINE                                          ? 'C3 H7 N O2'      89.093  
ARG 'L-peptide linking' y ARGININE                                         ? 'C6 H15 N4 O2 1'  175.209 
ASN 'L-peptide linking' y ASPARAGINE                                       ? 'C4 H8 N2 O3'     132.118 
ASP 'L-peptide linking' y 'ASPARTIC ACID'                                  ? 'C4 H7 N O4'      133.103 
CYS 'L-peptide linking' y CYSTEINE                                         ? 'C3 H7 N O2 S'    121.158 
DMS non-polymer         . 'DIMETHYL SULFOXIDE'                             ? 'C2 H6 O S'       78.133  
GLN 'L-peptide linking' y GLUTAMINE                                        ? 'C5 H10 N2 O3'    146.144 
GLU 'L-peptide linking' y 'GLUTAMIC ACID'                                  ? 'C5 H9 N O4'      147.129 
GLY 'peptide linking'   y GLYCINE                                          ? 'C2 H5 N O2'      75.067  
HIS 'L-peptide linking' y HISTIDINE                                        ? 'C6 H10 N3 O2 1'  156.162 
HOH non-polymer         . WATER                                            ? 'H2 O'            18.015  
ILE 'L-peptide linking' y ISOLEUCINE                                       ? 'C6 H13 N O2'     131.173 
LEU 'L-peptide linking' y LEUCINE                                          ? 'C6 H13 N O2'     131.173 
LYS 'L-peptide linking' y LYSINE                                           ? 'C6 H15 N2 O2 1'  147.195 
MET 'L-peptide linking' y METHIONINE                                       ? 'C5 H11 N O2 S'   149.211 
PHE 'L-peptide linking' y PHENYLALANINE                                    ? 'C9 H11 N O2'     165.189 
PRO 'L-peptide linking' y PROLINE                                          ? 'C5 H9 N O2'      115.130 
RU4 non-polymer         . '4-(1,2,3-thiadiazol-4-yl)phenyl ethylcarbamate' ? 'C11 H11 N3 O2 S' 249.289 
SER 'L-peptide linking' y SERINE                                           ? 'C3 H7 N O3'      105.093 
THR 'L-peptide linking' y THREONINE                                        ? 'C4 H9 N O3'      119.119 
TRP 'L-peptide linking' y TRYPTOPHAN                                       ? 'C11 H12 N2 O2'   204.225 
TYR 'L-peptide linking' y TYROSINE                                         ? 'C9 H11 N O3'     181.189 
VAL 'L-peptide linking' y VALINE                                           ? 'C5 H11 N O2'     117.146 
# 
loop_
_pdbx_poly_seq_scheme.asym_id 
_pdbx_poly_seq_scheme.entity_id 
_pdbx_poly_seq_scheme.seq_id 
_pdbx_poly_seq_scheme.mon_id 
_pdbx_poly_seq_scheme.ndb_seq_num 
_pdbx_poly_seq_scheme.pdb_seq_num 
_pdbx_poly_seq_scheme.auth_seq_num 
_pdbx_poly_seq_scheme.pdb_mon_id 
_pdbx_poly_seq_scheme.auth_mon_id 
_pdbx_poly_seq_scheme.pdb_strand_id 
_pdbx_poly_seq_scheme.pdb_ins_code 
_pdbx_poly_seq_scheme.hetero 
A 1 1   SER 1   2789 ?    ?   ?   A . n 
A 1 2   MET 2   2790 ?    ?   ?   A . n 
A 1 3   SER 3   2791 ?    ?   ?   A . n 
A 1 4   THR 4   2792 ?    ?   ?   A . n 
A 1 5   GLU 5   2793 2793 GLU GLU A . n 
A 1 6   ASP 6   2794 2794 ASP ASP A . n 
A 1 7   ALA 7   2795 2795 ALA ALA A . n 
A 1 8   MET 8   2796 2796 MET MET A . n 
A 1 9   THR 9   2797 2797 THR THR A . n 
A 1 10  VAL 10  2798 2798 VAL VAL A . n 
A 1 11  LEU 11  2799 2799 LEU LEU A . n 
A 1 12  THR 12  2800 2800 THR THR A . n 
A 1 13  PRO 13  2801 2801 PRO PRO A . n 
A 1 14  LEU 14  2802 2802 LEU LEU A . n 
A 1 15  THR 15  2803 2803 THR THR A . n 
A 1 16  GLU 16  2804 2804 GLU GLU A . n 
A 1 17  LYS 17  2805 2805 LYS LYS A . n 
A 1 18  ASP 18  2806 2806 ASP ASP A . n 
A 1 19  TYR 19  2807 2807 TYR TYR A . n 
A 1 20  GLU 20  2808 2808 GLU GLU A . n 
A 1 21  GLY 21  2809 2809 GLY GLY A . n 
A 1 22  LEU 22  2810 2810 LEU LEU A . n 
A 1 23  LYS 23  2811 2811 LYS LYS A . n 
A 1 24  ARG 24  2812 2812 ARG ARG A . n 
A 1 25  VAL 25  2813 2813 VAL VAL A . n 
A 1 26  LEU 26  2814 2814 LEU LEU A . n 
A 1 27  ARG 27  2815 2815 ARG ARG A . n 
A 1 28  SER 28  2816 2816 SER SER A . n 
A 1 29  LEU 29  2817 2817 LEU LEU A . n 
A 1 30  GLN 30  2818 2818 GLN GLN A . n 
A 1 31  ALA 31  2819 2819 ALA ALA A . n 
A 1 32  HIS 32  2820 2820 HIS HIS A . n 
A 1 33  LYS 33  2821 2821 LYS LYS A . n 
A 1 34  MET 34  2822 2822 MET MET A . n 
A 1 35  ALA 35  2823 2823 ALA ALA A . n 
A 1 36  TRP 36  2824 2824 TRP TRP A . n 
A 1 37  PRO 37  2825 2825 PRO PRO A . n 
A 1 38  PHE 38  2826 2826 PHE PHE A . n 
A 1 39  LEU 39  2827 2827 LEU LEU A . n 
A 1 40  GLU 40  2828 2828 GLU GLU A . n 
A 1 41  PRO 41  2829 2829 PRO PRO A . n 
A 1 42  VAL 42  2830 2830 VAL VAL A . n 
A 1 43  ASP 43  2831 2831 ASP ASP A . n 
A 1 44  PRO 44  2832 2832 PRO PRO A . n 
A 1 45  ASN 45  2833 2833 ASN ASN A . n 
A 1 46  ASP 46  2834 2834 ASP ASP A . n 
A 1 47  ALA 47  2835 2835 ALA ALA A . n 
A 1 48  PRO 48  2836 2836 PRO PRO A . n 
A 1 49  ASP 49  2837 2837 ASP ASP A . n 
A 1 50  TYR 50  2838 2838 TYR TYR A . n 
A 1 51  TYR 51  2839 2839 TYR TYR A . n 
A 1 52  GLY 52  2840 2840 GLY GLY A . n 
A 1 53  VAL 53  2841 2841 VAL VAL A . n 
A 1 54  ILE 54  2842 2842 ILE ILE A . n 
A 1 55  LYS 55  2843 2843 LYS LYS A . n 
A 1 56  GLU 56  2844 2844 GLU GLU A . n 
A 1 57  PRO 57  2845 2845 PRO PRO A . n 
A 1 58  MET 58  2846 2846 MET MET A . n 
A 1 59  ASP 59  2847 2847 ASP ASP A . n 
A 1 60  LEU 60  2848 2848 LEU LEU A . n 
A 1 61  ALA 61  2849 2849 ALA ALA A . n 
A 1 62  THR 62  2850 2850 THR THR A . n 
A 1 63  MET 63  2851 2851 MET MET A . n 
A 1 64  GLU 64  2852 2852 GLU GLU A . n 
A 1 65  GLU 65  2853 2853 GLU GLU A . n 
A 1 66  ARG 66  2854 2854 ARG ARG A . n 
A 1 67  VAL 67  2855 2855 VAL VAL A . n 
A 1 68  GLN 68  2856 2856 GLN GLN A . n 
A 1 69  ARG 69  2857 2857 ARG ARG A . n 
A 1 70  ARG 70  2858 2858 ARG ARG A . n 
A 1 71  TYR 71  2859 2859 TYR TYR A . n 
A 1 72  TYR 72  2860 2860 TYR TYR A . n 
A 1 73  GLU 73  2861 2861 GLU GLU A . n 
A 1 74  LYS 74  2862 2862 LYS LYS A . n 
A 1 75  LEU 75  2863 2863 LEU LEU A . n 
A 1 76  THR 76  2864 2864 THR THR A . n 
A 1 77  GLU 77  2865 2865 GLU GLU A . n 
A 1 78  PHE 78  2866 2866 PHE PHE A . n 
A 1 79  VAL 79  2867 2867 VAL VAL A . n 
A 1 80  ALA 80  2868 2868 ALA ALA A . n 
A 1 81  ASP 81  2869 2869 ASP ASP A . n 
A 1 82  MET 82  2870 2870 MET MET A . n 
A 1 83  THR 83  2871 2871 THR THR A . n 
A 1 84  LYS 84  2872 2872 LYS LYS A . n 
A 1 85  ILE 85  2873 2873 ILE ILE A . n 
A 1 86  PHE 86  2874 2874 PHE PHE A . n 
A 1 87  ASP 87  2875 2875 ASP ASP A . n 
A 1 88  ASN 88  2876 2876 ASN ASN A . n 
A 1 89  CYS 89  2877 2877 CYS CYS A . n 
A 1 90  ARG 90  2878 2878 ARG ARG A . n 
A 1 91  TYR 91  2879 2879 TYR TYR A . n 
A 1 92  TYR 92  2880 2880 TYR TYR A . n 
A 1 93  ASN 93  2881 2881 ASN ASN A . n 
A 1 94  PRO 94  2882 2882 PRO PRO A . n 
A 1 95  SER 95  2883 2883 SER SER A . n 
A 1 96  ASP 96  2884 2884 ASP ASP A . n 
A 1 97  SER 97  2885 2885 SER SER A . n 
A 1 98  PRO 98  2886 2886 PRO PRO A . n 
A 1 99  PHE 99  2887 2887 PHE PHE A . n 
A 1 100 TYR 100 2888 2888 TYR TYR A . n 
A 1 101 GLN 101 2889 2889 GLN GLN A . n 
A 1 102 CYS 102 2890 2890 CYS CYS A . n 
A 1 103 ALA 103 2891 2891 ALA ALA A . n 
A 1 104 GLU 104 2892 2892 GLU GLU A . n 
A 1 105 VAL 105 2893 2893 VAL VAL A . n 
A 1 106 LEU 106 2894 2894 LEU LEU A . n 
A 1 107 GLU 107 2895 2895 GLU GLU A . n 
A 1 108 SER 108 2896 2896 SER SER A . n 
A 1 109 PHE 109 2897 2897 PHE PHE A . n 
A 1 110 PHE 110 2898 2898 PHE PHE A . n 
A 1 111 VAL 111 2899 2899 VAL VAL A . n 
A 1 112 GLN 112 2900 2900 GLN GLN A . n 
A 1 113 LYS 113 2901 2901 LYS LYS A . n 
A 1 114 LEU 114 2902 2902 LEU LEU A . n 
A 1 115 LYS 115 2903 2903 LYS LYS A . n 
A 1 116 GLY 116 2904 2904 GLY GLY A . n 
A 1 117 PHE 117 2905 2905 PHE PHE A . n 
A 1 118 LYS 118 2906 2906 LYS LYS A . n 
A 1 119 ALA 119 2907 2907 ALA ALA A . n 
A 1 120 SER 120 2908 2908 SER SER A . n 
A 1 121 ARG 121 2909 2909 ARG ARG A . n 
A 1 122 SER 122 2910 2910 SER SER A . n 
A 1 123 HIS 123 2911 2911 HIS HIS A . n 
# 
loop_
_pdbx_nonpoly_scheme.asym_id 
_pdbx_nonpoly_scheme.entity_id 
_pdbx_nonpoly_scheme.mon_id 
_pdbx_nonpoly_scheme.ndb_seq_num 
_pdbx_nonpoly_scheme.pdb_seq_num 
_pdbx_nonpoly_scheme.auth_seq_num 
_pdbx_nonpoly_scheme.pdb_mon_id 
_pdbx_nonpoly_scheme.auth_mon_id 
_pdbx_nonpoly_scheme.pdb_strand_id 
_pdbx_nonpoly_scheme.pdb_ins_code 
B 2 DMS 1   3001 2   DMS DMS A . 
C 3 RU4 1   3002 1   RU4 LIG A . 
D 4 HOH 1   3101 147 HOH HOH A . 
D 4 HOH 2   3102 21  HOH HOH A . 
D 4 HOH 3   3103 101 HOH HOH A . 
D 4 HOH 4   3104 23  HOH HOH A . 
D 4 HOH 5   3105 1   HOH HOH A . 
D 4 HOH 6   3106 91  HOH HOH A . 
D 4 HOH 7   3107 166 HOH HOH A . 
D 4 HOH 8   3108 128 HOH HOH A . 
D 4 HOH 9   3109 53  HOH HOH A . 
D 4 HOH 10  3110 33  HOH HOH A . 
D 4 HOH 11  3111 98  HOH HOH A . 
D 4 HOH 12  3112 122 HOH HOH A . 
D 4 HOH 13  3113 115 HOH HOH A . 
D 4 HOH 14  3114 153 HOH HOH A . 
D 4 HOH 15  3115 141 HOH HOH A . 
D 4 HOH 16  3116 92  HOH HOH A . 
D 4 HOH 17  3117 61  HOH HOH A . 
D 4 HOH 18  3118 77  HOH HOH A . 
D 4 HOH 19  3119 44  HOH HOH A . 
D 4 HOH 20  3120 103 HOH HOH A . 
D 4 HOH 21  3121 71  HOH HOH A . 
D 4 HOH 22  3122 80  HOH HOH A . 
D 4 HOH 23  3123 162 HOH HOH A . 
D 4 HOH 24  3124 157 HOH HOH A . 
D 4 HOH 25  3125 34  HOH HOH A . 
D 4 HOH 26  3126 37  HOH HOH A . 
D 4 HOH 27  3127 8   HOH HOH A . 
D 4 HOH 28  3128 12  HOH HOH A . 
D 4 HOH 29  3129 25  HOH HOH A . 
D 4 HOH 30  3130 163 HOH HOH A . 
D 4 HOH 31  3131 160 HOH HOH A . 
D 4 HOH 32  3132 20  HOH HOH A . 
D 4 HOH 33  3133 78  HOH HOH A . 
D 4 HOH 34  3134 151 HOH HOH A . 
D 4 HOH 35  3135 170 HOH HOH A . 
D 4 HOH 36  3136 40  HOH HOH A . 
D 4 HOH 37  3137 19  HOH HOH A . 
D 4 HOH 38  3138 59  HOH HOH A . 
D 4 HOH 39  3139 117 HOH HOH A . 
D 4 HOH 40  3140 124 HOH HOH A . 
D 4 HOH 41  3141 52  HOH HOH A . 
D 4 HOH 42  3142 145 HOH HOH A . 
D 4 HOH 43  3143 106 HOH HOH A . 
D 4 HOH 44  3144 38  HOH HOH A . 
D 4 HOH 45  3145 46  HOH HOH A . 
D 4 HOH 46  3146 83  HOH HOH A . 
D 4 HOH 47  3147 4   HOH HOH A . 
D 4 HOH 48  3148 36  HOH HOH A . 
D 4 HOH 49  3149 29  HOH HOH A . 
D 4 HOH 50  3150 116 HOH HOH A . 
D 4 HOH 51  3151 104 HOH HOH A . 
D 4 HOH 52  3152 26  HOH HOH A . 
D 4 HOH 53  3153 111 HOH HOH A . 
D 4 HOH 54  3154 68  HOH HOH A . 
D 4 HOH 55  3155 18  HOH HOH A . 
D 4 HOH 56  3156 11  HOH HOH A . 
D 4 HOH 57  3157 135 HOH HOH A . 
D 4 HOH 58  3158 94  HOH HOH A . 
D 4 HOH 59  3159 39  HOH HOH A . 
D 4 HOH 60  3160 62  HOH HOH A . 
D 4 HOH 61  3161 131 HOH HOH A . 
D 4 HOH 62  3162 118 HOH HOH A . 
D 4 HOH 63  3163 13  HOH HOH A . 
D 4 HOH 64  3164 95  HOH HOH A . 
D 4 HOH 65  3165 45  HOH HOH A . 
D 4 HOH 66  3166 54  HOH HOH A . 
D 4 HOH 67  3167 60  HOH HOH A . 
D 4 HOH 68  3168 16  HOH HOH A . 
D 4 HOH 69  3169 72  HOH HOH A . 
D 4 HOH 70  3170 48  HOH HOH A . 
D 4 HOH 71  3171 65  HOH HOH A . 
D 4 HOH 72  3172 146 HOH HOH A . 
D 4 HOH 73  3173 120 HOH HOH A . 
D 4 HOH 74  3174 50  HOH HOH A . 
D 4 HOH 75  3175 5   HOH HOH A . 
D 4 HOH 76  3176 17  HOH HOH A . 
D 4 HOH 77  3177 149 HOH HOH A . 
D 4 HOH 78  3178 24  HOH HOH A . 
D 4 HOH 79  3179 22  HOH HOH A . 
D 4 HOH 80  3180 3   HOH HOH A . 
D 4 HOH 81  3181 96  HOH HOH A . 
D 4 HOH 82  3182 144 HOH HOH A . 
D 4 HOH 83  3183 79  HOH HOH A . 
D 4 HOH 84  3184 42  HOH HOH A . 
D 4 HOH 85  3185 82  HOH HOH A . 
D 4 HOH 86  3186 9   HOH HOH A . 
D 4 HOH 87  3187 64  HOH HOH A . 
D 4 HOH 88  3188 31  HOH HOH A . 
D 4 HOH 89  3189 69  HOH HOH A . 
D 4 HOH 90  3190 6   HOH HOH A . 
D 4 HOH 91  3191 150 HOH HOH A . 
D 4 HOH 92  3192 113 HOH HOH A . 
D 4 HOH 93  3193 27  HOH HOH A . 
D 4 HOH 94  3194 51  HOH HOH A . 
D 4 HOH 95  3195 81  HOH HOH A . 
D 4 HOH 96  3196 142 HOH HOH A . 
D 4 HOH 97  3197 32  HOH HOH A . 
D 4 HOH 98  3198 15  HOH HOH A . 
D 4 HOH 99  3199 126 HOH HOH A . 
D 4 HOH 100 3200 102 HOH HOH A . 
D 4 HOH 101 3201 14  HOH HOH A . 
D 4 HOH 102 3202 112 HOH HOH A . 
D 4 HOH 103 3203 155 HOH HOH A . 
D 4 HOH 104 3204 47  HOH HOH A . 
D 4 HOH 105 3205 90  HOH HOH A . 
D 4 HOH 106 3206 7   HOH HOH A . 
D 4 HOH 107 3207 89  HOH HOH A . 
D 4 HOH 108 3208 125 HOH HOH A . 
D 4 HOH 109 3209 172 HOH HOH A . 
D 4 HOH 110 3210 134 HOH HOH A . 
D 4 HOH 111 3211 108 HOH HOH A . 
D 4 HOH 112 3212 130 HOH HOH A . 
D 4 HOH 113 3213 2   HOH HOH A . 
D 4 HOH 114 3214 148 HOH HOH A . 
D 4 HOH 115 3215 35  HOH HOH A . 
D 4 HOH 116 3216 109 HOH HOH A . 
D 4 HOH 117 3217 133 HOH HOH A . 
D 4 HOH 118 3218 173 HOH HOH A . 
D 4 HOH 119 3219 73  HOH HOH A . 
D 4 HOH 120 3220 67  HOH HOH A . 
D 4 HOH 121 3221 171 HOH HOH A . 
D 4 HOH 122 3222 49  HOH HOH A . 
D 4 HOH 123 3223 114 HOH HOH A . 
D 4 HOH 124 3224 87  HOH HOH A . 
D 4 HOH 125 3225 168 HOH HOH A . 
D 4 HOH 126 3226 30  HOH HOH A . 
D 4 HOH 127 3227 107 HOH HOH A . 
D 4 HOH 128 3228 70  HOH HOH A . 
D 4 HOH 129 3229 76  HOH HOH A . 
D 4 HOH 130 3230 57  HOH HOH A . 
D 4 HOH 131 3231 88  HOH HOH A . 
D 4 HOH 132 3232 66  HOH HOH A . 
D 4 HOH 133 3233 100 HOH HOH A . 
D 4 HOH 134 3234 165 HOH HOH A . 
D 4 HOH 135 3235 156 HOH HOH A . 
D 4 HOH 136 3236 10  HOH HOH A . 
D 4 HOH 137 3237 97  HOH HOH A . 
D 4 HOH 138 3238 129 HOH HOH A . 
D 4 HOH 139 3239 167 HOH HOH A . 
D 4 HOH 140 3240 63  HOH HOH A . 
D 4 HOH 141 3241 138 HOH HOH A . 
D 4 HOH 142 3242 43  HOH HOH A . 
D 4 HOH 143 3243 136 HOH HOH A . 
D 4 HOH 144 3244 161 HOH HOH A . 
D 4 HOH 145 3245 86  HOH HOH A . 
D 4 HOH 146 3246 75  HOH HOH A . 
D 4 HOH 147 3247 132 HOH HOH A . 
D 4 HOH 148 3248 56  HOH HOH A . 
D 4 HOH 149 3249 85  HOH HOH A . 
D 4 HOH 150 3250 169 HOH HOH A . 
D 4 HOH 151 3251 58  HOH HOH A . 
D 4 HOH 152 3252 139 HOH HOH A . 
D 4 HOH 153 3253 84  HOH HOH A . 
D 4 HOH 154 3254 152 HOH HOH A . 
D 4 HOH 155 3255 28  HOH HOH A . 
D 4 HOH 156 3256 140 HOH HOH A . 
# 
loop_
_pdbx_unobs_or_zero_occ_atoms.id 
_pdbx_unobs_or_zero_occ_atoms.PDB_model_num 
_pdbx_unobs_or_zero_occ_atoms.polymer_flag 
_pdbx_unobs_or_zero_occ_atoms.occupancy_flag 
_pdbx_unobs_or_zero_occ_atoms.auth_asym_id 
_pdbx_unobs_or_zero_occ_atoms.auth_comp_id 
_pdbx_unobs_or_zero_occ_atoms.auth_seq_id 
_pdbx_unobs_or_zero_occ_atoms.PDB_ins_code 
_pdbx_unobs_or_zero_occ_atoms.auth_atom_id 
_pdbx_unobs_or_zero_occ_atoms.label_alt_id 
_pdbx_unobs_or_zero_occ_atoms.label_asym_id 
_pdbx_unobs_or_zero_occ_atoms.label_comp_id 
_pdbx_unobs_or_zero_occ_atoms.label_seq_id 
_pdbx_unobs_or_zero_occ_atoms.label_atom_id 
1 1 Y 1 A LYS 2843 ? CD ? A LYS 55 CD 
2 1 Y 1 A LYS 2843 ? CE ? A LYS 55 CE 
3 1 Y 1 A LYS 2843 ? NZ ? A LYS 55 NZ 
# 
loop_
_software.pdbx_ordinal 
_software.name 
_software.version 
_software.date 
_software.type 
_software.contact_author 
_software.contact_author_email 
_software.classification 
_software.location 
_software.language 
_software.citation_id 
1 REFMAC      5.8.0158 ?               program 'Garib N. Murshudov' garib@ysbl.york.ac.uk    refinement        
http://www.ccp4.ac.uk/dist/html/refmac5.html        Fortran_77 ? 
2 Aimless     0.5.31   12/12/16        program 'Phil Evans'         ?                        'data scaling'    
http://www.mrc-lmb.cam.ac.uk/harry/pre/aimless.html ?          ? 
3 PDB_EXTRACT 3.23     'SEP. 23, 2016' package PDB                  deposit@deposit.rcsb.org 'data extraction' 
http://sw-tools.pdb.org/apps/PDB_EXTRACT/           C++        ? 
4 XDS         .        ?               program ?                    ?                        'data reduction'  ? ?          ? 
5 REFMAC      .        ?               program ?                    ?                        phasing           ? ?          ? 
# 
_cell.entry_id           5R4G 
_cell.length_a           112.416 
_cell.length_b           27.464 
_cell.length_c           38.423 
_cell.angle_alpha        90.000 
_cell.angle_beta         96.370 
_cell.angle_gamma        90.000 
_cell.Z_PDB              4 
_cell.pdbx_unique_axis   ? 
# 
_symmetry.entry_id                         5R4G 
_symmetry.Int_Tables_number                5 
_symmetry.space_group_name_H-M             'C 1 2 1' 
_symmetry.pdbx_full_space_group_name_H-M   ? 
_symmetry.cell_setting                     ? 
# 
_exptl.crystals_number   1 
_exptl.entry_id          5R4G 
_exptl.method            'X-RAY DIFFRACTION' 
# 
_exptl_crystal.id                    1 
_exptl_crystal.pdbx_mosaicity        0.430 
_exptl_crystal.pdbx_mosaicity_esd    ? 
_exptl_crystal.density_Matthews      2.04 
_exptl_crystal.density_diffrn        ? 
_exptl_crystal.density_meas          ? 
_exptl_crystal.density_meas_temp     ? 
_exptl_crystal.density_percent_sol   39.67 
_exptl_crystal.size_max              ? 
_exptl_crystal.size_mid              ? 
_exptl_crystal.size_min              ? 
_exptl_crystal.size_rad              ? 
_exptl_crystal.description           ? 
# 
_exptl_crystal_grow.crystal_id      1 
_exptl_crystal_grow.method          'VAPOR DIFFUSION, SITTING DROP' 
_exptl_crystal_grow.pH              8.5 
_exptl_crystal_grow.temp            293 
_exptl_crystal_grow.pdbx_details    '30% PEG4000, 0.1M Tris pH 8.5, 0.2M MgCl2' 
_exptl_crystal_grow.temp_details    ? 
_exptl_crystal_grow.pdbx_pH_range   ? 
# 
_diffrn.id                     1 
_diffrn.ambient_temp           100 
_diffrn.crystal_id             1 
_diffrn.ambient_temp_details   ? 
# 
_diffrn_detector.detector               PIXEL 
_diffrn_detector.type                   'DECTRIS PILATUS 6M' 
_diffrn_detector.pdbx_collection_date   2017-03-08 
_diffrn_detector.diffrn_id              1 
_diffrn_detector.details                ? 
# 
_diffrn_radiation.diffrn_id                        1 
_diffrn_radiation.wavelength_id                    1 
_diffrn_radiation.pdbx_diffrn_protocol             'SINGLE WAVELENGTH' 
_diffrn_radiation.pdbx_monochromatic_or_laue_m_l   ? 
_diffrn_radiation.monochromator                    ? 
_diffrn_radiation.pdbx_scattering_type             x-ray 
# 
_diffrn_radiation_wavelength.id           1 
_diffrn_radiation_wavelength.wavelength   0.92819 
_diffrn_radiation_wavelength.wt           1.0 
# 
_diffrn_source.diffrn_id                   1 
_diffrn_source.source                      SYNCHROTRON 
_diffrn_source.type                        'DIAMOND BEAMLINE I04-1' 
_diffrn_source.pdbx_wavelength_list        0.92819 
_diffrn_source.pdbx_synchrotron_site       Diamond 
_diffrn_source.pdbx_synchrotron_beamline   I04-1 
_diffrn_source.pdbx_wavelength             ? 
# 
_reflns.entry_id                     5R4G 
_reflns.pdbx_diffrn_id               1 
_reflns.pdbx_ordinal                 1 
_reflns.observed_criterion_sigma_I   ? 
_reflns.observed_criterion_sigma_F   ? 
_reflns.d_resolution_low             55.860 
_reflns.d_resolution_high            1.250 
_reflns.number_obs                   30191 
_reflns.number_all                   ? 
_reflns.percent_possible_obs         92.000 
_reflns.pdbx_Rmerge_I_obs            0.022 
_reflns.pdbx_Rsym_value              ? 
_reflns.pdbx_netI_over_sigmaI        19.600 
_reflns.B_iso_Wilson_estimate        ? 
_reflns.pdbx_redundancy              3.000 
_reflns.pdbx_Rrim_I_all              0.027 
_reflns.pdbx_Rpim_I_all              0.015 
_reflns.pdbx_CC_half                 0.999 
_reflns.pdbx_netI_over_av_sigmaI     ? 
_reflns.pdbx_number_measured_all     90554 
_reflns.pdbx_scaling_rejects         0 
_reflns.pdbx_chi_squared             ? 
_reflns.Rmerge_F_all                 ? 
_reflns.Rmerge_F_obs                 ? 
_reflns.observed_criterion_F_max     ? 
_reflns.observed_criterion_F_min     ? 
_reflns.observed_criterion_I_max     ? 
_reflns.observed_criterion_I_min     ? 
_reflns.pdbx_d_res_high_opt          ? 
_reflns.pdbx_d_res_low_opt           ? 
_reflns.details                      ? 
# 
loop_
_reflns_shell.pdbx_diffrn_id 
_reflns_shell.pdbx_ordinal 
_reflns_shell.d_res_high 
_reflns_shell.d_res_low 
_reflns_shell.number_measured_obs 
_reflns_shell.number_measured_all 
_reflns_shell.number_unique_obs 
_reflns_shell.pdbx_rejects 
_reflns_shell.Rmerge_I_obs 
_reflns_shell.meanI_over_sigI_obs 
_reflns_shell.pdbx_Rsym_value 
_reflns_shell.pdbx_chi_squared 
_reflns_shell.pdbx_redundancy 
_reflns_shell.percent_possible_obs 
_reflns_shell.pdbx_netI_over_sigmaI_obs 
_reflns_shell.number_possible 
_reflns_shell.number_unique_all 
_reflns_shell.Rmerge_F_all 
_reflns_shell.Rmerge_F_obs 
_reflns_shell.Rmerge_I_all 
_reflns_shell.meanI_over_sigI_all 
_reflns_shell.percent_possible_all 
_reflns_shell.pdbx_Rrim_I_all 
_reflns_shell.pdbx_Rpim_I_all 
_reflns_shell.pdbx_CC_half 
1 1 1.250 1.320  ? 9457 ? ? 0.291 ? ? ? 2.400 ? 2.200  ? 4023 ? ? ? ? 84.200 0.374 0.230 0.890 
1 2 3.950 55.860 ? 3251 ? ? 0.014 ? ? ? 3.100 ? 60.600 ? 1055 ? ? ? ? 95.500 0.017 0.009 0.999 
# 
_refine.entry_id                                 5R4G 
_refine.pdbx_refine_id                           'X-RAY DIFFRACTION' 
_refine.ls_d_res_high                            1.2500 
_refine.ls_d_res_low                             55.8800 
_refine.pdbx_ls_sigma_F                          0.000 
_refine.pdbx_data_cutoff_high_absF               ? 
_refine.pdbx_data_cutoff_low_absF                ? 
_refine.ls_percent_reflns_obs                    91.9700 
_refine.ls_number_reflns_obs                     28724 
_refine.ls_number_reflns_all                     ? 
_refine.pdbx_ls_cross_valid_method               THROUGHOUT 
_refine.ls_matrix_type                           ? 
_refine.pdbx_R_Free_selection_details            RANDOM 
_refine.details                                  
'HYDROGENS HAVE BEEN ADDED IN THE RIDING POSITIONS U VALUES      : REFINED INDIVIDUALLY' 
_refine.ls_R_factor_all                          ? 
_refine.ls_R_factor_obs                          0.1851 
_refine.ls_R_factor_R_work                       0.1839 
_refine.ls_wR_factor_R_work                      ? 
_refine.ls_R_factor_R_free                       0.2080 
_refine.ls_wR_factor_R_free                      ? 
_refine.ls_percent_reflns_R_free                 4.9000 
_refine.ls_number_reflns_R_free                  1467 
_refine.ls_number_reflns_R_work                  ? 
_refine.ls_R_factor_R_free_error                 ? 
_refine.B_iso_mean                               20.3420 
_refine.solvent_model_param_bsol                 ? 
_refine.solvent_model_param_ksol                 ? 
_refine.pdbx_isotropic_thermal_model             ? 
_refine.aniso_B[1][1]                            0.2400 
_refine.aniso_B[2][2]                            -0.2500 
_refine.aniso_B[3][3]                            0.1600 
_refine.aniso_B[1][2]                            0.0000 
_refine.aniso_B[1][3]                            -0.6900 
_refine.aniso_B[2][3]                            -0.0000 
_refine.correlation_coeff_Fo_to_Fc               0.9660 
_refine.correlation_coeff_Fo_to_Fc_free          0.9590 
_refine.overall_SU_R_Cruickshank_DPI             ? 
_refine.pdbx_overall_SU_R_free_Cruickshank_DPI   ? 
_refine.pdbx_overall_SU_R_Blow_DPI               ? 
_refine.pdbx_overall_SU_R_free_Blow_DPI          ? 
_refine.overall_SU_R_free                        ? 
_refine.pdbx_overall_ESU_R                       0.0610 
_refine.pdbx_overall_ESU_R_Free                  0.0610 
_refine.overall_SU_ML                            0.0410 
_refine.overall_SU_B                             0.9440 
_refine.solvent_model_details                    MASK 
_refine.pdbx_solvent_vdw_probe_radii             1.2000 
_refine.pdbx_solvent_ion_probe_radii             0.8000 
_refine.pdbx_solvent_shrinkage_radii             0.8000 
_refine.ls_number_parameters                     ? 
_refine.ls_number_restraints                     ? 
_refine.pdbx_starting_model                      3UV2 
_refine.pdbx_method_to_determine_struct          'FOURIER SYNTHESIS' 
_refine.pdbx_stereochemistry_target_values       'MAXIMUM LIKELIHOOD' 
_refine.pdbx_stereochem_target_val_spec_case     ? 
_refine.overall_FOM_work_R_set                   ? 
_refine.B_iso_max                                63.990 
_refine.B_iso_min                                8.060 
_refine.pdbx_overall_phase_error                 ? 
_refine.occupancy_max                            ? 
_refine.occupancy_min                            ? 
_refine.pdbx_diffrn_id                           1 
_refine.pdbx_TLS_residual_ADP_flag               ? 
_refine.pdbx_ls_sigma_I                          ? 
_refine.pdbx_data_cutoff_high_rms_absF           ? 
_refine.ls_R_factor_R_free_error_details         ? 
# 
_refine_hist.cycle_id                         final 
_refine_hist.pdbx_refine_id                   'X-RAY DIFFRACTION' 
_refine_hist.d_res_high                       1.2500 
_refine_hist.d_res_low                        55.8800 
_refine_hist.pdbx_number_atoms_ligand         21 
_refine_hist.number_atoms_solvent             156 
_refine_hist.number_atoms_total               1160 
_refine_hist.pdbx_number_residues_total       119 
_refine_hist.pdbx_B_iso_mean_ligand           38.75 
_refine_hist.pdbx_B_iso_mean_solvent          30.91 
_refine_hist.pdbx_number_atoms_protein        983 
_refine_hist.pdbx_number_atoms_nucleic_acid   0 
# 
loop_
_refine_ls_restr.pdbx_refine_id 
_refine_ls_restr.type 
_refine_ls_restr.number 
_refine_ls_restr.dev_ideal 
_refine_ls_restr.dev_ideal_target 
_refine_ls_restr.weight 
_refine_ls_restr.pdbx_restraint_function 
'X-RAY DIFFRACTION' r_bond_refined_d       1581 0.011  0.019  ? ? 
'X-RAY DIFFRACTION' r_bond_other_d         1220 0.001  0.020  ? ? 
'X-RAY DIFFRACTION' r_angle_refined_deg    1879 1.455  1.990  ? ? 
'X-RAY DIFFRACTION' r_angle_other_deg      2852 0.960  2.977  ? ? 
'X-RAY DIFFRACTION' r_dihedral_angle_1_deg 178  4.780  5.000  ? ? 
'X-RAY DIFFRACTION' r_dihedral_angle_2_deg 69   34.002 23.913 ? ? 
'X-RAY DIFFRACTION' r_dihedral_angle_3_deg 235  13.322 15.000 ? ? 
'X-RAY DIFFRACTION' r_dihedral_angle_4_deg 10   21.601 15.000 ? ? 
'X-RAY DIFFRACTION' r_chiral_restr         189  0.084  0.200  ? ? 
'X-RAY DIFFRACTION' r_gen_planes_refined   1642 0.007  0.021  ? ? 
'X-RAY DIFFRACTION' r_gen_planes_other     296  0.002  0.020  ? ? 
'X-RAY DIFFRACTION' r_mcbond_it            735  1.082  1.749  ? ? 
'X-RAY DIFFRACTION' r_mcbond_other         725  1.087  1.680  ? ? 
'X-RAY DIFFRACTION' r_mcangle_it           838  1.897  2.523  ? ? 
# 
_refine_ls_shell.d_res_high                       1.2480 
_refine_ls_shell.d_res_low                        1.2810 
_refine_ls_shell.pdbx_total_number_of_bins_used   20 
_refine_ls_shell.percent_reflns_obs               84.6200 
_refine_ls_shell.number_reflns_R_work             1935 
_refine_ls_shell.R_factor_all                     ? 
_refine_ls_shell.R_factor_R_work                  0.2770 
_refine_ls_shell.R_factor_R_free                  0.2520 
_refine_ls_shell.percent_reflns_R_free            ? 
_refine_ls_shell.number_reflns_R_free             90 
_refine_ls_shell.R_factor_R_free_error            ? 
_refine_ls_shell.number_reflns_all                2025 
_refine_ls_shell.number_reflns_obs                ? 
_refine_ls_shell.pdbx_refine_id                   'X-RAY DIFFRACTION' 
_refine_ls_shell.R_factor_obs                     ? 
# 
_struct.entry_id                  5R4G 
_struct.title                     
;PanDDA analysis group deposition -- CRYSTAL STRUCTURE OF THE BROMODOMAIN OF HUMAN NUCLEOSOME-REMODELING FACTOR SUBUNIT BPTF in complex with FMOPL000621a
;
_struct.pdbx_model_details        ? 
_struct.pdbx_CASP_flag            ? 
_struct.pdbx_model_type_details   ? 
# 
_struct_keywords.entry_id        5R4G 
_struct_keywords.text            
;PanDDA, SGC - Diamond I04-1 fragment screening, XChemExplorer, BROMODOMAIN, BPTF, FALZ, FAC1, BROMODOMAIN AND PHD FINGER-CONTAINING TRANSCRIPTION FACTOR, FETAL ALZ-50 CLONE 1 PROTEIN, TRANSCRIPTION
;
_struct_keywords.pdbx_keywords   TRANSCRIPTION 
# 
loop_
_struct_asym.id 
_struct_asym.pdbx_blank_PDB_chainid_flag 
_struct_asym.pdbx_modified 
_struct_asym.entity_id 
_struct_asym.details 
A N N 1 ? 
B N N 2 ? 
C N N 3 ? 
D N N 4 ? 
# 
_struct_ref.id                         1 
_struct_ref.db_name                    UNP 
_struct_ref.db_code                    BPTF_HUMAN 
_struct_ref.pdbx_db_accession          Q12830 
_struct_ref.pdbx_db_isoform            ? 
_struct_ref.entity_id                  1 
_struct_ref.pdbx_seq_one_letter_code   
;STEDAMTVLTPLTEKDYEGLKRVLRSLQAHKMAWPFLEPVDPNDAPDYYGVIKEPMDLATMEERVQRRYYEKLTEFVADM
TKIFDNCRYYNPSDSPFYQCAEVLESFFVQKLKGFKASRSH
;
_struct_ref.pdbx_align_begin           2917 
# 
_struct_ref_seq.align_id                      1 
_struct_ref_seq.ref_id                        1 
_struct_ref_seq.pdbx_PDB_id_code              5R4G 
_struct_ref_seq.pdbx_strand_id                A 
_struct_ref_seq.seq_align_beg                 3 
_struct_ref_seq.pdbx_seq_align_beg_ins_code   ? 
_struct_ref_seq.seq_align_end                 123 
_struct_ref_seq.pdbx_seq_align_end_ins_code   ? 
_struct_ref_seq.pdbx_db_accession             Q12830 
_struct_ref_seq.db_align_beg                  2917 
_struct_ref_seq.pdbx_db_align_beg_ins_code    ? 
_struct_ref_seq.db_align_end                  3037 
_struct_ref_seq.pdbx_db_align_end_ins_code    ? 
_struct_ref_seq.pdbx_auth_seq_align_beg       2791 
_struct_ref_seq.pdbx_auth_seq_align_end       2911 
# 
loop_
_struct_ref_seq_dif.align_id 
_struct_ref_seq_dif.pdbx_pdb_id_code 
_struct_ref_seq_dif.mon_id 
_struct_ref_seq_dif.pdbx_pdb_strand_id 
_struct_ref_seq_dif.seq_num 
_struct_ref_seq_dif.pdbx_pdb_ins_code 
_struct_ref_seq_dif.pdbx_seq_db_name 
_struct_ref_seq_dif.pdbx_seq_db_accession_code 
_struct_ref_seq_dif.db_mon_id 
_struct_ref_seq_dif.pdbx_seq_db_seq_num 
_struct_ref_seq_dif.details 
_struct_ref_seq_dif.pdbx_auth_seq_num 
_struct_ref_seq_dif.pdbx_ordinal 
1 5R4G SER A 1 ? UNP Q12830 ? ? 'expression tag' 2789 1 
1 5R4G MET A 2 ? UNP Q12830 ? ? 'expression tag' 2790 2 
# 
_pdbx_struct_assembly.id                   1 
_pdbx_struct_assembly.details              author_and_software_defined_assembly 
_pdbx_struct_assembly.method_details       PISA 
_pdbx_struct_assembly.oligomeric_details   monomeric 
_pdbx_struct_assembly.oligomeric_count     1 
# 
_pdbx_struct_assembly_gen.assembly_id       1 
_pdbx_struct_assembly_gen.oper_expression   1 
_pdbx_struct_assembly_gen.asym_id_list      A,B,C,D 
# 
_pdbx_struct_oper_list.id                   1 
_pdbx_struct_oper_list.type                 'identity operation' 
_pdbx_struct_oper_list.name                 1_555 
_pdbx_struct_oper_list.symmetry_operation   x,y,z 
_pdbx_struct_oper_list.matrix[1][1]         1.0000000000 
_pdbx_struct_oper_list.matrix[1][2]         0.0000000000 
_pdbx_struct_oper_list.matrix[1][3]         0.0000000000 
_pdbx_struct_oper_list.vector[1]            0.0000000000 
_pdbx_struct_oper_list.matrix[2][1]         0.0000000000 
_pdbx_struct_oper_list.matrix[2][2]         1.0000000000 
_pdbx_struct_oper_list.matrix[2][3]         0.0000000000 
_pdbx_struct_oper_list.vector[2]            0.0000000000 
_pdbx_struct_oper_list.matrix[3][1]         0.0000000000 
_pdbx_struct_oper_list.matrix[3][2]         0.0000000000 
_pdbx_struct_oper_list.matrix[3][3]         1.0000000000 
_pdbx_struct_oper_list.vector[3]            0.0000000000 
# 
loop_
_struct_conf.conf_type_id 
_struct_conf.id 
_struct_conf.pdbx_PDB_helix_id 
_struct_conf.beg_label_comp_id 
_struct_conf.beg_label_asym_id 
_struct_conf.beg_label_seq_id 
_struct_conf.pdbx_beg_PDB_ins_code 
_struct_conf.end_label_comp_id 
_struct_conf.end_label_asym_id 
_struct_conf.end_label_seq_id 
_struct_conf.pdbx_end_PDB_ins_code 
_struct_conf.beg_auth_comp_id 
_struct_conf.beg_auth_asym_id 
_struct_conf.beg_auth_seq_id 
_struct_conf.end_auth_comp_id 
_struct_conf.end_auth_asym_id 
_struct_conf.end_auth_seq_id 
_struct_conf.pdbx_PDB_helix_class 
_struct_conf.details 
_struct_conf.pdbx_PDB_helix_length 
HELX_P HELX_P1 AA1 ASP A 6  ? THR A 12  ? ASP A 2794 THR A 2800 1 ? 7  
HELX_P HELX_P2 AA2 THR A 15 ? ALA A 31  ? THR A 2803 ALA A 2819 1 ? 17 
HELX_P HELX_P3 AA3 ALA A 35 ? LEU A 39  ? ALA A 2823 LEU A 2827 5 ? 5  
HELX_P HELX_P4 AA4 ASP A 49 ? ILE A 54  ? ASP A 2837 ILE A 2842 1 ? 6  
HELX_P HELX_P5 AA5 ASP A 59 ? ARG A 69  ? ASP A 2847 ARG A 2857 1 ? 11 
HELX_P HELX_P6 AA6 LYS A 74 ? ASN A 93  ? LYS A 2862 ASN A 2881 1 ? 20 
HELX_P HELX_P7 AA7 SER A 97 ? HIS A 123 ? SER A 2885 HIS A 2911 1 ? 27 
# 
_struct_conf_type.id          HELX_P 
_struct_conf_type.criteria    ? 
_struct_conf_type.reference   ? 
# 
loop_
_struct_site.id 
_struct_site.pdbx_evidence_code 
_struct_site.pdbx_auth_asym_id 
_struct_site.pdbx_auth_comp_id 
_struct_site.pdbx_auth_seq_id 
_struct_site.pdbx_auth_ins_code 
_struct_site.pdbx_num_residues 
_struct_site.details 
AC1 Software A DMS 3001 ? 5 'binding site for residue DMS A 3001' 
AC2 Software A RU4 3002 ? 6 'binding site for residue RU4 A 3002' 
# 
loop_
_struct_site_gen.id 
_struct_site_gen.site_id 
_struct_site_gen.pdbx_num_res 
_struct_site_gen.label_comp_id 
_struct_site_gen.label_asym_id 
_struct_site_gen.label_seq_id 
_struct_site_gen.pdbx_auth_ins_code 
_struct_site_gen.auth_comp_id 
_struct_site_gen.auth_asym_id 
_struct_site_gen.auth_seq_id 
_struct_site_gen.label_atom_id 
_struct_site_gen.label_alt_id 
_struct_site_gen.symmetry 
_struct_site_gen.details 
1  AC1 5 GLN A 30 ? GLN A 2818 . ? 1_555 ? 
2  AC1 5 ALA A 31 ? ALA A 2819 . ? 1_555 ? 
3  AC1 5 HIS A 32 ? HIS A 2820 . ? 1_555 ? 
4  AC1 5 LYS A 33 ? LYS A 2821 . ? 1_555 ? 
5  AC1 5 TRP A 36 ? TRP A 2824 . ? 1_555 ? 
6  AC2 6 PRO A 37 ? PRO A 2825 . ? 1_555 ? 
7  AC2 6 PHE A 38 ? PHE A 2826 . ? 1_555 ? 
8  AC2 6 ASP A 46 ? ASP A 2834 . ? 1_555 ? 
9  AC2 6 ASN A 93 ? ASN A 2881 . ? 1_555 ? 
10 AC2 6 PHE A 99 ? PHE A 2887 . ? 1_555 ? 
11 AC2 6 HOH D .  ? HOH A 3102 . ? 1_555 ? 
# 
_phasing.method   MR 
# 
_pdbx_entry_details.entry_id                 5R4G 
_pdbx_entry_details.has_ligand_of_interest   Y 
_pdbx_entry_details.compound_details         ? 
_pdbx_entry_details.source_details           ? 
_pdbx_entry_details.nonpolymer_details       ? 
_pdbx_entry_details.sequence_details         ? 
# 
loop_
_pdbx_unobs_or_zero_occ_residues.id 
_pdbx_unobs_or_zero_occ_residues.PDB_model_num 
_pdbx_unobs_or_zero_occ_residues.polymer_flag 
_pdbx_unobs_or_zero_occ_residues.occupancy_flag 
_pdbx_unobs_or_zero_occ_residues.auth_asym_id 
_pdbx_unobs_or_zero_occ_residues.auth_comp_id 
_pdbx_unobs_or_zero_occ_residues.auth_seq_id 
_pdbx_unobs_or_zero_occ_residues.PDB_ins_code 
_pdbx_unobs_or_zero_occ_residues.label_asym_id 
_pdbx_unobs_or_zero_occ_residues.label_comp_id 
_pdbx_unobs_or_zero_occ_residues.label_seq_id 
1 1 Y 1 A SER 2789 ? A SER 1 
2 1 Y 1 A MET 2790 ? A MET 2 
3 1 Y 1 A SER 2791 ? A SER 3 
4 1 Y 1 A THR 2792 ? A THR 4 
# 
loop_
_chem_comp_atom.comp_id 
_chem_comp_atom.atom_id 
_chem_comp_atom.type_symbol 
_chem_comp_atom.pdbx_aromatic_flag 
_chem_comp_atom.pdbx_stereo_config 
_chem_comp_atom.pdbx_ordinal 
ALA N    N N N 1   
ALA CA   C N S 2   
ALA C    C N N 3   
ALA O    O N N 4   
ALA CB   C N N 5   
ALA OXT  O N N 6   
ALA H    H N N 7   
ALA H2   H N N 8   
ALA HA   H N N 9   
ALA HB1  H N N 10  
ALA HB2  H N N 11  
ALA HB3  H N N 12  
ALA HXT  H N N 13  
ARG N    N N N 14  
ARG CA   C N S 15  
ARG C    C N N 16  
ARG O    O N N 17  
ARG CB   C N N 18  
ARG CG   C N N 19  
ARG CD   C N N 20  
ARG NE   N N N 21  
ARG CZ   C N N 22  
ARG NH1  N N N 23  
ARG NH2  N N N 24  
ARG OXT  O N N 25  
ARG H    H N N 26  
ARG H2   H N N 27  
ARG HA   H N N 28  
ARG HB2  H N N 29  
ARG HB3  H N N 30  
ARG HG2  H N N 31  
ARG HG3  H N N 32  
ARG HD2  H N N 33  
ARG HD3  H N N 34  
ARG HE   H N N 35  
ARG HH11 H N N 36  
ARG HH12 H N N 37  
ARG HH21 H N N 38  
ARG HH22 H N N 39  
ARG HXT  H N N 40  
ASN N    N N N 41  
ASN CA   C N S 42  
ASN C    C N N 43  
ASN O    O N N 44  
ASN CB   C N N 45  
ASN CG   C N N 46  
ASN OD1  O N N 47  
ASN ND2  N N N 48  
ASN OXT  O N N 49  
ASN H    H N N 50  
ASN H2   H N N 51  
ASN HA   H N N 52  
ASN HB2  H N N 53  
ASN HB3  H N N 54  
ASN HD21 H N N 55  
ASN HD22 H N N 56  
ASN HXT  H N N 57  
ASP N    N N N 58  
ASP CA   C N S 59  
ASP C    C N N 60  
ASP O    O N N 61  
ASP CB   C N N 62  
ASP CG   C N N 63  
ASP OD1  O N N 64  
ASP OD2  O N N 65  
ASP OXT  O N N 66  
ASP H    H N N 67  
ASP H2   H N N 68  
ASP HA   H N N 69  
ASP HB2  H N N 70  
ASP HB3  H N N 71  
ASP HD2  H N N 72  
ASP HXT  H N N 73  
CYS N    N N N 74  
CYS CA   C N R 75  
CYS C    C N N 76  
CYS O    O N N 77  
CYS CB   C N N 78  
CYS SG   S N N 79  
CYS OXT  O N N 80  
CYS H    H N N 81  
CYS H2   H N N 82  
CYS HA   H N N 83  
CYS HB2  H N N 84  
CYS HB3  H N N 85  
CYS HG   H N N 86  
CYS HXT  H N N 87  
DMS S    S N N 88  
DMS O    O N N 89  
DMS C1   C N N 90  
DMS C2   C N N 91  
DMS H11  H N N 92  
DMS H12  H N N 93  
DMS H13  H N N 94  
DMS H21  H N N 95  
DMS H22  H N N 96  
DMS H23  H N N 97  
GLN N    N N N 98  
GLN CA   C N S 99  
GLN C    C N N 100 
GLN O    O N N 101 
GLN CB   C N N 102 
GLN CG   C N N 103 
GLN CD   C N N 104 
GLN OE1  O N N 105 
GLN NE2  N N N 106 
GLN OXT  O N N 107 
GLN H    H N N 108 
GLN H2   H N N 109 
GLN HA   H N N 110 
GLN HB2  H N N 111 
GLN HB3  H N N 112 
GLN HG2  H N N 113 
GLN HG3  H N N 114 
GLN HE21 H N N 115 
GLN HE22 H N N 116 
GLN HXT  H N N 117 
GLU N    N N N 118 
GLU CA   C N S 119 
GLU C    C N N 120 
GLU O    O N N 121 
GLU CB   C N N 122 
GLU CG   C N N 123 
GLU CD   C N N 124 
GLU OE1  O N N 125 
GLU OE2  O N N 126 
GLU OXT  O N N 127 
GLU H    H N N 128 
GLU H2   H N N 129 
GLU HA   H N N 130 
GLU HB2  H N N 131 
GLU HB3  H N N 132 
GLU HG2  H N N 133 
GLU HG3  H N N 134 
GLU HE2  H N N 135 
GLU HXT  H N N 136 
GLY N    N N N 137 
GLY CA   C N N 138 
GLY C    C N N 139 
GLY O    O N N 140 
GLY OXT  O N N 141 
GLY H    H N N 142 
GLY H2   H N N 143 
GLY HA2  H N N 144 
GLY HA3  H N N 145 
GLY HXT  H N N 146 
HIS N    N N N 147 
HIS CA   C N S 148 
HIS C    C N N 149 
HIS O    O N N 150 
HIS CB   C N N 151 
HIS CG   C Y N 152 
HIS ND1  N Y N 153 
HIS CD2  C Y N 154 
HIS CE1  C Y N 155 
HIS NE2  N Y N 156 
HIS OXT  O N N 157 
HIS H    H N N 158 
HIS H2   H N N 159 
HIS HA   H N N 160 
HIS HB2  H N N 161 
HIS HB3  H N N 162 
HIS HD1  H N N 163 
HIS HD2  H N N 164 
HIS HE1  H N N 165 
HIS HE2  H N N 166 
HIS HXT  H N N 167 
HOH O    O N N 168 
HOH H1   H N N 169 
HOH H2   H N N 170 
ILE N    N N N 171 
ILE CA   C N S 172 
ILE C    C N N 173 
ILE O    O N N 174 
ILE CB   C N S 175 
ILE CG1  C N N 176 
ILE CG2  C N N 177 
ILE CD1  C N N 178 
ILE OXT  O N N 179 
ILE H    H N N 180 
ILE H2   H N N 181 
ILE HA   H N N 182 
ILE HB   H N N 183 
ILE HG12 H N N 184 
ILE HG13 H N N 185 
ILE HG21 H N N 186 
ILE HG22 H N N 187 
ILE HG23 H N N 188 
ILE HD11 H N N 189 
ILE HD12 H N N 190 
ILE HD13 H N N 191 
ILE HXT  H N N 192 
LEU N    N N N 193 
LEU CA   C N S 194 
LEU C    C N N 195 
LEU O    O N N 196 
LEU CB   C N N 197 
LEU CG   C N N 198 
LEU CD1  C N N 199 
LEU CD2  C N N 200 
LEU OXT  O N N 201 
LEU H    H N N 202 
LEU H2   H N N 203 
LEU HA   H N N 204 
LEU HB2  H N N 205 
LEU HB3  H N N 206 
LEU HG   H N N 207 
LEU HD11 H N N 208 
LEU HD12 H N N 209 
LEU HD13 H N N 210 
LEU HD21 H N N 211 
LEU HD22 H N N 212 
LEU HD23 H N N 213 
LEU HXT  H N N 214 
LYS N    N N N 215 
LYS CA   C N S 216 
LYS C    C N N 217 
LYS O    O N N 218 
LYS CB   C N N 219 
LYS CG   C N N 220 
LYS CD   C N N 221 
LYS CE   C N N 222 
LYS NZ   N N N 223 
LYS OXT  O N N 224 
LYS H    H N N 225 
LYS H2   H N N 226 
LYS HA   H N N 227 
LYS HB2  H N N 228 
LYS HB3  H N N 229 
LYS HG2  H N N 230 
LYS HG3  H N N 231 
LYS HD2  H N N 232 
LYS HD3  H N N 233 
LYS HE2  H N N 234 
LYS HE3  H N N 235 
LYS HZ1  H N N 236 
LYS HZ2  H N N 237 
LYS HZ3  H N N 238 
LYS HXT  H N N 239 
MET N    N N N 240 
MET CA   C N S 241 
MET C    C N N 242 
MET O    O N N 243 
MET CB   C N N 244 
MET CG   C N N 245 
MET SD   S N N 246 
MET CE   C N N 247 
MET OXT  O N N 248 
MET H    H N N 249 
MET H2   H N N 250 
MET HA   H N N 251 
MET HB2  H N N 252 
MET HB3  H N N 253 
MET HG2  H N N 254 
MET HG3  H N N 255 
MET HE1  H N N 256 
MET HE2  H N N 257 
MET HE3  H N N 258 
MET HXT  H N N 259 
PHE N    N N N 260 
PHE CA   C N S 261 
PHE C    C N N 262 
PHE O    O N N 263 
PHE CB   C N N 264 
PHE CG   C Y N 265 
PHE CD1  C Y N 266 
PHE CD2  C Y N 267 
PHE CE1  C Y N 268 
PHE CE2  C Y N 269 
PHE CZ   C Y N 270 
PHE OXT  O N N 271 
PHE H    H N N 272 
PHE H2   H N N 273 
PHE HA   H N N 274 
PHE HB2  H N N 275 
PHE HB3  H N N 276 
PHE HD1  H N N 277 
PHE HD2  H N N 278 
PHE HE1  H N N 279 
PHE HE2  H N N 280 
PHE HZ   H N N 281 
PHE HXT  H N N 282 
PRO N    N N N 283 
PRO CA   C N S 284 
PRO C    C N N 285 
PRO O    O N N 286 
PRO CB   C N N 287 
PRO CG   C N N 288 
PRO CD   C N N 289 
PRO OXT  O N N 290 
PRO H    H N N 291 
PRO HA   H N N 292 
PRO HB2  H N N 293 
PRO HB3  H N N 294 
PRO HG2  H N N 295 
PRO HG3  H N N 296 
PRO HD2  H N N 297 
PRO HD3  H N N 298 
PRO HXT  H N N 299 
RU4 N1   N N N 300 
RU4 N3   N Y N 301 
RU4 C4   C Y N 302 
RU4 C5   C Y N 303 
RU4 C6   C Y N 304 
RU4 C7   C Y N 305 
RU4 C8   C Y N 306 
RU4 C10  C Y N 307 
RU4 C1   C N N 308 
RU4 C11  C Y N 309 
RU4 C2   C N N 310 
RU4 C3   C N N 311 
RU4 C9   C Y N 312 
RU4 N2   N Y N 313 
RU4 O1   O N N 314 
RU4 O2   O N N 315 
RU4 S1   S Y N 316 
RU4 H1   H N N 317 
RU4 H3   H N N 318 
RU4 H4   H N N 319 
RU4 H5   H N N 320 
RU4 H7   H N N 321 
RU4 H8   H N N 322 
RU4 H9   H N N 323 
RU4 H10  H N N 324 
RU4 H12  H N N 325 
RU4 H13  H N N 326 
RU4 H14  H N N 327 
SER N    N N N 328 
SER CA   C N S 329 
SER C    C N N 330 
SER O    O N N 331 
SER CB   C N N 332 
SER OG   O N N 333 
SER OXT  O N N 334 
SER H    H N N 335 
SER H2   H N N 336 
SER HA   H N N 337 
SER HB2  H N N 338 
SER HB3  H N N 339 
SER HG   H N N 340 
SER HXT  H N N 341 
THR N    N N N 342 
THR CA   C N S 343 
THR C    C N N 344 
THR O    O N N 345 
THR CB   C N R 346 
THR OG1  O N N 347 
THR CG2  C N N 348 
THR OXT  O N N 349 
THR H    H N N 350 
THR H2   H N N 351 
THR HA   H N N 352 
THR HB   H N N 353 
THR HG1  H N N 354 
THR HG21 H N N 355 
THR HG22 H N N 356 
THR HG23 H N N 357 
THR HXT  H N N 358 
TRP N    N N N 359 
TRP CA   C N S 360 
TRP C    C N N 361 
TRP O    O N N 362 
TRP CB   C N N 363 
TRP CG   C Y N 364 
TRP CD1  C Y N 365 
TRP CD2  C Y N 366 
TRP NE1  N Y N 367 
TRP CE2  C Y N 368 
TRP CE3  C Y N 369 
TRP CZ2  C Y N 370 
TRP CZ3  C Y N 371 
TRP CH2  C Y N 372 
TRP OXT  O N N 373 
TRP H    H N N 374 
TRP H2   H N N 375 
TRP HA   H N N 376 
TRP HB2  H N N 377 
TRP HB3  H N N 378 
TRP HD1  H N N 379 
TRP HE1  H N N 380 
TRP HE3  H N N 381 
TRP HZ2  H N N 382 
TRP HZ3  H N N 383 
TRP HH2  H N N 384 
TRP HXT  H N N 385 
TYR N    N N N 386 
TYR CA   C N S 387 
TYR C    C N N 388 
TYR O    O N N 389 
TYR CB   C N N 390 
TYR CG   C Y N 391 
TYR CD1  C Y N 392 
TYR CD2  C Y N 393 
TYR CE1  C Y N 394 
TYR CE2  C Y N 395 
TYR CZ   C Y N 396 
TYR OH   O N N 397 
TYR OXT  O N N 398 
TYR H    H N N 399 
TYR H2   H N N 400 
TYR HA   H N N 401 
TYR HB2  H N N 402 
TYR HB3  H N N 403 
TYR HD1  H N N 404 
TYR HD2  H N N 405 
TYR HE1  H N N 406 
TYR HE2  H N N 407 
TYR HH   H N N 408 
TYR HXT  H N N 409 
VAL N    N N N 410 
VAL CA   C N S 411 
VAL C    C N N 412 
VAL O    O N N 413 
VAL CB   C N N 414 
VAL CG1  C N N 415 
VAL CG2  C N N 416 
VAL OXT  O N N 417 
VAL H    H N N 418 
VAL H2   H N N 419 
VAL HA   H N N 420 
VAL HB   H N N 421 
VAL HG11 H N N 422 
VAL HG12 H N N 423 
VAL HG13 H N N 424 
VAL HG21 H N N 425 
VAL HG22 H N N 426 
VAL HG23 H N N 427 
VAL HXT  H N N 428 
# 
loop_
_chem_comp_bond.comp_id 
_chem_comp_bond.atom_id_1 
_chem_comp_bond.atom_id_2 
_chem_comp_bond.value_order 
_chem_comp_bond.pdbx_aromatic_flag 
_chem_comp_bond.pdbx_stereo_config 
_chem_comp_bond.pdbx_ordinal 
ALA N   CA   sing N N 1   
ALA N   H    sing N N 2   
ALA N   H2   sing N N 3   
ALA CA  C    sing N N 4   
ALA CA  CB   sing N N 5   
ALA CA  HA   sing N N 6   
ALA C   O    doub N N 7   
ALA C   OXT  sing N N 8   
ALA CB  HB1  sing N N 9   
ALA CB  HB2  sing N N 10  
ALA CB  HB3  sing N N 11  
ALA OXT HXT  sing N N 12  
ARG N   CA   sing N N 13  
ARG N   H    sing N N 14  
ARG N   H2   sing N N 15  
ARG CA  C    sing N N 16  
ARG CA  CB   sing N N 17  
ARG CA  HA   sing N N 18  
ARG C   O    doub N N 19  
ARG C   OXT  sing N N 20  
ARG CB  CG   sing N N 21  
ARG CB  HB2  sing N N 22  
ARG CB  HB3  sing N N 23  
ARG CG  CD   sing N N 24  
ARG CG  HG2  sing N N 25  
ARG CG  HG3  sing N N 26  
ARG CD  NE   sing N N 27  
ARG CD  HD2  sing N N 28  
ARG CD  HD3  sing N N 29  
ARG NE  CZ   sing N N 30  
ARG NE  HE   sing N N 31  
ARG CZ  NH1  sing N N 32  
ARG CZ  NH2  doub N N 33  
ARG NH1 HH11 sing N N 34  
ARG NH1 HH12 sing N N 35  
ARG NH2 HH21 sing N N 36  
ARG NH2 HH22 sing N N 37  
ARG OXT HXT  sing N N 38  
ASN N   CA   sing N N 39  
ASN N   H    sing N N 40  
ASN N   H2   sing N N 41  
ASN CA  C    sing N N 42  
ASN CA  CB   sing N N 43  
ASN CA  HA   sing N N 44  
ASN C   O    doub N N 45  
ASN C   OXT  sing N N 46  
ASN CB  CG   sing N N 47  
ASN CB  HB2  sing N N 48  
ASN CB  HB3  sing N N 49  
ASN CG  OD1  doub N N 50  
ASN CG  ND2  sing N N 51  
ASN ND2 HD21 sing N N 52  
ASN ND2 HD22 sing N N 53  
ASN OXT HXT  sing N N 54  
ASP N   CA   sing N N 55  
ASP N   H    sing N N 56  
ASP N   H2   sing N N 57  
ASP CA  C    sing N N 58  
ASP CA  CB   sing N N 59  
ASP CA  HA   sing N N 60  
ASP C   O    doub N N 61  
ASP C   OXT  sing N N 62  
ASP CB  CG   sing N N 63  
ASP CB  HB2  sing N N 64  
ASP CB  HB3  sing N N 65  
ASP CG  OD1  doub N N 66  
ASP CG  OD2  sing N N 67  
ASP OD2 HD2  sing N N 68  
ASP OXT HXT  sing N N 69  
CYS N   CA   sing N N 70  
CYS N   H    sing N N 71  
CYS N   H2   sing N N 72  
CYS CA  C    sing N N 73  
CYS CA  CB   sing N N 74  
CYS CA  HA   sing N N 75  
CYS C   O    doub N N 76  
CYS C   OXT  sing N N 77  
CYS CB  SG   sing N N 78  
CYS CB  HB2  sing N N 79  
CYS CB  HB3  sing N N 80  
CYS SG  HG   sing N N 81  
CYS OXT HXT  sing N N 82  
DMS S   O    doub N N 83  
DMS S   C1   sing N N 84  
DMS S   C2   sing N N 85  
DMS C1  H11  sing N N 86  
DMS C1  H12  sing N N 87  
DMS C1  H13  sing N N 88  
DMS C2  H21  sing N N 89  
DMS C2  H22  sing N N 90  
DMS C2  H23  sing N N 91  
GLN N   CA   sing N N 92  
GLN N   H    sing N N 93  
GLN N   H2   sing N N 94  
GLN CA  C    sing N N 95  
GLN CA  CB   sing N N 96  
GLN CA  HA   sing N N 97  
GLN C   O    doub N N 98  
GLN C   OXT  sing N N 99  
GLN CB  CG   sing N N 100 
GLN CB  HB2  sing N N 101 
GLN CB  HB3  sing N N 102 
GLN CG  CD   sing N N 103 
GLN CG  HG2  sing N N 104 
GLN CG  HG3  sing N N 105 
GLN CD  OE1  doub N N 106 
GLN CD  NE2  sing N N 107 
GLN NE2 HE21 sing N N 108 
GLN NE2 HE22 sing N N 109 
GLN OXT HXT  sing N N 110 
GLU N   CA   sing N N 111 
GLU N   H    sing N N 112 
GLU N   H2   sing N N 113 
GLU CA  C    sing N N 114 
GLU CA  CB   sing N N 115 
GLU CA  HA   sing N N 116 
GLU C   O    doub N N 117 
GLU C   OXT  sing N N 118 
GLU CB  CG   sing N N 119 
GLU CB  HB2  sing N N 120 
GLU CB  HB3  sing N N 121 
GLU CG  CD   sing N N 122 
GLU CG  HG2  sing N N 123 
GLU CG  HG3  sing N N 124 
GLU CD  OE1  doub N N 125 
GLU CD  OE2  sing N N 126 
GLU OE2 HE2  sing N N 127 
GLU OXT HXT  sing N N 128 
GLY N   CA   sing N N 129 
GLY N   H    sing N N 130 
GLY N   H2   sing N N 131 
GLY CA  C    sing N N 132 
GLY CA  HA2  sing N N 133 
GLY CA  HA3  sing N N 134 
GLY C   O    doub N N 135 
GLY C   OXT  sing N N 136 
GLY OXT HXT  sing N N 137 
HIS N   CA   sing N N 138 
HIS N   H    sing N N 139 
HIS N   H2   sing N N 140 
HIS CA  C    sing N N 141 
HIS CA  CB   sing N N 142 
HIS CA  HA   sing N N 143 
HIS C   O    doub N N 144 
HIS C   OXT  sing N N 145 
HIS CB  CG   sing N N 146 
HIS CB  HB2  sing N N 147 
HIS CB  HB3  sing N N 148 
HIS CG  ND1  sing Y N 149 
HIS CG  CD2  doub Y N 150 
HIS ND1 CE1  doub Y N 151 
HIS ND1 HD1  sing N N 152 
HIS CD2 NE2  sing Y N 153 
HIS CD2 HD2  sing N N 154 
HIS CE1 NE2  sing Y N 155 
HIS CE1 HE1  sing N N 156 
HIS NE2 HE2  sing N N 157 
HIS OXT HXT  sing N N 158 
HOH O   H1   sing N N 159 
HOH O   H2   sing N N 160 
ILE N   CA   sing N N 161 
ILE N   H    sing N N 162 
ILE N   H2   sing N N 163 
ILE CA  C    sing N N 164 
ILE CA  CB   sing N N 165 
ILE CA  HA   sing N N 166 
ILE C   O    doub N N 167 
ILE C   OXT  sing N N 168 
ILE CB  CG1  sing N N 169 
ILE CB  CG2  sing N N 170 
ILE CB  HB   sing N N 171 
ILE CG1 CD1  sing N N 172 
ILE CG1 HG12 sing N N 173 
ILE CG1 HG13 sing N N 174 
ILE CG2 HG21 sing N N 175 
ILE CG2 HG22 sing N N 176 
ILE CG2 HG23 sing N N 177 
ILE CD1 HD11 sing N N 178 
ILE CD1 HD12 sing N N 179 
ILE CD1 HD13 sing N N 180 
ILE OXT HXT  sing N N 181 
LEU N   CA   sing N N 182 
LEU N   H    sing N N 183 
LEU N   H2   sing N N 184 
LEU CA  C    sing N N 185 
LEU CA  CB   sing N N 186 
LEU CA  HA   sing N N 187 
LEU C   O    doub N N 188 
LEU C   OXT  sing N N 189 
LEU CB  CG   sing N N 190 
LEU CB  HB2  sing N N 191 
LEU CB  HB3  sing N N 192 
LEU CG  CD1  sing N N 193 
LEU CG  CD2  sing N N 194 
LEU CG  HG   sing N N 195 
LEU CD1 HD11 sing N N 196 
LEU CD1 HD12 sing N N 197 
LEU CD1 HD13 sing N N 198 
LEU CD2 HD21 sing N N 199 
LEU CD2 HD22 sing N N 200 
LEU CD2 HD23 sing N N 201 
LEU OXT HXT  sing N N 202 
LYS N   CA   sing N N 203 
LYS N   H    sing N N 204 
LYS N   H2   sing N N 205 
LYS CA  C    sing N N 206 
LYS CA  CB   sing N N 207 
LYS CA  HA   sing N N 208 
LYS C   O    doub N N 209 
LYS C   OXT  sing N N 210 
LYS CB  CG   sing N N 211 
LYS CB  HB2  sing N N 212 
LYS CB  HB3  sing N N 213 
LYS CG  CD   sing N N 214 
LYS CG  HG2  sing N N 215 
LYS CG  HG3  sing N N 216 
LYS CD  CE   sing N N 217 
LYS CD  HD2  sing N N 218 
LYS CD  HD3  sing N N 219 
LYS CE  NZ   sing N N 220 
LYS CE  HE2  sing N N 221 
LYS CE  HE3  sing N N 222 
LYS NZ  HZ1  sing N N 223 
LYS NZ  HZ2  sing N N 224 
LYS NZ  HZ3  sing N N 225 
LYS OXT HXT  sing N N 226 
MET N   CA   sing N N 227 
MET N   H    sing N N 228 
MET N   H2   sing N N 229 
MET CA  C    sing N N 230 
MET CA  CB   sing N N 231 
MET CA  HA   sing N N 232 
MET C   O    doub N N 233 
MET C   OXT  sing N N 234 
MET CB  CG   sing N N 235 
MET CB  HB2  sing N N 236 
MET CB  HB3  sing N N 237 
MET CG  SD   sing N N 238 
MET CG  HG2  sing N N 239 
MET CG  HG3  sing N N 240 
MET SD  CE   sing N N 241 
MET CE  HE1  sing N N 242 
MET CE  HE2  sing N N 243 
MET CE  HE3  sing N N 244 
MET OXT HXT  sing N N 245 
PHE N   CA   sing N N 246 
PHE N   H    sing N N 247 
PHE N   H2   sing N N 248 
PHE CA  C    sing N N 249 
PHE CA  CB   sing N N 250 
PHE CA  HA   sing N N 251 
PHE C   O    doub N N 252 
PHE C   OXT  sing N N 253 
PHE CB  CG   sing N N 254 
PHE CB  HB2  sing N N 255 
PHE CB  HB3  sing N N 256 
PHE CG  CD1  doub Y N 257 
PHE CG  CD2  sing Y N 258 
PHE CD1 CE1  sing Y N 259 
PHE CD1 HD1  sing N N 260 
PHE CD2 CE2  doub Y N 261 
PHE CD2 HD2  sing N N 262 
PHE CE1 CZ   doub Y N 263 
PHE CE1 HE1  sing N N 264 
PHE CE2 CZ   sing Y N 265 
PHE CE2 HE2  sing N N 266 
PHE CZ  HZ   sing N N 267 
PHE OXT HXT  sing N N 268 
PRO N   CA   sing N N 269 
PRO N   CD   sing N N 270 
PRO N   H    sing N N 271 
PRO CA  C    sing N N 272 
PRO CA  CB   sing N N 273 
PRO CA  HA   sing N N 274 
PRO C   O    doub N N 275 
PRO C   OXT  sing N N 276 
PRO CB  CG   sing N N 277 
PRO CB  HB2  sing N N 278 
PRO CB  HB3  sing N N 279 
PRO CG  CD   sing N N 280 
PRO CG  HG2  sing N N 281 
PRO CG  HG3  sing N N 282 
PRO CD  HD2  sing N N 283 
PRO CD  HD3  sing N N 284 
PRO OXT HXT  sing N N 285 
RU4 N1  C3   sing N N 286 
RU4 N1  C2   sing N N 287 
RU4 O1  C3   doub N N 288 
RU4 C3  O2   sing N N 289 
RU4 C2  C1   sing N N 290 
RU4 O2  C4   sing N N 291 
RU4 C4  C9   doub Y N 292 
RU4 C4  C5   sing Y N 293 
RU4 C9  C8   sing Y N 294 
RU4 C5  C6   doub Y N 295 
RU4 C8  C7   doub Y N 296 
RU4 C6  C7   sing Y N 297 
RU4 C7  C10  sing N N 298 
RU4 C10 C11  doub Y N 299 
RU4 C10 N3   sing Y N 300 
RU4 C11 S1   sing Y N 301 
RU4 N3  N2   doub Y N 302 
RU4 S1  N2   sing Y N 303 
RU4 N1  H1   sing N N 304 
RU4 C5  H3   sing N N 305 
RU4 C6  H4   sing N N 306 
RU4 C8  H5   sing N N 307 
RU4 C1  H7   sing N N 308 
RU4 C1  H8   sing N N 309 
RU4 C1  H9   sing N N 310 
RU4 C11 H10  sing N N 311 
RU4 C2  H12  sing N N 312 
RU4 C2  H13  sing N N 313 
RU4 C9  H14  sing N N 314 
SER N   CA   sing N N 315 
SER N   H    sing N N 316 
SER N   H2   sing N N 317 
SER CA  C    sing N N 318 
SER CA  CB   sing N N 319 
SER CA  HA   sing N N 320 
SER C   O    doub N N 321 
SER C   OXT  sing N N 322 
SER CB  OG   sing N N 323 
SER CB  HB2  sing N N 324 
SER CB  HB3  sing N N 325 
SER OG  HG   sing N N 326 
SER OXT HXT  sing N N 327 
THR N   CA   sing N N 328 
THR N   H    sing N N 329 
THR N   H2   sing N N 330 
THR CA  C    sing N N 331 
THR CA  CB   sing N N 332 
THR CA  HA   sing N N 333 
THR C   O    doub N N 334 
THR C   OXT  sing N N 335 
THR CB  OG1  sing N N 336 
THR CB  CG2  sing N N 337 
THR CB  HB   sing N N 338 
THR OG1 HG1  sing N N 339 
THR CG2 HG21 sing N N 340 
THR CG2 HG22 sing N N 341 
THR CG2 HG23 sing N N 342 
THR OXT HXT  sing N N 343 
TRP N   CA   sing N N 344 
TRP N   H    sing N N 345 
TRP N   H2   sing N N 346 
TRP CA  C    sing N N 347 
TRP CA  CB   sing N N 348 
TRP CA  HA   sing N N 349 
TRP C   O    doub N N 350 
TRP C   OXT  sing N N 351 
TRP CB  CG   sing N N 352 
TRP CB  HB2  sing N N 353 
TRP CB  HB3  sing N N 354 
TRP CG  CD1  doub Y N 355 
TRP CG  CD2  sing Y N 356 
TRP CD1 NE1  sing Y N 357 
TRP CD1 HD1  sing N N 358 
TRP CD2 CE2  doub Y N 359 
TRP CD2 CE3  sing Y N 360 
TRP NE1 CE2  sing Y N 361 
TRP NE1 HE1  sing N N 362 
TRP CE2 CZ2  sing Y N 363 
TRP CE3 CZ3  doub Y N 364 
TRP CE3 HE3  sing N N 365 
TRP CZ2 CH2  doub Y N 366 
TRP CZ2 HZ2  sing N N 367 
TRP CZ3 CH2  sing Y N 368 
TRP CZ3 HZ3  sing N N 369 
TRP CH2 HH2  sing N N 370 
TRP OXT HXT  sing N N 371 
TYR N   CA   sing N N 372 
TYR N   H    sing N N 373 
TYR N   H2   sing N N 374 
TYR CA  C    sing N N 375 
TYR CA  CB   sing N N 376 
TYR CA  HA   sing N N 377 
TYR C   O    doub N N 378 
TYR C   OXT  sing N N 379 
TYR CB  CG   sing N N 380 
TYR CB  HB2  sing N N 381 
TYR CB  HB3  sing N N 382 
TYR CG  CD1  doub Y N 383 
TYR CG  CD2  sing Y N 384 
TYR CD1 CE1  sing Y N 385 
TYR CD1 HD1  sing N N 386 
TYR CD2 CE2  doub Y N 387 
TYR CD2 HD2  sing N N 388 
TYR CE1 CZ   doub Y N 389 
TYR CE1 HE1  sing N N 390 
TYR CE2 CZ   sing Y N 391 
TYR CE2 HE2  sing N N 392 
TYR CZ  OH   sing N N 393 
TYR OH  HH   sing N N 394 
TYR OXT HXT  sing N N 395 
VAL N   CA   sing N N 396 
VAL N   H    sing N N 397 
VAL N   H2   sing N N 398 
VAL CA  C    sing N N 399 
VAL CA  CB   sing N N 400 
VAL CA  HA   sing N N 401 
VAL C   O    doub N N 402 
VAL C   OXT  sing N N 403 
VAL CB  CG1  sing N N 404 
VAL CB  CG2  sing N N 405 
VAL CB  HB   sing N N 406 
VAL CG1 HG11 sing N N 407 
VAL CG1 HG12 sing N N 408 
VAL CG1 HG13 sing N N 409 
VAL CG2 HG21 sing N N 410 
VAL CG2 HG22 sing N N 411 
VAL CG2 HG23 sing N N 412 
VAL OXT HXT  sing N N 413 
# 
_pdbx_deposit_group.group_id            G_1002123 
_pdbx_deposit_group.group_description   
;BROMODOMAIN OF HUMAN NUCLEOSOME-REMODELING FACTOR SUBUNIT BPTF screened against the 3D-Fragment Consortium Library by
X-ray Crystallography at the XChem facility of Diamond Light Source beamline I04-1
;
_pdbx_deposit_group.group_title         
;PanDDA analysis group deposition of the bromodomain of human nucleosome-remodeling factor subunit BPTF fragment
screening
;
_pdbx_deposit_group.group_type          'changed state' 
# 
_pdbx_entity_instance_feature.ordinal        1 
_pdbx_entity_instance_feature.comp_id        RU4 
_pdbx_entity_instance_feature.asym_id        ? 
_pdbx_entity_instance_feature.seq_num        ? 
_pdbx_entity_instance_feature.auth_comp_id   RU4 
_pdbx_entity_instance_feature.auth_asym_id   ? 
_pdbx_entity_instance_feature.auth_seq_num   ? 
_pdbx_entity_instance_feature.feature_type   'SUBJECT OF INVESTIGATION' 
_pdbx_entity_instance_feature.details        ? 
# 
_atom_sites.entry_id                    5R4G 
_atom_sites.fract_transf_matrix[1][1]   0.00553577 
_atom_sites.fract_transf_matrix[1][2]   0.00267648 
_atom_sites.fract_transf_matrix[1][3]   -0.00650496 
_atom_sites.fract_transf_matrix[2][1]   -0.01881762 
_atom_sites.fract_transf_matrix[2][2]   -0.01973063 
_atom_sites.fract_transf_matrix[2][3]   -0.02413215 
_atom_sites.fract_transf_matrix[3][1]   -0.01361224 
_atom_sites.fract_transf_matrix[3][2]   0.02131080 
_atom_sites.fract_transf_matrix[3][3]   -0.00680940 
_atom_sites.fract_transf_vector[1]      -0.129612 
_atom_sites.fract_transf_vector[2]      0.444592 
_atom_sites.fract_transf_vector[3]      0.042756 
# 
loop_
_atom_type.symbol 
C 
N 
O 
S 
# 
loop_
_atom_site.group_PDB 
_atom_site.id 
_atom_site.type_symbol 
_atom_site.label_atom_id 
_atom_site.label_alt_id 
_atom_site.label_comp_id 
_atom_site.label_asym_id 
_atom_site.label_entity_id 
_atom_site.label_seq_id 
_atom_site.pdbx_PDB_ins_code 
_atom_site.Cartn_x 
_atom_site.Cartn_y 
_atom_site.Cartn_z 
_atom_site.occupancy 
_atom_site.B_iso_or_equiv 
_atom_site.pdbx_formal_charge 
_atom_site.auth_seq_id 
_atom_site.auth_comp_id 
_atom_site.auth_asym_id 
_atom_site.auth_atom_id 
_atom_site.pdbx_PDB_model_num 
ATOM   1    N N   . GLU A 1 5   ? -6.246  9.709   -12.164 1.00 34.49 ? 2793 GLU A N   1 
ATOM   2    C CA  . GLU A 1 5   ? -7.401  9.462   -11.243 1.00 32.71 ? 2793 GLU A CA  1 
ATOM   3    C C   . GLU A 1 5   ? -8.558  10.388  -11.605 1.00 32.61 ? 2793 GLU A C   1 
ATOM   4    O O   . GLU A 1 5   ? -8.327  11.534  -12.017 1.00 35.00 ? 2793 GLU A O   1 
ATOM   5    C CB  . GLU A 1 5   ? -6.976  9.704   -9.797  1.00 30.89 ? 2793 GLU A CB  1 
ATOM   6    C CG  . GLU A 1 5   ? -5.831  8.794   -9.347  1.00 30.54 ? 2793 GLU A CG  1 
ATOM   7    C CD  . GLU A 1 5   ? -5.257  9.164   -7.985  1.00 30.56 ? 2793 GLU A CD  1 
ATOM   8    O OE1 . GLU A 1 5   ? -5.229  10.373  -7.642  1.00 31.45 ? 2793 GLU A OE1 1 
ATOM   9    O OE2 . GLU A 1 5   ? -4.803  8.246   -7.269  1.00 25.68 ? 2793 GLU A OE2 1 
ATOM   10   N N   A ASP A 1 6   ? -9.789  9.907   -11.461 0.25 31.95 ? 2794 ASP A N   1 
ATOM   11   N N   B ASP A 1 6   ? -9.787  9.896   -11.440 0.25 33.46 ? 2794 ASP A N   1 
ATOM   12   C CA  A ASP A 1 6   ? -10.963 10.720  -11.775 0.25 31.01 ? 2794 ASP A CA  1 
ATOM   13   C CA  B ASP A 1 6   ? -10.991 10.677  -11.728 0.25 33.41 ? 2794 ASP A CA  1 
ATOM   14   C C   A ASP A 1 6   ? -11.285 11.659  -10.614 0.25 31.66 ? 2794 ASP A C   1 
ATOM   15   C C   B ASP A 1 6   ? -11.268 11.676  -10.609 0.25 33.07 ? 2794 ASP A C   1 
ATOM   16   O O   A ASP A 1 6   ? -10.695 11.554  -9.529  0.25 31.44 ? 2794 ASP A O   1 
ATOM   17   O O   B ASP A 1 6   ? -10.637 11.626  -9.545  0.25 32.90 ? 2794 ASP A O   1 
ATOM   18   C CB  A ASP A 1 6   ? -12.159 9.833   -12.131 0.25 30.18 ? 2794 ASP A CB  1 
ATOM   19   C CB  B ASP A 1 6   ? -12.202 9.756   -11.928 0.25 34.24 ? 2794 ASP A CB  1 
ATOM   20   C CG  A ASP A 1 6   ? -12.742 9.128   -10.935 0.25 29.81 ? 2794 ASP A CG  1 
ATOM   21   C CG  B ASP A 1 6   ? -12.695 9.142   -10.630 0.25 35.77 ? 2794 ASP A CG  1 
ATOM   22   O OD1 A ASP A 1 6   ? -12.545 9.614   -9.800  0.25 28.01 ? 2794 ASP A OD1 1 
ATOM   23   O OD1 B ASP A 1 6   ? -11.913 9.085   -9.660  0.25 36.86 ? 2794 ASP A OD1 1 
ATOM   24   O OD2 A ASP A 1 6   ? -13.414 8.091   -11.138 0.25 29.83 ? 2794 ASP A OD2 1 
ATOM   25   O OD2 B ASP A 1 6   ? -13.867 8.703   -10.583 0.25 37.36 ? 2794 ASP A OD2 1 
ATOM   26   N N   . ALA A 1 7   ? -12.218 12.575  -10.859 1.00 31.83 ? 2795 ALA A N   1 
ATOM   27   C CA  . ALA A 1 7   ? -12.578 13.632  -9.898  1.00 30.90 ? 2795 ALA A CA  1 
ATOM   28   C C   . ALA A 1 7   ? -13.013 13.142  -8.519  1.00 29.38 ? 2795 ALA A C   1 
ATOM   29   O O   . ALA A 1 7   ? -12.556 13.672  -7.498  1.00 29.05 ? 2795 ALA A O   1 
ATOM   30   C CB  . ALA A 1 7   ? -13.659 14.512  -10.497 1.00 30.77 ? 2795 ALA A CB  1 
ATOM   31   N N   . MET A 1 8   ? -13.831 12.100  -8.481  1.00 25.39 ? 2796 MET A N   1 
ATOM   32   C CA  . MET A 1 8   ? -14.247 11.536  -7.193  1.00 24.72 ? 2796 MET A CA  1 
ATOM   33   C C   . MET A 1 8   ? -13.047 11.096  -6.315  1.00 22.17 ? 2796 MET A C   1 
ATOM   34   O O   . MET A 1 8   ? -13.041 11.308  -5.106  1.00 19.08 ? 2796 MET A O   1 
ATOM   35   C CB  . MET A 1 8   ? -15.213 10.351  -7.400  1.00 26.80 ? 2796 MET A CB  1 
ATOM   36   C CG  . MET A 1 8   ? -16.011 10.003  -6.137  1.00 30.65 ? 2796 MET A CG  1 
ATOM   37   S SD  . MET A 1 8   ? -17.063 8.531   -6.196  1.00 34.19 ? 2796 MET A SD  1 
ATOM   38   C CE  . MET A 1 8   ? -18.150 8.812   -4.796  1.00 33.36 ? 2796 MET A CE  1 
ATOM   39   N N   . THR A 1 9   ? -12.034 10.479  -6.924  1.00 23.07 ? 2797 THR A N   1 
ATOM   40   C CA  . THR A 1 9   ? -10.881 9.929   -6.183  1.00 21.66 ? 2797 THR A CA  1 
ATOM   41   C C   . THR A 1 9   ? -10.081 11.076  -5.562  1.00 22.15 ? 2797 THR A C   1 
ATOM   42   O O   . THR A 1 9   ? -9.634  11.042  -4.380  1.00 17.33 ? 2797 THR A O   1 
ATOM   43   C CB  . THR A 1 9   ? -10.018 9.020   -7.129  1.00 22.01 ? 2797 THR A CB  1 
ATOM   44   O OG1 . THR A 1 9   ? -10.792 7.864   -7.486  1.00 24.62 ? 2797 THR A OG1 1 
ATOM   45   C CG2 . THR A 1 9   ? -8.717  8.574   -6.469  1.00 22.52 ? 2797 THR A CG2 1 
ATOM   46   N N   . VAL A 1 10  ? -9.920  12.128  -6.349  1.00 24.30 ? 2798 VAL A N   1 
ATOM   47   C CA  . VAL A 1 10  ? -9.134  13.240  -5.905  1.00 24.63 ? 2798 VAL A CA  1 
ATOM   48   C C   . VAL A 1 10  ? -9.872  14.159  -4.896  1.00 24.72 ? 2798 VAL A C   1 
ATOM   49   O O   . VAL A 1 10  ? -9.258  14.574  -3.922  1.00 24.58 ? 2798 VAL A O   1 
ATOM   50   C CB  . VAL A 1 10  ? -8.595  14.026  -7.133  1.00 25.93 ? 2798 VAL A CB  1 
ATOM   51   C CG1 . VAL A 1 10  ? -7.707  15.187  -6.721  1.00 27.01 ? 2798 VAL A CG1 1 
ATOM   52   C CG2 . VAL A 1 10  ? -7.785  13.106  -8.051  1.00 26.28 ? 2798 VAL A CG2 1 
ATOM   53   N N   . LEU A 1 11  ? -11.152 14.455  -5.154  0.50 26.09 ? 2799 LEU A N   1 
ATOM   54   C CA  . LEU A 1 11  ? -11.887 15.548  -4.474  0.50 26.22 ? 2799 LEU A CA  1 
ATOM   55   C C   . LEU A 1 11  ? -12.914 15.151  -3.410  0.50 26.32 ? 2799 LEU A C   1 
ATOM   56   O O   . LEU A 1 11  ? -13.221 15.962  -2.539  0.50 26.57 ? 2799 LEU A O   1 
ATOM   57   C CB  . LEU A 1 11  ? -12.626 16.408  -5.506  0.50 27.30 ? 2799 LEU A CB  1 
ATOM   58   C CG  . LEU A 1 11  ? -11.868 17.509  -6.243  0.50 27.72 ? 2799 LEU A CG  1 
ATOM   59   C CD1 . LEU A 1 11  ? -10.488 17.046  -6.665  0.50 28.15 ? 2799 LEU A CD1 1 
ATOM   60   C CD2 . LEU A 1 11  ? -12.669 17.924  -7.461  0.50 28.46 ? 2799 LEU A CD2 1 
ATOM   61   N N   . THR A 1 12  ? -13.462 13.938  -3.481  1.00 25.51 ? 2800 THR A N   1 
ATOM   62   C CA  . THR A 1 12  ? -14.587 13.552  -2.604  1.00 23.50 ? 2800 THR A CA  1 
ATOM   63   C C   . THR A 1 12  ? -14.041 13.151  -1.226  1.00 22.49 ? 2800 THR A C   1 
ATOM   64   O O   . THR A 1 12  ? -13.327 12.142  -1.133  1.00 23.02 ? 2800 THR A O   1 
ATOM   65   C CB  . THR A 1 12  ? -15.457 12.461  -3.231  1.00 25.69 ? 2800 THR A CB  1 
ATOM   66   O OG1 . THR A 1 12  ? -15.993 12.988  -4.458  1.00 26.45 ? 2800 THR A OG1 1 
ATOM   67   C CG2 . THR A 1 12  ? -16.643 12.105  -2.334  1.00 26.50 ? 2800 THR A CG2 1 
ATOM   68   N N   . PRO A 1 13  ? -14.333 13.933  -0.159  1.00 19.84 ? 2801 PRO A N   1 
ATOM   69   C CA  . PRO A 1 13  ? -13.849 13.537  1.168   1.00 19.64 ? 2801 PRO A CA  1 
ATOM   70   C C   . PRO A 1 13  ? -14.220 12.121  1.497   1.00 19.31 ? 2801 PRO A C   1 
ATOM   71   O O   . PRO A 1 13  ? -15.245 11.606  1.030   1.00 19.83 ? 2801 PRO A O   1 
ATOM   72   C CB  . PRO A 1 13  ? -14.569 14.508  2.115   1.00 20.36 ? 2801 PRO A CB  1 
ATOM   73   C CG  . PRO A 1 13  ? -14.838 15.700  1.286   1.00 20.83 ? 2801 PRO A CG  1 
ATOM   74   C CD  . PRO A 1 13  ? -15.182 15.148  -0.062  1.00 21.07 ? 2801 PRO A CD  1 
ATOM   75   N N   . LEU A 1 14  ? -13.355 11.470  2.280   1.00 17.29 ? 2802 LEU A N   1 
ATOM   76   C CA  . LEU A 1 14  ? -13.627 10.117  2.714   1.00 17.36 ? 2802 LEU A CA  1 
ATOM   77   C C   . LEU A 1 14  ? -14.656 10.138  3.851   1.00 18.85 ? 2802 LEU A C   1 
ATOM   78   O O   . LEU A 1 14  ? -14.416 10.763  4.885   1.00 22.21 ? 2802 LEU A O   1 
ATOM   79   C CB  . LEU A 1 14  ? -12.348 9.397   3.172   1.00 16.91 ? 2802 LEU A CB  1 
ATOM   80   C CG  . LEU A 1 14  ? -11.320 9.107   2.073   1.00 16.26 ? 2802 LEU A CG  1 
ATOM   81   C CD1 . LEU A 1 14  ? -9.957  8.797   2.724   1.00 16.21 ? 2802 LEU A CD1 1 
ATOM   82   C CD2 . LEU A 1 14  ? -11.776 7.980   1.162   1.00 16.82 ? 2802 LEU A CD2 1 
ATOM   83   N N   . THR A 1 15  ? -15.757 9.433   3.665   1.00 17.86 ? 2803 THR A N   1 
ATOM   84   C CA  . THR A 1 15  ? -16.814 9.304   4.693   1.00 18.89 ? 2803 THR A CA  1 
ATOM   85   C C   . THR A 1 15  ? -16.562 8.146   5.636   1.00 19.00 ? 2803 THR A C   1 
ATOM   86   O O   . THR A 1 15  ? -15.660 7.340   5.411   1.00 17.85 ? 2803 THR A O   1 
ATOM   87   C CB  . THR A 1 15  ? -18.155 9.060   3.996   1.00 20.31 ? 2803 THR A CB  1 
ATOM   88   O OG1 . THR A 1 15  ? -18.134 7.781   3.354   1.00 20.24 ? 2803 THR A OG1 1 
ATOM   89   C CG2 . THR A 1 15  ? -18.470 10.155  2.986   1.00 21.54 ? 2803 THR A CG2 1 
ATOM   90   N N   . GLU A 1 16  ? -17.377 7.992   6.690   1.00 20.89 ? 2804 GLU A N   1 
ATOM   91   C CA  . GLU A 1 16  ? -17.238 6.786   7.533   1.00 22.10 ? 2804 GLU A CA  1 
ATOM   92   C C   . GLU A 1 16  ? -17.469 5.463   6.778   1.00 20.53 ? 2804 GLU A C   1 
ATOM   93   O O   . GLU A 1 16  ? -16.746 4.490   7.008   1.00 18.83 ? 2804 GLU A O   1 
ATOM   94   C CB  . GLU A 1 16  ? -18.073 6.877   8.831   1.00 26.50 ? 2804 GLU A CB  1 
ATOM   95   C CG  . GLU A 1 16  ? -17.383 7.748   9.894   1.00 30.30 ? 2804 GLU A CG  1 
ATOM   96   C CD  . GLU A 1 16  ? -16.105 7.120   10.473  1.00 33.40 ? 2804 GLU A CD  1 
ATOM   97   O OE1 . GLU A 1 16  ? -16.192 6.024   11.061  1.00 38.67 ? 2804 GLU A OE1 1 
ATOM   98   O OE2 . GLU A 1 16  ? -15.005 7.719   10.343  1.00 36.62 ? 2804 GLU A OE2 1 
ATOM   99   N N   . LYS A 1 17  ? -18.437 5.420   5.857   1.00 20.73 ? 2805 LYS A N   1 
ATOM   100  C CA  . LYS A 1 17  ? -18.616 4.227   5.026   1.00 23.02 ? 2805 LYS A CA  1 
ATOM   101  C C   . LYS A 1 17  ? -17.398 3.967   4.133   1.00 19.72 ? 2805 LYS A C   1 
ATOM   102  O O   . LYS A 1 17  ? -16.977 2.830   3.978   1.00 19.74 ? 2805 LYS A O   1 
ATOM   103  C CB  . LYS A 1 17  ? -19.885 4.299   4.162   1.00 26.63 ? 2805 LYS A CB  1 
ATOM   104  C CG  . LYS A 1 17  ? -20.245 2.964   3.523   1.00 30.93 ? 2805 LYS A CG  1 
ATOM   105  C CD  . LYS A 1 17  ? -21.257 3.090   2.385   1.00 34.97 ? 2805 LYS A CD  1 
ATOM   106  C CE  . LYS A 1 17  ? -22.667 3.378   2.881   1.00 37.25 ? 2805 LYS A CE  1 
ATOM   107  N NZ  . LYS A 1 17  ? -23.009 4.831   2.834   1.00 40.12 ? 2805 LYS A NZ  1 
ATOM   108  N N   . ASP A 1 18  ? -16.818 5.013   3.549   1.00 17.45 ? 2806 ASP A N   1 
ATOM   109  C CA  . ASP A 1 18  ? -15.577 4.847   2.786   1.00 17.12 ? 2806 ASP A CA  1 
ATOM   110  C C   . ASP A 1 18  ? -14.495 4.200   3.682   1.00 15.69 ? 2806 ASP A C   1 
ATOM   111  O O   . ASP A 1 18  ? -13.757 3.319   3.221   1.00 14.99 ? 2806 ASP A O   1 
ATOM   112  C CB  . ASP A 1 18  ? -15.021 6.186   2.271   1.00 17.03 ? 2806 ASP A CB  1 
ATOM   113  C CG  . ASP A 1 18  ? -15.856 6.818   1.142   1.00 18.67 ? 2806 ASP A CG  1 
ATOM   114  O OD1 . ASP A 1 18  ? -16.424 6.066   0.333   1.00 20.40 ? 2806 ASP A OD1 1 
ATOM   115  O OD2 . ASP A 1 18  ? -15.885 8.071   1.054   1.00 18.77 ? 2806 ASP A OD2 1 
ATOM   116  N N   . TYR A 1 19  ? -14.368 4.657   4.942   1.00 16.60 ? 2807 TYR A N   1 
ATOM   117  C CA  . TYR A 1 19  ? -13.353 4.099   5.862   1.00 15.56 ? 2807 TYR A CA  1 
ATOM   118  C C   . TYR A 1 19  ? -13.552 2.610   6.179   1.00 17.00 ? 2807 TYR A C   1 
ATOM   119  O O   . TYR A 1 19  ? -12.572 1.872   6.297   1.00 16.93 ? 2807 TYR A O   1 
ATOM   120  C CB  . TYR A 1 19  ? -13.209 4.928   7.168   1.00 15.03 ? 2807 TYR A CB  1 
ATOM   121  C CG  . TYR A 1 19  ? -12.035 5.869   7.116   1.00 14.85 ? 2807 TYR A CG  1 
ATOM   122  C CD1 . TYR A 1 19  ? -12.154 7.163   6.643   1.00 14.18 ? 2807 TYR A CD1 1 
ATOM   123  C CD2 . TYR A 1 19  ? -10.783 5.437   7.515   1.00 15.51 ? 2807 TYR A CD2 1 
ATOM   124  C CE1 . TYR A 1 19  ? -11.051 8.011   6.567   1.00 14.30 ? 2807 TYR A CE1 1 
ATOM   125  C CE2 . TYR A 1 19  ? -9.682  6.265   7.440   1.00 15.45 ? 2807 TYR A CE2 1 
ATOM   126  C CZ  . TYR A 1 19  ? -9.792  7.546   6.979   1.00 14.02 ? 2807 TYR A CZ  1 
ATOM   127  O OH  . TYR A 1 19  ? -8.669  8.345   6.945   1.00 15.18 ? 2807 TYR A OH  1 
ATOM   128  N N   . GLU A 1 20  ? -14.797 2.144   6.251   1.00 18.34 ? 2808 GLU A N   1 
ATOM   129  C CA  . GLU A 1 20  ? -15.020 0.698   6.385   1.00 20.78 ? 2808 GLU A CA  1 
ATOM   130  C C   . GLU A 1 20  ? -14.486 -0.096  5.175   1.00 19.77 ? 2808 GLU A C   1 
ATOM   131  O O   . GLU A 1 20  ? -13.887 -1.176  5.342   1.00 20.10 ? 2808 GLU A O   1 
ATOM   132  C CB  . GLU A 1 20  ? -16.489 0.377   6.730   1.00 23.76 ? 2808 GLU A CB  1 
ATOM   133  C CG  . GLU A 1 20  ? -16.879 0.769   8.170   1.00 27.27 ? 2808 GLU A CG  1 
ATOM   134  C CD  . GLU A 1 20  ? -15.967 0.202   9.276   1.00 31.44 ? 2808 GLU A CD  1 
ATOM   135  O OE1 . GLU A 1 20  ? -15.680 -1.027  9.319   1.00 36.54 ? 2808 GLU A OE1 1 
ATOM   136  O OE2 . GLU A 1 20  ? -15.514 1.006   10.126  1.00 36.30 ? 2808 GLU A OE2 1 
ATOM   137  N N   . GLY A 1 21  ? -14.636 0.447   3.962   1.00 18.16 ? 2809 GLY A N   1 
ATOM   138  C CA  . GLY A 1 21  ? -14.047 -0.144  2.762   1.00 17.24 ? 2809 GLY A CA  1 
ATOM   139  C C   . GLY A 1 21  ? -12.532 -0.121  2.735   1.00 16.51 ? 2809 GLY A C   1 
ATOM   140  O O   . GLY A 1 21  ? -11.896 -1.114  2.313   1.00 16.68 ? 2809 GLY A O   1 
ATOM   141  N N   . LEU A 1 22  ? -11.917 0.985   3.159   1.00 15.45 ? 2810 LEU A N   1 
ATOM   142  C CA  . LEU A 1 22  ? -10.439 1.044   3.219   1.00 15.31 ? 2810 LEU A CA  1 
ATOM   143  C C   . LEU A 1 22  ? -9.903  -0.004  4.191   1.00 14.14 ? 2810 LEU A C   1 
ATOM   144  O O   . LEU A 1 22  ? -8.879  -0.624  3.916   1.00 14.26 ? 2810 LEU A O   1 
ATOM   145  C CB  . LEU A 1 22  ? -9.925  2.414   3.675   1.00 16.63 ? 2810 LEU A CB  1 
ATOM   146  C CG  . LEU A 1 22  ? -10.197 3.589   2.727   1.00 18.46 ? 2810 LEU A CG  1 
ATOM   147  C CD1 . LEU A 1 22  ? -9.537  4.838   3.308   1.00 18.75 ? 2810 LEU A CD1 1 
ATOM   148  C CD2 . LEU A 1 22  ? -9.760  3.314   1.292   1.00 19.41 ? 2810 LEU A CD2 1 
ATOM   149  N N   . LYS A 1 23  ? -10.569 -0.182  5.337   1.00 15.47 ? 2811 LYS A N   1 
ATOM   150  C CA  . LYS A 1 23  ? -10.132 -1.231  6.290   1.00 15.41 ? 2811 LYS A CA  1 
ATOM   151  C C   . LYS A 1 23  ? -10.162 -2.625  5.691   1.00 14.94 ? 2811 LYS A C   1 
ATOM   152  O O   . LYS A 1 23  ? -9.207  -3.404  5.871   1.00 14.89 ? 2811 LYS A O   1 
ATOM   153  C CB  . LYS A 1 23  ? -10.976 -1.217  7.570   1.00 16.91 ? 2811 LYS A CB  1 
ATOM   154  C CG  . LYS A 1 23  ? -10.780 0.019   8.418   1.00 19.35 ? 2811 LYS A CG  1 
ATOM   155  C CD  . LYS A 1 23  ? -11.852 0.044   9.487   1.00 24.66 ? 2811 LYS A CD  1 
ATOM   156  C CE  . LYS A 1 23  ? -11.852 1.361   10.219  1.00 27.74 ? 2811 LYS A CE  1 
ATOM   157  N NZ  . LYS A 1 23  ? -12.923 1.342   11.246  1.00 32.34 ? 2811 LYS A NZ  1 
ATOM   158  N N   . ARG A 1 24  ? -11.209 -2.918  4.925   1.00 14.97 ? 2812 ARG A N   1 
ATOM   159  C CA  . ARG A 1 24  ? -11.342 -4.207  4.232   1.00 16.63 ? 2812 ARG A CA  1 
ATOM   160  C C   . ARG A 1 24  ? -10.249 -4.403  3.182   1.00 15.27 ? 2812 ARG A C   1 
ATOM   161  O O   . ARG A 1 24  ? -9.664  -5.503  3.097   1.00 15.28 ? 2812 ARG A O   1 
ATOM   162  C CB  . ARG A 1 24  ? -12.721 -4.315  3.588   1.00 19.51 ? 2812 ARG A CB  1 
ATOM   163  C CG  . ARG A 1 24  ? -12.992 -5.562  2.743   1.00 23.70 ? 2812 ARG A CG  1 
ATOM   164  C CD  . ARG A 1 24  ? -14.184 -5.328  1.791   1.00 26.56 ? 2812 ARG A CD  1 
ATOM   165  N NE  . ARG A 1 24  ? -15.427 -5.857  2.339   1.00 30.57 ? 2812 ARG A NE  1 
ATOM   166  C CZ  . ARG A 1 24  ? -16.635 -5.749  1.782   1.00 30.37 ? 2812 ARG A CZ  1 
ATOM   167  N NH1 . ARG A 1 24  ? -17.674 -6.308  2.393   1.00 31.39 ? 2812 ARG A NH1 1 
ATOM   168  N NH2 . ARG A 1 24  ? -16.827 -5.079  0.647   1.00 33.06 ? 2812 ARG A NH2 1 
ATOM   169  N N   . VAL A 1 25  ? -9.945  -3.359  2.387   1.00 14.75 ? 2813 VAL A N   1 
ATOM   170  C CA  . VAL A 1 25  ? -8.873  -3.429  1.374   1.00 14.26 ? 2813 VAL A CA  1 
ATOM   171  C C   . VAL A 1 25  ? -7.538  -3.734  2.058   1.00 13.25 ? 2813 VAL A C   1 
ATOM   172  O O   . VAL A 1 25  ? -6.783  -4.626  1.650   1.00 13.28 ? 2813 VAL A O   1 
ATOM   173  C CB  . VAL A 1 25  ? -8.800  -2.122  0.507   1.00 14.84 ? 2813 VAL A CB  1 
ATOM   174  C CG1 . VAL A 1 25  ? -7.584  -2.112  -0.410  1.00 15.13 ? 2813 VAL A CG1 1 
ATOM   175  C CG2 . VAL A 1 25  ? -10.066 -1.959  -0.346  1.00 16.43 ? 2813 VAL A CG2 1 
ATOM   176  N N   . LEU A 1 26  ? -7.240  -2.970  3.101   1.00 13.26 ? 2814 LEU A N   1 
ATOM   177  C CA  . LEU A 1 26  ? -5.970  -3.154  3.809   1.00 13.72 ? 2814 LEU A CA  1 
ATOM   178  C C   . LEU A 1 26  ? -5.828  -4.574  4.401   1.00 12.76 ? 2814 LEU A C   1 
ATOM   179  O O   . LEU A 1 26  ? -4.760  -5.187  4.275   1.00 13.01 ? 2814 LEU A O   1 
ATOM   180  C CB  . LEU A 1 26  ? -5.806  -2.066  4.868   1.00 16.27 ? 2814 LEU A CB  1 
ATOM   181  C CG  . LEU A 1 26  ? -4.486  -2.020  5.601   1.00 16.73 ? 2814 LEU A CG  1 
ATOM   182  C CD1 . LEU A 1 26  ? -3.301  -1.858  4.653   1.00 17.33 ? 2814 LEU A CD1 1 
ATOM   183  C CD2 . LEU A 1 26  ? -4.546  -0.864  6.577   1.00 18.15 ? 2814 LEU A CD2 1 
ATOM   184  N N   A ARG A 1 27  ? -6.889  -5.089  5.034   0.25 13.28 ? 2815 ARG A N   1 
ATOM   185  N N   B ARG A 1 27  ? -6.890  -5.084  5.030   0.25 13.07 ? 2815 ARG A N   1 
ATOM   186  C CA  A ARG A 1 27  ? -6.847  -6.446  5.590   0.25 13.43 ? 2815 ARG A CA  1 
ATOM   187  C CA  B ARG A 1 27  ? -6.854  -6.431  5.604   0.25 13.05 ? 2815 ARG A CA  1 
ATOM   188  C C   A ARG A 1 27  ? -6.658  -7.509  4.500   0.25 13.36 ? 2815 ARG A C   1 
ATOM   189  C C   B ARG A 1 27  ? -6.652  -7.508  4.537   0.25 12.32 ? 2815 ARG A C   1 
ATOM   190  O O   A ARG A 1 27  ? -5.972  -8.499  4.732   0.25 13.13 ? 2815 ARG A O   1 
ATOM   191  O O   B ARG A 1 27  ? -5.975  -8.497  4.788   0.25 12.06 ? 2815 ARG A O   1 
ATOM   192  C CB  A ARG A 1 27  ? -8.095  -6.751  6.425   0.25 13.92 ? 2815 ARG A CB  1 
ATOM   193  C CB  B ARG A 1 27  ? -8.116  -6.701  6.427   0.25 14.02 ? 2815 ARG A CB  1 
ATOM   194  C CG  A ARG A 1 27  ? -8.136  -6.052  7.784   0.25 14.54 ? 2815 ARG A CG  1 
ATOM   195  C CG  B ARG A 1 27  ? -8.156  -5.904  7.725   0.25 15.09 ? 2815 ARG A CG  1 
ATOM   196  C CD  A ARG A 1 27  ? -9.239  -6.633  8.659   0.25 14.83 ? 2815 ARG A CD  1 
ATOM   197  C CD  B ARG A 1 27  ? -9.496  -5.980  8.439   0.25 16.08 ? 2815 ARG A CD  1 
ATOM   198  N NE  A ARG A 1 27  ? -10.489 -6.695  7.907   0.25 15.46 ? 2815 ARG A NE  1 
ATOM   199  N NE  B ARG A 1 27  ? -9.434  -5.241  9.697   0.25 16.89 ? 2815 ARG A NE  1 
ATOM   200  C CZ  A ARG A 1 27  ? -11.539 -5.904  8.108   0.25 15.84 ? 2815 ARG A CZ  1 
ATOM   201  C CZ  B ARG A 1 27  ? -10.458 -4.603  10.245  0.25 17.47 ? 2815 ARG A CZ  1 
ATOM   202  N NH1 A ARG A 1 27  ? -11.521 -4.988  9.067   0.25 16.47 ? 2815 ARG A NH1 1 
ATOM   203  N NH1 B ARG A 1 27  ? -11.644 -4.607  9.661   0.25 17.62 ? 2815 ARG A NH1 1 
ATOM   204  N NH2 A ARG A 1 27  ? -12.608 -6.039  7.340   0.25 15.63 ? 2815 ARG A NH2 1 
ATOM   205  N NH2 B ARG A 1 27  ? -10.282 -3.948  11.383  0.25 17.89 ? 2815 ARG A NH2 1 
ATOM   206  N N   A SER A 1 28  ? -7.238  -7.294  3.314   0.38 13.73 ? 2816 SER A N   1 
ATOM   207  N N   B SER A 1 28  ? -7.201  -7.294  3.338   0.12 12.01 ? 2816 SER A N   1 
ATOM   208  C CA  A SER A 1 28  ? -7.012  -8.221  2.182   0.38 14.72 ? 2816 SER A CA  1 
ATOM   209  C CA  B SER A 1 28  ? -7.012  -8.248  2.237   0.12 11.99 ? 2816 SER A CA  1 
ATOM   210  C C   A SER A 1 28  ? -5.548  -8.292  1.777   0.38 14.09 ? 2816 SER A C   1 
ATOM   211  C C   B SER A 1 28  ? -5.560  -8.285  1.748   0.12 12.31 ? 2816 SER A C   1 
ATOM   212  O O   A SER A 1 28  ? -5.027  -9.373  1.502   0.38 14.51 ? 2816 SER A O   1 
ATOM   213  O O   B SER A 1 28  ? -5.059  -9.349  1.390   0.12 12.42 ? 2816 SER A O   1 
ATOM   214  C CB  A SER A 1 28  ? -7.856  -7.836  0.955   0.38 15.67 ? 2816 SER A CB  1 
ATOM   215  C CB  B SER A 1 28  ? -7.978  -7.964  1.068   0.12 11.59 ? 2816 SER A CB  1 
ATOM   216  O OG  A SER A 1 28  ? -9.236  -7.957  1.221   0.38 18.92 ? 2816 SER A OG  1 
ATOM   217  O OG  B SER A 1 28  ? -7.504  -6.937  0.208   0.12 11.04 ? 2816 SER A OG  1 
ATOM   218  N N   . LEU A 1 29  ? -4.877  -7.141  1.736   0.50 13.59 ? 2817 LEU A N   1 
ATOM   219  C CA  . LEU A 1 29  ? -3.453  -7.110  1.402   0.50 14.01 ? 2817 LEU A CA  1 
ATOM   220  C C   . LEU A 1 29  ? -2.609  -7.758  2.495   0.50 13.45 ? 2817 LEU A C   1 
ATOM   221  O O   . LEU A 1 29  ? -1.702  -8.543  2.198   0.50 14.17 ? 2817 LEU A O   1 
ATOM   222  C CB  . LEU A 1 29  ? -2.964  -5.684  1.134   0.50 14.73 ? 2817 LEU A CB  1 
ATOM   223  C CG  . LEU A 1 29  ? -2.920  -5.323  -0.351  0.50 15.63 ? 2817 LEU A CG  1 
ATOM   224  C CD1 . LEU A 1 29  ? -4.298  -5.067  -0.920  0.50 15.89 ? 2817 LEU A CD1 1 
ATOM   225  C CD2 . LEU A 1 29  ? -2.038  -4.108  -0.537  0.50 16.02 ? 2817 LEU A CD2 1 
ATOM   226  N N   . GLN A 1 30  ? -2.911  -7.457  3.763   1.00 13.25 ? 2818 GLN A N   1 
ATOM   227  C CA  . GLN A 1 30  ? -2.165  -8.038  4.891   1.00 13.05 ? 2818 GLN A CA  1 
ATOM   228  C C   . GLN A 1 30  ? -2.262  -9.591  4.957   1.00 12.57 ? 2818 GLN A C   1 
ATOM   229  O O   . GLN A 1 30  ? -1.321  -10.256 5.435   1.00 13.87 ? 2818 GLN A O   1 
ATOM   230  C CB  . GLN A 1 30  ? -2.596  -7.449  6.228   1.00 12.75 ? 2818 GLN A CB  1 
ATOM   231  C CG  . GLN A 1 30  ? -2.172  -5.993  6.416   1.00 13.12 ? 2818 GLN A CG  1 
ATOM   232  C CD  . GLN A 1 30  ? -2.853  -5.348  7.586   1.00 14.26 ? 2818 GLN A CD  1 
ATOM   233  O OE1 . GLN A 1 30  ? -4.070  -5.502  7.771   1.00 15.21 ? 2818 GLN A OE1 1 
ATOM   234  N NE2 . GLN A 1 30  ? -2.089  -4.603  8.378   1.00 14.21 ? 2818 GLN A NE2 1 
ATOM   235  N N   . ALA A 1 31  ? -3.348  -10.167 4.409   1.00 12.50 ? 2819 ALA A N   1 
ATOM   236  C CA  . ALA A 1 31  ? -3.597  -11.622 4.360   1.00 13.79 ? 2819 ALA A CA  1 
ATOM   237  C C   . ALA A 1 31  ? -3.009  -12.309 3.136   1.00 14.47 ? 2819 ALA A C   1 
ATOM   238  O O   . ALA A 1 31  ? -3.048  -13.547 3.062   1.00 15.32 ? 2819 ALA A O   1 
ATOM   239  C CB  . ALA A 1 31  ? -5.113  -11.884 4.423   1.00 14.37 ? 2819 ALA A CB  1 
ATOM   240  N N   . HIS A 1 32  ? -2.493  -11.573 2.157   1.00 13.61 ? 2820 HIS A N   1 
ATOM   241  C CA  . HIS A 1 32  ? -2.009  -12.143 0.889   1.00 14.03 ? 2820 HIS A CA  1 
ATOM   242  C C   . HIS A 1 32  ? -0.691  -12.874 1.141   1.00 13.55 ? 2820 HIS A C   1 
ATOM   243  O O   . HIS A 1 32  ? 0.148   -12.407 1.901   1.00 14.00 ? 2820 HIS A O   1 
ATOM   244  C CB  . HIS A 1 32  ? -1.802  -11.020 -0.157  1.00 13.85 ? 2820 HIS A CB  1 
ATOM   245  C CG  . HIS A 1 32  ? -1.652  -11.512 -1.575  1.00 13.78 ? 2820 HIS A CG  1 
ATOM   246  N ND1 . HIS A 1 32  ? -0.484  -12.057 -2.048  1.00 15.32 ? 2820 HIS A ND1 1 
ATOM   247  C CD2 . HIS A 1 32  ? -2.514  -11.505 -2.621  1.00 14.67 ? 2820 HIS A CD2 1 
ATOM   248  C CE1 . HIS A 1 32  ? -0.644  -12.403 -3.315  1.00 15.55 ? 2820 HIS A CE1 1 
ATOM   249  N NE2 . HIS A 1 32  ? -1.856  -12.061 -3.692  1.00 15.33 ? 2820 HIS A NE2 1 
ATOM   250  N N   . LYS A 1 33  ? -0.492  -14.036 0.510   1.00 15.10 ? 2821 LYS A N   1 
ATOM   251  C CA  . LYS A 1 33  ? 0.734   -14.836 0.674   1.00 17.84 ? 2821 LYS A CA  1 
ATOM   252  C C   . LYS A 1 33  ? 2.060   -14.116 0.345   1.00 17.93 ? 2821 LYS A C   1 
ATOM   253  O O   . LYS A 1 33  ? 3.092   -14.455 0.918   1.00 18.92 ? 2821 LYS A O   1 
ATOM   254  C CB  . LYS A 1 33  ? 0.632   -16.111 -0.188  1.00 21.22 ? 2821 LYS A CB  1 
ATOM   255  C CG  . LYS A 1 33  ? 1.797   -17.076 -0.098  1.00 25.96 ? 2821 LYS A CG  1 
ATOM   256  C CD  . LYS A 1 33  ? 1.460   -18.440 -0.716  1.00 30.43 ? 2821 LYS A CD  1 
ATOM   257  C CE  . LYS A 1 33  ? 0.827   -18.327 -2.106  1.00 32.95 ? 2821 LYS A CE  1 
ATOM   258  N NZ  . LYS A 1 33  ? 0.836   -19.612 -2.883  1.00 35.59 ? 2821 LYS A NZ  1 
ATOM   259  N N   A MET A 1 34  ? 2.024   -13.168 -0.589  0.25 17.04 ? 2822 MET A N   1 
ATOM   260  N N   B MET A 1 34  ? 1.999   -13.166 -0.590  0.25 17.99 ? 2822 MET A N   1 
ATOM   261  C CA  A MET A 1 34  ? 3.218   -12.418 -1.005  0.25 17.52 ? 2822 MET A CA  1 
ATOM   262  C CA  B MET A 1 34  ? 3.152   -12.387 -1.060  0.25 19.11 ? 2822 MET A CA  1 
ATOM   263  C C   A MET A 1 34  ? 3.320   -11.039 -0.344  0.25 16.81 ? 2822 MET A C   1 
ATOM   264  C C   B MET A 1 34  ? 3.438   -11.121 -0.245  0.25 17.90 ? 2822 MET A C   1 
ATOM   265  O O   A MET A 1 34  ? 4.022   -10.154 -0.851  0.25 16.67 ? 2822 MET A O   1 
ATOM   266  O O   B MET A 1 34  ? 4.403   -10.408 -0.540  0.25 18.02 ? 2822 MET A O   1 
ATOM   267  C CB  A MET A 1 34  ? 3.253   -12.279 -2.533  0.25 18.21 ? 2822 MET A CB  1 
ATOM   268  C CB  B MET A 1 34  ? 2.931   -11.967 -2.519  0.25 21.21 ? 2822 MET A CB  1 
ATOM   269  C CG  A MET A 1 34  ? 3.140   -13.605 -3.279  0.25 19.07 ? 2822 MET A CG  1 
ATOM   270  C CG  B MET A 1 34  ? 2.837   -13.110 -3.513  0.25 23.39 ? 2822 MET A CG  1 
ATOM   271  S SD  A MET A 1 34  ? 4.535   -14.708 -3.010  0.25 20.88 ? 2822 MET A SD  1 
ATOM   272  S SD  B MET A 1 34  ? 4.395   -13.425 -4.352  0.25 26.97 ? 2822 MET A SD  1 
ATOM   273  C CE  A MET A 1 34  ? 5.675   -14.181 -4.289  0.25 20.63 ? 2822 MET A CE  1 
ATOM   274  C CE  B MET A 1 34  ? 5.305   -14.258 -3.055  0.25 26.07 ? 2822 MET A CE  1 
ATOM   275  N N   . ALA A 1 35  ? 2.634   -10.851 0.786   1.00 16.52 ? 2823 ALA A N   1 
ATOM   276  C CA  . ALA A 1 35  ? 2.727   -9.577  1.546   1.00 14.81 ? 2823 ALA A CA  1 
ATOM   277  C C   . ALA A 1 35  ? 3.790   -9.588  2.639   1.00 14.69 ? 2823 ALA A C   1 
ATOM   278  O O   . ALA A 1 35  ? 4.090   -8.525  3.183   1.00 13.16 ? 2823 ALA A O   1 
ATOM   279  C CB  . ALA A 1 35  ? 1.404   -9.190  2.113   1.00 15.50 ? 2823 ALA A CB  1 
ATOM   280  N N   . TRP A 1 36  ? 4.387   -10.751 2.962   1.00 15.32 ? 2824 TRP A N   1 
ATOM   281  C CA  . TRP A 1 36  ? 5.356   -10.846 4.051   1.00 16.48 ? 2824 TRP A CA  1 
ATOM   282  C C   . TRP A 1 36  ? 6.472   -9.765  4.101   1.00 15.66 ? 2824 TRP A C   1 
ATOM   283  O O   . TRP A 1 36  ? 6.766   -9.281  5.197   1.00 16.89 ? 2824 TRP A O   1 
ATOM   284  C CB  . TRP A 1 36  ? 6.007   -12.261 4.210   1.00 18.87 ? 2824 TRP A CB  1 
ATOM   285  C CG  . TRP A 1 36  ? 5.025   -13.349 4.627   1.00 23.17 ? 2824 TRP A CG  1 
ATOM   286  C CD1 . TRP A 1 36  ? 4.506   -14.291 3.813   1.00 25.43 ? 2824 TRP A CD1 1 
ATOM   287  C CD2 . TRP A 1 36  ? 4.435   -13.572 5.925   1.00 25.67 ? 2824 TRP A CD2 1 
ATOM   288  N NE1 . TRP A 1 36  ? 3.637   -15.101 4.496   1.00 27.46 ? 2824 TRP A NE1 1 
ATOM   289  C CE2 . TRP A 1 36  ? 3.574   -14.688 5.799   1.00 26.73 ? 2824 TRP A CE2 1 
ATOM   290  C CE3 . TRP A 1 36  ? 4.568   -12.965 7.176   1.00 24.47 ? 2824 TRP A CE3 1 
ATOM   291  C CZ2 . TRP A 1 36  ? 2.822   -15.188 6.874   1.00 28.88 ? 2824 TRP A CZ2 1 
ATOM   292  C CZ3 . TRP A 1 36  ? 3.812   -13.459 8.245   1.00 27.74 ? 2824 TRP A CZ3 1 
ATOM   293  C CH2 . TRP A 1 36  ? 2.962   -14.567 8.082   1.00 28.39 ? 2824 TRP A CH2 1 
ATOM   294  N N   . PRO A 1 37  ? 7.074   -9.374  2.935   1.00 15.48 ? 2825 PRO A N   1 
ATOM   295  C CA  . PRO A 1 37  ? 8.123   -8.335  3.042   1.00 15.06 ? 2825 PRO A CA  1 
ATOM   296  C C   . PRO A 1 37  ? 7.648   -6.940  3.480   1.00 13.81 ? 2825 PRO A C   1 
ATOM   297  O O   . PRO A 1 37  ? 8.504   -6.106  3.837   1.00 14.16 ? 2825 PRO A O   1 
ATOM   298  C CB  . PRO A 1 37  ? 8.669   -8.219  1.601   1.00 16.90 ? 2825 PRO A CB  1 
ATOM   299  C CG  . PRO A 1 37  ? 8.113   -9.348  0.809   1.00 16.49 ? 2825 PRO A CG  1 
ATOM   300  C CD  . PRO A 1 37  ? 6.850   -9.756  1.525   1.00 16.44 ? 2825 PRO A CD  1 
ATOM   301  N N   . PHE A 1 38  ? 6.333   -6.702  3.422   1.00 11.24 ? 2826 PHE A N   1 
ATOM   302  C CA  . PHE A 1 38  ? 5.743   -5.357  3.534   1.00 11.58 ? 2826 PHE A CA  1 
ATOM   303  C C   . PHE A 1 38  ? 4.889   -5.143  4.779   1.00 11.71 ? 2826 PHE A C   1 
ATOM   304  O O   . PHE A 1 38  ? 4.351   -4.053  4.959   1.00 11.87 ? 2826 PHE A O   1 
ATOM   305  C CB  . PHE A 1 38  ? 4.866   -5.052  2.281   1.00 12.27 ? 2826 PHE A CB  1 
ATOM   306  C CG  . PHE A 1 38  ? 5.544   -5.352  0.968   1.00 12.93 ? 2826 PHE A CG  1 
ATOM   307  C CD1 . PHE A 1 38  ? 6.691   -4.675  0.591   1.00 12.90 ? 2826 PHE A CD1 1 
ATOM   308  C CD2 . PHE A 1 38  ? 5.035   -6.328  0.109   1.00 13.91 ? 2826 PHE A CD2 1 
ATOM   309  C CE1 . PHE A 1 38  ? 7.356   -4.977  -0.596  1.00 14.02 ? 2826 PHE A CE1 1 
ATOM   310  C CE2 . PHE A 1 38  ? 5.670   -6.618  -1.089  1.00 14.59 ? 2826 PHE A CE2 1 
ATOM   311  C CZ  . PHE A 1 38  ? 6.832   -5.955  -1.446  1.00 14.53 ? 2826 PHE A CZ  1 
ATOM   312  N N   . LEU A 1 39  ? 4.772   -6.157  5.656   1.00 11.87 ? 2827 LEU A N   1 
ATOM   313  C CA  . LEU A 1 39  ? 3.852   -6.110  6.786   1.00 11.77 ? 2827 LEU A CA  1 
ATOM   314  C C   . LEU A 1 39  ? 4.325   -5.116  7.851   1.00 12.83 ? 2827 LEU A C   1 
ATOM   315  O O   . LEU A 1 39  ? 3.485   -4.435  8.484   1.00 14.91 ? 2827 LEU A O   1 
ATOM   316  C CB  . LEU A 1 39  ? 3.681   -7.512  7.423   1.00 12.58 ? 2827 LEU A CB  1 
ATOM   317  C CG  . LEU A 1 39  ? 2.953   -8.562  6.610   1.00 12.95 ? 2827 LEU A CG  1 
ATOM   318  C CD1 . LEU A 1 39  ? 2.936   -9.881  7.404   1.00 14.04 ? 2827 LEU A CD1 1 
ATOM   319  C CD2 . LEU A 1 39  ? 1.549   -8.133  6.240   1.00 13.77 ? 2827 LEU A CD2 1 
ATOM   320  N N   . GLU A 1 40  ? 5.642   -5.002  8.024   1.00 13.50 ? 2828 GLU A N   1 
ATOM   321  C CA  . GLU A 1 40  ? 6.256   -4.164  9.074   1.00 14.77 ? 2828 GLU A CA  1 
ATOM   322  C C   . GLU A 1 40  ? 7.405   -3.353  8.472   1.00 13.83 ? 2828 GLU A C   1 
ATOM   323  O O   . GLU A 1 40  ? 7.906   -3.714  7.393   1.00 13.14 ? 2828 GLU A O   1 
ATOM   324  C CB  . GLU A 1 40  ? 6.795   -5.073  10.209  1.00 16.84 ? 2828 GLU A CB  1 
ATOM   325  C CG  . GLU A 1 40  ? 5.742   -5.934  10.917  1.00 20.51 ? 2828 GLU A CG  1 
ATOM   326  C CD  . GLU A 1 40  ? 4.776   -5.157  11.766  1.00 23.73 ? 2828 GLU A CD  1 
ATOM   327  O OE1 . GLU A 1 40  ? 5.137   -4.071  12.256  1.00 27.82 ? 2828 GLU A OE1 1 
ATOM   328  O OE2 . GLU A 1 40  ? 3.633   -5.638  11.979  1.00 29.79 ? 2828 GLU A OE2 1 
ATOM   329  N N   . PRO A 1 41  ? 7.848   -2.273  9.154   1.00 14.77 ? 2829 PRO A N   1 
ATOM   330  C CA  . PRO A 1 41  ? 9.013   -1.532  8.643   1.00 15.18 ? 2829 PRO A CA  1 
ATOM   331  C C   . PRO A 1 41  ? 10.246  -2.400  8.373   1.00 16.19 ? 2829 PRO A C   1 
ATOM   332  O O   . PRO A 1 41  ? 10.484  -3.395  9.101   1.00 15.45 ? 2829 PRO A O   1 
ATOM   333  C CB  . PRO A 1 41  ? 9.296   -0.504  9.760   1.00 16.56 ? 2829 PRO A CB  1 
ATOM   334  C CG  . PRO A 1 41  ? 8.015   -0.325  10.457  1.00 16.79 ? 2829 PRO A CG  1 
ATOM   335  C CD  . PRO A 1 41  ? 7.343   -1.679  10.413  1.00 16.03 ? 2829 PRO A CD  1 
ATOM   336  N N   . VAL A 1 42  ? 11.030  -2.051  7.343   1.00 15.71 ? 2830 VAL A N   1 
ATOM   337  C CA  . VAL A 1 42  ? 12.268  -2.763  7.013   1.00 17.11 ? 2830 VAL A CA  1 
ATOM   338  C C   . VAL A 1 42  ? 13.206  -2.742  8.229   1.00 18.24 ? 2830 VAL A C   1 
ATOM   339  O O   . VAL A 1 42  ? 13.377  -1.710  8.847   1.00 17.69 ? 2830 VAL A O   1 
ATOM   340  C CB  . VAL A 1 42  ? 12.969  -2.136  5.774   1.00 17.75 ? 2830 VAL A CB  1 
ATOM   341  C CG1 . VAL A 1 42  ? 14.375  -2.706  5.579   1.00 17.91 ? 2830 VAL A CG1 1 
ATOM   342  C CG2 . VAL A 1 42  ? 12.102  -2.308  4.521   1.00 17.87 ? 2830 VAL A CG2 1 
ATOM   343  N N   . ASP A 1 43  ? 13.792  -3.895  8.578   1.00 20.34 ? 2831 ASP A N   1 
ATOM   344  C CA  . ASP A 1 43  ? 14.702  -4.014  9.733   1.00 22.65 ? 2831 ASP A CA  1 
ATOM   345  C C   . ASP A 1 43  ? 16.098  -3.597  9.265   1.00 23.49 ? 2831 ASP A C   1 
ATOM   346  O O   . ASP A 1 43  ? 16.643  -4.222  8.366   1.00 24.64 ? 2831 ASP A O   1 
ATOM   347  C CB  . ASP A 1 43  ? 14.729  -5.472  10.250  1.00 24.54 ? 2831 ASP A CB  1 
ATOM   348  C CG  . ASP A 1 43  ? 15.471  -5.629  11.578  1.00 27.44 ? 2831 ASP A CG  1 
ATOM   349  O OD1 . ASP A 1 43  ? 16.353  -4.808  11.915  1.00 27.45 ? 2831 ASP A OD1 1 
ATOM   350  O OD2 . ASP A 1 43  ? 15.178  -6.618  12.289  1.00 30.55 ? 2831 ASP A OD2 1 
ATOM   351  N N   . PRO A 1 44  ? 16.668  -2.524  9.856   1.00 23.84 ? 2832 PRO A N   1 
ATOM   352  C CA  . PRO A 1 44  ? 17.984  -2.082  9.376   1.00 26.36 ? 2832 PRO A CA  1 
ATOM   353  C C   . PRO A 1 44  ? 19.138  -3.063  9.666   1.00 28.26 ? 2832 PRO A C   1 
ATOM   354  O O   . PRO A 1 44  ? 20.145  -3.001  8.978   1.00 27.41 ? 2832 PRO A O   1 
ATOM   355  C CB  . PRO A 1 44  ? 18.191  -0.742  10.080  1.00 26.54 ? 2832 PRO A CB  1 
ATOM   356  C CG  . PRO A 1 44  ? 17.355  -0.805  11.279  1.00 26.43 ? 2832 PRO A CG  1 
ATOM   357  C CD  . PRO A 1 44  ? 16.154  -1.651  10.925  1.00 25.14 ? 2832 PRO A CD  1 
ATOM   358  N N   . ASN A 1 45  ? 18.979  -3.960  10.645  1.00 30.41 ? 2833 ASN A N   1 
ATOM   359  C CA  . ASN A 1 45  ? 19.961  -5.053  10.875  1.00 31.78 ? 2833 ASN A CA  1 
ATOM   360  C C   . ASN A 1 45  ? 20.019  -6.044  9.690   1.00 33.37 ? 2833 ASN A C   1 
ATOM   361  O O   . ASN A 1 45  ? 21.064  -6.667  9.460   1.00 32.93 ? 2833 ASN A O   1 
ATOM   362  C CB  . ASN A 1 45  ? 19.692  -5.808  12.209  1.00 33.22 ? 2833 ASN A CB  1 
ATOM   363  C CG  . ASN A 1 45  ? 20.378  -5.167  13.432  1.00 35.24 ? 2833 ASN A CG  1 
ATOM   364  O OD1 . ASN A 1 45  ? 21.390  -4.464  13.327  1.00 38.51 ? 2833 ASN A OD1 1 
ATOM   365  N ND2 . ASN A 1 45  ? 19.828  -5.443  14.612  1.00 37.41 ? 2833 ASN A ND2 1 
ATOM   366  N N   . ASP A 1 46  ? 18.919  -6.169  8.938   1.00 34.46 ? 2834 ASP A N   1 
ATOM   367  C CA  . ASP A 1 46  ? 18.871  -6.990  7.708   1.00 35.89 ? 2834 ASP A CA  1 
ATOM   368  C C   . ASP A 1 46  ? 19.390  -6.264  6.468   1.00 37.13 ? 2834 ASP A C   1 
ATOM   369  O O   . ASP A 1 46  ? 19.959  -6.898  5.575   1.00 36.38 ? 2834 ASP A O   1 
ATOM   370  C CB  . ASP A 1 46  ? 17.443  -7.460  7.402   1.00 38.46 ? 2834 ASP A CB  1 
ATOM   371  C CG  . ASP A 1 46  ? 16.788  -8.196  8.559   1.00 41.44 ? 2834 ASP A CG  1 
ATOM   372  O OD1 . ASP A 1 46  ? 17.480  -8.577  9.530   1.00 45.40 ? 2834 ASP A OD1 1 
ATOM   373  O OD2 . ASP A 1 46  ? 15.556  -8.386  8.492   1.00 45.16 ? 2834 ASP A OD2 1 
ATOM   374  N N   . ALA A 1 47  ? 19.153  -4.948  6.397   1.00 34.69 ? 2835 ALA A N   1 
ATOM   375  C CA  . ALA A 1 47  ? 19.565  -4.113  5.266   1.00 34.81 ? 2835 ALA A CA  1 
ATOM   376  C C   . ALA A 1 47  ? 20.178  -2.793  5.775   1.00 34.55 ? 2835 ALA A C   1 
ATOM   377  O O   . ALA A 1 47  ? 19.490  -1.763  5.804   1.00 31.14 ? 2835 ALA A O   1 
ATOM   378  C CB  . ALA A 1 47  ? 18.365  -3.849  4.362   1.00 34.65 ? 2835 ALA A CB  1 
ATOM   379  N N   . PRO A 1 48  ? 21.469  -2.821  6.205   1.00 34.33 ? 2836 PRO A N   1 
ATOM   380  C CA  . PRO A 1 48  ? 22.146  -1.653  6.804   1.00 33.26 ? 2836 PRO A CA  1 
ATOM   381  C C   . PRO A 1 48  ? 22.181  -0.324  6.022   1.00 31.55 ? 2836 PRO A C   1 
ATOM   382  O O   . PRO A 1 48  ? 22.376  0.732   6.644   1.00 33.62 ? 2836 PRO A O   1 
ATOM   383  C CB  . PRO A 1 48  ? 23.578  -2.155  7.023   1.00 35.66 ? 2836 PRO A CB  1 
ATOM   384  C CG  . PRO A 1 48  ? 23.437  -3.618  7.234   1.00 35.50 ? 2836 PRO A CG  1 
ATOM   385  C CD  . PRO A 1 48  ? 22.193  -4.076  6.520   1.00 36.07 ? 2836 PRO A CD  1 
ATOM   386  N N   . ASP A 1 49  ? 22.031  -0.375  4.699   1.00 29.05 ? 2837 ASP A N   1 
ATOM   387  C CA  . ASP A 1 49  ? 22.009  0.845   3.869   1.00 26.66 ? 2837 ASP A CA  1 
ATOM   388  C C   . ASP A 1 49  ? 20.599  1.332   3.514   1.00 23.07 ? 2837 ASP A C   1 
ATOM   389  O O   . ASP A 1 49  ? 20.467  2.402   2.937   1.00 23.74 ? 2837 ASP A O   1 
ATOM   390  C CB  . ASP A 1 49  ? 22.807  0.649   2.576   1.00 27.96 ? 2837 ASP A CB  1 
ATOM   391  C CG  . ASP A 1 49  ? 22.233  -0.434  1.683   1.00 29.54 ? 2837 ASP A CG  1 
ATOM   392  O OD1 . ASP A 1 49  ? 21.478  -1.304  2.183   1.00 29.46 ? 2837 ASP A OD1 1 
ATOM   393  O OD2 . ASP A 1 49  ? 22.560  -0.429  0.484   1.00 34.39 ? 2837 ASP A OD2 1 
ATOM   394  N N   . TYR A 1 50  ? 19.562  0.565   3.866   1.00 21.30 ? 2838 TYR A N   1 
ATOM   395  C CA  . TYR A 1 50  ? 18.192  0.861   3.390   1.00 17.46 ? 2838 TYR A CA  1 
ATOM   396  C C   . TYR A 1 50  ? 17.768  2.328   3.678   1.00 16.76 ? 2838 TYR A C   1 
ATOM   397  O O   . TYR A 1 50  ? 17.271  3.044   2.790   1.00 16.74 ? 2838 TYR A O   1 
ATOM   398  C CB  . TYR A 1 50  ? 17.179  -0.102  4.017   1.00 16.35 ? 2838 TYR A CB  1 
ATOM   399  C CG  . TYR A 1 50  ? 15.805  0.029   3.393   1.00 14.44 ? 2838 TYR A CG  1 
ATOM   400  C CD1 . TYR A 1 50  ? 15.474  -0.667  2.216   1.00 15.48 ? 2838 TYR A CD1 1 
ATOM   401  C CD2 . TYR A 1 50  ? 14.837  0.853   3.970   1.00 15.06 ? 2838 TYR A CD2 1 
ATOM   402  C CE1 . TYR A 1 50  ? 14.218  -0.526  1.628   1.00 13.83 ? 2838 TYR A CE1 1 
ATOM   403  C CE2 . TYR A 1 50  ? 13.584  1.035   3.385   1.00 14.58 ? 2838 TYR A CE2 1 
ATOM   404  C CZ  . TYR A 1 50  ? 13.263  0.328   2.226   1.00 13.84 ? 2838 TYR A CZ  1 
ATOM   405  O OH  . TYR A 1 50  ? 12.009  0.482   1.629   1.00 14.55 ? 2838 TYR A OH  1 
ATOM   406  N N   . TYR A 1 51  ? 17.941  2.775   4.918   1.00 15.50 ? 2839 TYR A N   1 
ATOM   407  C CA  . TYR A 1 51  ? 17.435  4.105   5.351   1.00 15.51 ? 2839 TYR A CA  1 
ATOM   408  C C   . TYR A 1 51  ? 18.290  5.291   4.898   1.00 16.76 ? 2839 TYR A C   1 
ATOM   409  O O   . TYR A 1 51  ? 17.845  6.443   4.950   1.00 17.90 ? 2839 TYR A O   1 
ATOM   410  C CB  . TYR A 1 51  ? 17.147  4.117   6.873   1.00 14.67 ? 2839 TYR A CB  1 
ATOM   411  C CG  . TYR A 1 51  ? 15.968  3.214   7.246   1.00 14.30 ? 2839 TYR A CG  1 
ATOM   412  C CD1 . TYR A 1 51  ? 16.150  1.862   7.568   1.00 14.16 ? 2839 TYR A CD1 1 
ATOM   413  C CD2 . TYR A 1 51  ? 14.676  3.703   7.229   1.00 14.90 ? 2839 TYR A CD2 1 
ATOM   414  C CE1 . TYR A 1 51  ? 15.066  1.044   7.865   1.00 14.85 ? 2839 TYR A CE1 1 
ATOM   415  C CE2 . TYR A 1 51  ? 13.596  2.903   7.541   1.00 15.09 ? 2839 TYR A CE2 1 
ATOM   416  C CZ  . TYR A 1 51  ? 13.786  1.564   7.860   1.00 14.12 ? 2839 TYR A CZ  1 
ATOM   417  O OH  . TYR A 1 51  ? 12.677  0.796   8.156   1.00 15.56 ? 2839 TYR A OH  1 
ATOM   418  N N   . GLY A 1 52  ? 19.477  4.998   4.376   1.00 17.77 ? 2840 GLY A N   1 
ATOM   419  C CA  . GLY A 1 52  ? 20.272  5.995   3.621   1.00 19.42 ? 2840 GLY A CA  1 
ATOM   420  C C   . GLY A 1 52  ? 19.865  6.205   2.159   1.00 19.85 ? 2840 GLY A C   1 
ATOM   421  O O   . GLY A 1 52  ? 20.134  7.287   1.601   1.00 23.17 ? 2840 GLY A O   1 
ATOM   422  N N   A VAL A 1 53  ? 19.235  5.221   1.520   0.25 19.23 ? 2841 VAL A N   1 
ATOM   423  N N   B VAL A 1 53  ? 19.245  5.170   1.578   0.25 18.40 ? 2841 VAL A N   1 
ATOM   424  C CA  A VAL A 1 53  ? 18.839  5.400   0.114   0.25 18.64 ? 2841 VAL A CA  1 
ATOM   425  C CA  B VAL A 1 53  ? 18.837  5.104   0.170   0.25 17.40 ? 2841 VAL A CA  1 
ATOM   426  C C   A VAL A 1 53  ? 17.334  5.564   -0.118  0.25 17.33 ? 2841 VAL A C   1 
ATOM   427  C C   B VAL A 1 53  ? 17.391  5.584   -0.040  0.25 16.63 ? 2841 VAL A C   1 
ATOM   428  O O   A VAL A 1 53  ? 16.959  6.153   -1.132  0.25 17.00 ? 2841 VAL A O   1 
ATOM   429  O O   B VAL A 1 53  ? 17.116  6.394   -0.927  0.25 16.40 ? 2841 VAL A O   1 
ATOM   430  C CB  A VAL A 1 53  ? 19.431  4.313   -0.801  0.25 19.02 ? 2841 VAL A CB  1 
ATOM   431  C CB  B VAL A 1 53  ? 18.948  3.645   -0.330  0.25 16.70 ? 2841 VAL A CB  1 
ATOM   432  C CG1 A VAL A 1 53  ? 20.919  4.156   -0.534  0.25 19.10 ? 2841 VAL A CG1 1 
ATOM   433  C CG1 B VAL A 1 53  ? 18.370  3.495   -1.729  0.25 16.03 ? 2841 VAL A CG1 1 
ATOM   434  C CG2 A VAL A 1 53  ? 18.697  2.994   -0.651  0.25 18.53 ? 2841 VAL A CG2 1 
ATOM   435  C CG2 B VAL A 1 53  ? 20.393  3.167   -0.273  0.25 16.73 ? 2841 VAL A CG2 1 
ATOM   436  N N   . ILE A 1 54  ? 16.482  5.076   0.798   1.00 16.13 ? 2842 ILE A N   1 
ATOM   437  C CA  . ILE A 1 54  ? 15.018  5.326   0.707   1.00 15.75 ? 2842 ILE A CA  1 
ATOM   438  C C   . ILE A 1 54  ? 14.621  6.471   1.633   1.00 16.73 ? 2842 ILE A C   1 
ATOM   439  O O   . ILE A 1 54  ? 14.606  6.314   2.864   1.00 18.56 ? 2842 ILE A O   1 
ATOM   440  C CB  . ILE A 1 54  ? 14.239  4.044   1.109   1.00 14.61 ? 2842 ILE A CB  1 
ATOM   441  C CG1 . ILE A 1 54  ? 14.585  2.884   0.164   1.00 15.11 ? 2842 ILE A CG1 1 
ATOM   442  C CG2 . ILE A 1 54  ? 12.745  4.302   1.123   1.00 14.58 ? 2842 ILE A CG2 1 
ATOM   443  C CD1 . ILE A 1 54  ? 14.296  3.148   -1.295  1.00 15.92 ? 2842 ILE A CD1 1 
ATOM   444  N N   . LYS A 1 55  ? 14.247  7.584   1.024   1.00 17.44 ? 2843 LYS A N   1 
ATOM   445  C CA  . LYS A 1 55  ? 13.994  8.786   1.836   1.00 20.08 ? 2843 LYS A CA  1 
ATOM   446  C C   . LYS A 1 55  ? 12.637  8.790   2.557   1.00 18.29 ? 2843 LYS A C   1 
ATOM   447  O O   . LYS A 1 55  ? 12.576  9.349   3.646   1.00 20.62 ? 2843 LYS A O   1 
ATOM   448  C CB  . LYS A 1 55  ? 14.188  10.058  1.025   1.00 23.45 ? 2843 LYS A CB  1 
ATOM   449  C CG  . LYS A 1 55  ? 14.381  11.305  1.883   1.00 26.92 ? 2843 LYS A CG  1 
ATOM   450  N N   . GLU A 1 56  ? 11.595  8.155   1.981   1.00 15.52 ? 2844 GLU A N   1 
ATOM   451  C CA  . GLU A 1 56  ? 10.245  8.088   2.590   1.00 15.22 ? 2844 GLU A CA  1 
ATOM   452  C C   . GLU A 1 56  ? 9.777   6.610   2.666   1.00 13.20 ? 2844 GLU A C   1 
ATOM   453  O O   . GLU A 1 56  ? 8.976   6.146   1.838   1.00 12.80 ? 2844 GLU A O   1 
ATOM   454  C CB  . GLU A 1 56  ? 9.208   8.883   1.779   1.00 18.37 ? 2844 GLU A CB  1 
ATOM   455  C CG  . GLU A 1 56  ? 9.216   10.389  1.870   1.00 23.38 ? 2844 GLU A CG  1 
ATOM   456  C CD  . GLU A 1 56  ? 8.139   10.923  0.936   1.00 26.43 ? 2844 GLU A CD  1 
ATOM   457  O OE1 . GLU A 1 56  ? 8.478   11.196  -0.240  1.00 32.63 ? 2844 GLU A OE1 1 
ATOM   458  O OE2 . GLU A 1 56  ? 6.949   10.962  1.328   1.00 26.23 ? 2844 GLU A OE2 1 
ATOM   459  N N   . PRO A 1 57  ? 10.259  5.870   3.672   1.00 11.43 ? 2845 PRO A N   1 
ATOM   460  C CA  . PRO A 1 57  ? 9.832   4.471   3.878   1.00 11.29 ? 2845 PRO A CA  1 
ATOM   461  C C   . PRO A 1 57  ? 8.327   4.376   4.141   1.00 10.92 ? 2845 PRO A C   1 
ATOM   462  O O   . PRO A 1 57  ? 7.672   5.335   4.617   1.00 11.21 ? 2845 PRO A O   1 
ATOM   463  C CB  . PRO A 1 57  ? 10.647  4.061   5.087   1.00 12.22 ? 2845 PRO A CB  1 
ATOM   464  C CG  . PRO A 1 57  ? 11.832  4.949   5.064   1.00 15.12 ? 2845 PRO A CG  1 
ATOM   465  C CD  . PRO A 1 57  ? 11.307  6.267   4.630   1.00 13.23 ? 2845 PRO A CD  1 
ATOM   466  N N   . MET A 1 58  ? 7.738   3.226   3.802   1.00 10.21 ? 2846 MET A N   1 
ATOM   467  C CA  . MET A 1 58  ? 6.338   2.964   4.108   1.00 10.68 ? 2846 MET A CA  1 
ATOM   468  C C   . MET A 1 58  ? 6.120   1.449   4.213   1.00 10.21 ? 2846 MET A C   1 
ATOM   469  O O   . MET A 1 58  ? 6.812   0.677   3.572   1.00 11.18 ? 2846 MET A O   1 
ATOM   470  C CB  . MET A 1 58  ? 5.428   3.559   3.021   1.00 10.98 ? 2846 MET A CB  1 
ATOM   471  C CG  . MET A 1 58  ? 3.908   3.548   3.327   1.00 11.81 ? 2846 MET A CG  1 
ATOM   472  S SD  . MET A 1 58  ? 3.411   4.153   4.984   1.00 12.07 ? 2846 MET A SD  1 
ATOM   473  C CE  . MET A 1 58  ? 4.105   5.823   4.986   1.00 13.43 ? 2846 MET A CE  1 
ATOM   474  N N   . ASP A 1 59  ? 5.123   1.058   5.009   1.00 10.19 ? 2847 ASP A N   1 
ATOM   475  C CA  . ASP A 1 59  ? 4.801   -0.380  5.278   1.00 10.89 ? 2847 ASP A CA  1 
ATOM   476  C C   . ASP A 1 59  ? 3.337   -0.483  5.684   1.00 9.77  ? 2847 ASP A C   1 
ATOM   477  O O   . ASP A 1 59  ? 2.673   0.523   5.963   1.00 10.30 ? 2847 ASP A O   1 
ATOM   478  C CB  . ASP A 1 59  ? 5.683   -0.945  6.378   1.00 11.96 ? 2847 ASP A CB  1 
ATOM   479  C CG  . ASP A 1 59  ? 5.408   -0.296  7.708   1.00 13.11 ? 2847 ASP A CG  1 
ATOM   480  O OD1 . ASP A 1 59  ? 5.939   0.833   7.918   1.00 14.85 ? 2847 ASP A OD1 1 
ATOM   481  O OD2 . ASP A 1 59  ? 4.556   -0.813  8.491   1.00 14.95 ? 2847 ASP A OD2 1 
ATOM   482  N N   . LEU A 1 60  ? 2.775   -1.695  5.591   1.00 10.46 ? 2848 LEU A N   1 
ATOM   483  C CA  . LEU A 1 60  ? 1.358   -1.877  5.848   1.00 10.94 ? 2848 LEU A CA  1 
ATOM   484  C C   . LEU A 1 60  ? 0.900   -1.645  7.302   1.00 11.39 ? 2848 LEU A C   1 
ATOM   485  O O   . LEU A 1 60  ? -0.225  -1.220  7.533   1.00 12.02 ? 2848 LEU A O   1 
ATOM   486  C CB  . LEU A 1 60  ? 0.924   -3.271  5.392   1.00 10.98 ? 2848 LEU A CB  1 
ATOM   487  C CG  . LEU A 1 60  ? 1.030   -3.544  3.877   1.00 11.26 ? 2848 LEU A CG  1 
ATOM   488  C CD1 . LEU A 1 60  ? 0.917   -5.036  3.572   1.00 12.19 ? 2848 LEU A CD1 1 
ATOM   489  C CD2 . LEU A 1 60  ? 0.011   -2.741  3.062   1.00 12.28 ? 2848 LEU A CD2 1 
ATOM   490  N N   . ALA A 1 61  ? 1.782   -1.819  8.285   1.00 11.14 ? 2849 ALA A N   1 
ATOM   491  C CA  . ALA A 1 61  ? 1.440   -1.536  9.701   1.00 12.22 ? 2849 ALA A CA  1 
ATOM   492  C C   . ALA A 1 61  ? 1.362   -0.024  9.938   1.00 12.04 ? 2849 ALA A C   1 
ATOM   493  O O   . ALA A 1 61  ? 0.469   0.441   10.676  1.00 13.27 ? 2849 ALA A O   1 
ATOM   494  C CB  . ALA A 1 61  ? 2.438   -2.194  10.665  1.00 13.06 ? 2849 ALA A CB  1 
ATOM   495  N N   . THR A 1 62  ? 2.247   0.752   9.297   1.00 11.95 ? 2850 THR A N   1 
ATOM   496  C CA  . THR A 1 62  ? 2.131   2.226   9.345   1.00 12.14 ? 2850 THR A CA  1 
ATOM   497  C C   . THR A 1 62  ? 0.792   2.674   8.715   1.00 11.63 ? 2850 THR A C   1 
ATOM   498  O O   . THR A 1 62  ? 0.081   3.542   9.243   1.00 11.74 ? 2850 THR A O   1 
ATOM   499  C CB  . THR A 1 62  ? 3.358   2.886   8.706   1.00 12.50 ? 2850 THR A CB  1 
ATOM   500  O OG1 . THR A 1 62  ? 4.515   2.504   9.482   1.00 14.40 ? 2850 THR A OG1 1 
ATOM   501  C CG2 . THR A 1 62  ? 3.270   4.410   8.667   1.00 13.51 ? 2850 THR A CG2 1 
ATOM   502  N N   . MET A 1 63  ? 0.428   2.081   7.575   1.00 10.62 ? 2851 MET A N   1 
ATOM   503  C CA  . MET A 1 63  ? -0.863  2.422   6.948   1.00 11.25 ? 2851 MET A CA  1 
ATOM   504  C C   . MET A 1 63  ? -2.066  2.040   7.843   1.00 11.45 ? 2851 MET A C   1 
ATOM   505  O O   . MET A 1 63  ? -3.058  2.773   7.875   1.00 11.22 ? 2851 MET A O   1 
ATOM   506  C CB  . MET A 1 63  ? -1.020  1.792   5.570   1.00 11.08 ? 2851 MET A CB  1 
ATOM   507  C CG  . MET A 1 63  ? -0.025  2.358   4.541   1.00 10.65 ? 2851 MET A CG  1 
ATOM   508  S SD  . MET A 1 63  ? -0.382  1.957   2.801   1.00 12.11 ? 2851 MET A SD  1 
ATOM   509  C CE  . MET A 1 63  ? -1.969  2.773   2.633   1.00 11.72 ? 2851 MET A CE  1 
ATOM   510  N N   A GLU A 1 64  ? -1.984  0.905   8.543   0.25 11.73 ? 2852 GLU A N   1 
ATOM   511  N N   B GLU A 1 64  ? -1.970  0.903   8.536   0.25 11.77 ? 2852 GLU A N   1 
ATOM   512  C CA  A GLU A 1 64  ? -3.067  0.511   9.459   0.25 12.18 ? 2852 GLU A CA  1 
ATOM   513  C CA  B GLU A 1 64  ? -3.015  0.488   9.480   0.25 12.29 ? 2852 GLU A CA  1 
ATOM   514  C C   A GLU A 1 64  ? -3.229  1.531   10.605  0.25 11.95 ? 2852 GLU A C   1 
ATOM   515  C C   B GLU A 1 64  ? -3.218  1.526   10.595  0.25 12.01 ? 2852 GLU A C   1 
ATOM   516  O O   A GLU A 1 64  ? -4.358  1.919   10.938  0.25 11.68 ? 2852 GLU A O   1 
ATOM   517  O O   B GLU A 1 64  ? -4.355  1.914   10.897  0.25 11.77 ? 2852 GLU A O   1 
ATOM   518  C CB  A GLU A 1 64  ? -2.853  -0.913  10.005  0.25 13.06 ? 2852 GLU A CB  1 
ATOM   519  C CB  B GLU A 1 64  ? -2.671  -0.883  10.075  0.25 13.22 ? 2852 GLU A CB  1 
ATOM   520  C CG  A GLU A 1 64  ? -4.004  -1.416  10.878  0.25 13.92 ? 2852 GLU A CG  1 
ATOM   521  C CG  B GLU A 1 64  ? -3.555  -1.306  11.240  0.25 14.15 ? 2852 GLU A CG  1 
ATOM   522  C CD  A GLU A 1 64  ? -3.899  -2.897  11.257  0.25 14.91 ? 2852 GLU A CD  1 
ATOM   523  C CD  B GLU A 1 64  ? -3.263  -2.718  11.696  0.25 15.46 ? 2852 GLU A CD  1 
ATOM   524  O OE1 A GLU A 1 64  ? -2.795  -3.488  11.172  0.25 14.92 ? 2852 GLU A OE1 1 
ATOM   525  O OE1 B GLU A 1 64  ? -3.553  -3.661  10.926  0.25 15.37 ? 2852 GLU A OE1 1 
ATOM   526  O OE2 A GLU A 1 64  ? -4.927  -3.475  11.669  0.25 17.35 ? 2852 GLU A OE2 1 
ATOM   527  O OE2 B GLU A 1 64  ? -2.748  -2.877  12.824  0.25 18.85 ? 2852 GLU A OE2 1 
ATOM   528  N N   . GLU A 1 65  ? -2.116  1.990   11.172  1.00 11.47 ? 2853 GLU A N   1 
ATOM   529  C CA  . GLU A 1 65  ? -2.154  3.039   12.214  1.00 11.95 ? 2853 GLU A CA  1 
ATOM   530  C C   . GLU A 1 65  ? -2.823  4.313   11.690  1.00 11.71 ? 2853 GLU A C   1 
ATOM   531  O O   . GLU A 1 65  ? -3.717  4.901   12.333  1.00 11.94 ? 2853 GLU A O   1 
ATOM   532  C CB  . GLU A 1 65  ? -0.747  3.323   12.753  1.00 13.65 ? 2853 GLU A CB  1 
ATOM   533  C CG  . GLU A 1 65  ? -0.591  4.522   13.693  1.00 15.21 ? 2853 GLU A CG  1 
ATOM   534  C CD  . GLU A 1 65  ? 0.874   4.854   14.009  1.00 17.36 ? 2853 GLU A CD  1 
ATOM   535  O OE1 . GLU A 1 65  ? 1.782   4.091   13.655  1.00 19.83 ? 2853 GLU A OE1 1 
ATOM   536  O OE2 . GLU A 1 65  ? 1.091   5.932   14.576  1.00 20.40 ? 2853 GLU A OE2 1 
ATOM   537  N N   . ARG A 1 66  ? -2.418  4.721   10.476  1.00 11.22 ? 2854 ARG A N   1 
ATOM   538  C CA  . ARG A 1 66  ? -3.000  5.898   9.817   1.00 11.14 ? 2854 ARG A CA  1 
ATOM   539  C C   . ARG A 1 66  ? -4.505  5.741   9.517   1.00 11.01 ? 2854 ARG A C   1 
ATOM   540  O O   . ARG A 1 66  ? -5.300  6.675   9.758   1.00 11.54 ? 2854 ARG A O   1 
ATOM   541  C CB  . ARG A 1 66  ? -2.187  6.248   8.553   1.00 10.58 ? 2854 ARG A CB  1 
ATOM   542  C CG  . ARG A 1 66  ? -0.847  6.915   8.873   1.00 10.97 ? 2854 ARG A CG  1 
ATOM   543  C CD  . ARG A 1 66  ? 0.020   7.144   7.663   1.00 11.28 ? 2854 ARG A CD  1 
ATOM   544  N NE  . ARG A 1 66  ? 1.223   7.882   8.061   1.00 11.94 ? 2854 ARG A NE  1 
ATOM   545  C CZ  . ARG A 1 66  ? 2.106   8.437   7.248   1.00 11.26 ? 2854 ARG A CZ  1 
ATOM   546  N NH1 . ARG A 1 66  ? 1.972   8.378   5.934   1.00 11.39 ? 2854 ARG A NH1 1 
ATOM   547  N NH2 . ARG A 1 66  ? 3.134   9.102   7.795   1.00 13.04 ? 2854 ARG A NH2 1 
ATOM   548  N N   . VAL A 1 67  ? -4.935  4.573   9.042   1.00 11.00 ? 2855 VAL A N   1 
ATOM   549  C CA  . VAL A 1 67  ? -6.380  4.321   8.851   1.00 12.29 ? 2855 VAL A CA  1 
ATOM   550  C C   . VAL A 1 67  ? -7.175  4.402   10.174  1.00 12.12 ? 2855 VAL A C   1 
ATOM   551  O O   . VAL A 1 67  ? -8.218  5.073   10.260  1.00 12.59 ? 2855 VAL A O   1 
ATOM   552  C CB  . VAL A 1 67  ? -6.614  2.953   8.151   1.00 12.85 ? 2855 VAL A CB  1 
ATOM   553  C CG1 . VAL A 1 67  ? -8.076  2.537   8.177   1.00 14.67 ? 2855 VAL A CG1 1 
ATOM   554  C CG2 . VAL A 1 67  ? -6.126  2.999   6.690   1.00 13.23 ? 2855 VAL A CG2 1 
ATOM   555  N N   . GLN A 1 68  ? -6.640  3.802   11.237  1.00 11.87 ? 2856 GLN A N   1 
ATOM   556  C CA  . GLN A 1 68  ? -7.322  3.818   12.558  1.00 12.59 ? 2856 GLN A CA  1 
ATOM   557  C C   . GLN A 1 68  ? -7.460  5.235   13.093  1.00 13.68 ? 2856 GLN A C   1 
ATOM   558  O O   . GLN A 1 68  ? -8.536  5.584   13.643  1.00 15.38 ? 2856 GLN A O   1 
ATOM   559  C CB  . GLN A 1 68  ? -6.594  2.910   13.573  1.00 13.33 ? 2856 GLN A CB  1 
ATOM   560  C CG  . GLN A 1 68  ? -6.715  1.416   13.273  1.00 15.01 ? 2856 GLN A CG  1 
ATOM   561  C CD  . GLN A 1 68  ? -5.971  0.528   14.259  1.00 17.43 ? 2856 GLN A CD  1 
ATOM   562  O OE1 . GLN A 1 68  ? -4.745  0.593   14.378  1.00 19.83 ? 2856 GLN A OE1 1 
ATOM   563  N NE2 . GLN A 1 68  ? -6.728  -0.289  15.017  1.00 17.98 ? 2856 GLN A NE2 1 
ATOM   564  N N   . ARG A 1 69  ? -6.439  6.061   12.877  1.00 13.12 ? 2857 ARG A N   1 
ATOM   565  C CA  . ARG A 1 69  ? -6.462  7.472   13.317  1.00 14.83 ? 2857 ARG A CA  1 
ATOM   566  C C   . ARG A 1 69  ? -7.150  8.449   12.355  1.00 13.73 ? 2857 ARG A C   1 
ATOM   567  O O   . ARG A 1 69  ? -7.169  9.645   12.621  1.00 15.57 ? 2857 ARG A O   1 
ATOM   568  C CB  . ARG A 1 69  ? -5.032  7.957   13.589  1.00 17.42 ? 2857 ARG A CB  1 
ATOM   569  C CG  . ARG A 1 69  ? -4.261  7.076   14.571  1.00 22.29 ? 2857 ARG A CG  1 
ATOM   570  C CD  . ARG A 1 69  ? -4.327  7.530   16.002  1.00 26.76 ? 2857 ARG A CD  1 
ATOM   571  N NE  . ARG A 1 69  ? -3.236  6.975   16.829  1.00 27.79 ? 2857 ARG A NE  1 
ATOM   572  C CZ  . ARG A 1 69  ? -3.387  6.343   17.999  1.00 27.79 ? 2857 ARG A CZ  1 
ATOM   573  N NH1 . ARG A 1 69  ? -4.616  6.095   18.527  1.00 22.79 ? 2857 ARG A NH1 1 
ATOM   574  N NH2 . ARG A 1 69  ? -2.275  5.925   18.644  1.00 28.83 ? 2857 ARG A NH2 1 
ATOM   575  N N   . ARG A 1 70  ? -7.704  7.953   11.252  1.00 13.26 ? 2858 ARG A N   1 
ATOM   576  C CA  . ARG A 1 70  ? -8.412  8.777   10.249  1.00 13.36 ? 2858 ARG A CA  1 
ATOM   577  C C   . ARG A 1 70  ? -7.485  9.848   9.635   1.00 13.35 ? 2858 ARG A C   1 
ATOM   578  O O   . ARG A 1 70  ? -7.889  10.983  9.353   1.00 14.23 ? 2858 ARG A O   1 
ATOM   579  C CB  . ARG A 1 70  ? -9.748  9.385   10.765  1.00 15.51 ? 2858 ARG A CB  1 
ATOM   580  C CG  . ARG A 1 70  ? -10.737 8.392   11.368  1.00 19.07 ? 2858 ARG A CG  1 
ATOM   581  C CD  . ARG A 1 70  ? -11.112 7.250   10.447  1.00 21.21 ? 2858 ARG A CD  1 
ATOM   582  N NE  . ARG A 1 70  ? -12.229 6.439   10.941  1.00 21.54 ? 2858 ARG A NE  1 
ATOM   583  C CZ  . ARG A 1 70  ? -12.153 5.258   11.575  1.00 23.44 ? 2858 ARG A CZ  1 
ATOM   584  N NH1 . ARG A 1 70  ? -10.990 4.660   11.856  1.00 24.54 ? 2858 ARG A NH1 1 
ATOM   585  N NH2 . ARG A 1 70  ? -13.284 4.670   11.950  1.00 25.98 ? 2858 ARG A NH2 1 
ATOM   586  N N   . TYR A 1 71  ? -6.235  9.454   9.391   1.00 12.50 ? 2859 TYR A N   1 
ATOM   587  C CA  . TYR A 1 71  ? -5.208  10.324  8.782   1.00 11.89 ? 2859 TYR A CA  1 
ATOM   588  C C   . TYR A 1 71  ? -5.572  10.817  7.373   1.00 12.32 ? 2859 TYR A C   1 
ATOM   589  O O   . TYR A 1 71  ? -5.326  11.982  7.009   1.00 13.10 ? 2859 TYR A O   1 
ATOM   590  C CB  . TYR A 1 71  ? -3.876  9.570   8.746   1.00 11.98 ? 2859 TYR A CB  1 
ATOM   591  C CG  . TYR A 1 71  ? -2.717  10.163  7.940   1.00 12.41 ? 2859 TYR A CG  1 
ATOM   592  C CD1 . TYR A 1 71  ? -1.826  11.066  8.500   1.00 14.02 ? 2859 TYR A CD1 1 
ATOM   593  C CD2 . TYR A 1 71  ? -2.505  9.773   6.618   1.00 13.31 ? 2859 TYR A CD2 1 
ATOM   594  C CE1 . TYR A 1 71  ? -0.737  11.559  7.776   1.00 13.89 ? 2859 TYR A CE1 1 
ATOM   595  C CE2 . TYR A 1 71  ? -1.441  10.259  5.878   1.00 13.36 ? 2859 TYR A CE2 1 
ATOM   596  C CZ  . TYR A 1 71  ? -0.545  11.148  6.458   1.00 13.86 ? 2859 TYR A CZ  1 
ATOM   597  O OH  . TYR A 1 71  ? 0.566   11.616  5.752   1.00 15.64 ? 2859 TYR A OH  1 
ATOM   598  N N   . TYR A 1 72  ? -6.134  9.920   6.572   1.00 12.07 ? 2860 TYR A N   1 
ATOM   599  C CA  . TYR A 1 72  ? -6.433  10.186  5.174   1.00 13.02 ? 2860 TYR A CA  1 
ATOM   600  C C   . TYR A 1 72  ? -7.723  11.008  5.024   1.00 14.41 ? 2860 TYR A C   1 
ATOM   601  O O   . TYR A 1 72  ? -8.735  10.652  5.632   1.00 15.15 ? 2860 TYR A O   1 
ATOM   602  C CB  . TYR A 1 72  ? -6.545  8.866   4.372   1.00 12.50 ? 2860 TYR A CB  1 
ATOM   603  C CG  . TYR A 1 72  ? -5.293  8.000   4.469   1.00 12.15 ? 2860 TYR A CG  1 
ATOM   604  C CD1 . TYR A 1 72  ? -4.097  8.330   3.806   1.00 11.98 ? 2860 TYR A CD1 1 
ATOM   605  C CD2 . TYR A 1 72  ? -5.257  6.886   5.303   1.00 12.20 ? 2860 TYR A CD2 1 
ATOM   606  C CE1 . TYR A 1 72  ? -2.965  7.530   3.937   1.00 11.50 ? 2860 TYR A CE1 1 
ATOM   607  C CE2 . TYR A 1 72  ? -4.115  6.113   5.451   1.00 11.51 ? 2860 TYR A CE2 1 
ATOM   608  C CZ  . TYR A 1 72  ? -2.955  6.437   4.788   1.00 11.05 ? 2860 TYR A CZ  1 
ATOM   609  O OH  . TYR A 1 72  ? -1.828  5.626   4.961   1.00 11.63 ? 2860 TYR A OH  1 
ATOM   610  N N   . GLU A 1 73  ? -7.683  12.077  4.218   1.00 15.01 ? 2861 GLU A N   1 
ATOM   611  C CA  . GLU A 1 73  ? -8.885  12.894  3.908   1.00 17.39 ? 2861 GLU A CA  1 
ATOM   612  C C   . GLU A 1 73  ? -9.468  12.600  2.531   1.00 15.88 ? 2861 GLU A C   1 
ATOM   613  O O   . GLU A 1 73  ? -10.651 12.809  2.297   1.00 17.07 ? 2861 GLU A O   1 
ATOM   614  C CB  . GLU A 1 73  ? -8.555  14.381  4.012   1.00 20.87 ? 2861 GLU A CB  1 
ATOM   615  C CG  . GLU A 1 73  ? -8.092  14.754  5.410   1.00 25.21 ? 2861 GLU A CG  1 
ATOM   616  C CD  . GLU A 1 73  ? -8.093  16.254  5.665   1.00 30.05 ? 2861 GLU A CD  1 
ATOM   617  O OE1 . GLU A 1 73  ? -7.896  17.040  4.713   1.00 34.86 ? 2861 GLU A OE1 1 
ATOM   618  O OE2 . GLU A 1 73  ? -8.328  16.639  6.830   1.00 35.22 ? 2861 GLU A OE2 1 
ATOM   619  N N   . LYS A 1 74  ? -8.643  12.079  1.625   1.00 14.43 ? 2862 LYS A N   1 
ATOM   620  C CA  . LYS A 1 74  ? -9.029  11.803  0.232   1.00 14.25 ? 2862 LYS A CA  1 
ATOM   621  C C   . LYS A 1 74  ? -8.454  10.450  -0.187  1.00 13.31 ? 2862 LYS A C   1 
ATOM   622  O O   . LYS A 1 74  ? -7.361  10.075  0.246   1.00 12.64 ? 2862 LYS A O   1 
ATOM   623  C CB  . LYS A 1 74  ? -8.446  12.853  -0.728  1.00 16.41 ? 2862 LYS A CB  1 
ATOM   624  C CG  . LYS A 1 74  ? -8.834  14.290  -0.398  1.00 18.40 ? 2862 LYS A CG  1 
ATOM   625  C CD  . LYS A 1 74  ? -10.328 14.544  -0.597  1.00 21.80 ? 2862 LYS A CD  1 
ATOM   626  C CE  . LYS A 1 74  ? -10.733 15.981  -0.275  1.00 25.60 ? 2862 LYS A CE  1 
ATOM   627  N NZ  . LYS A 1 74  ? -10.613 16.291  1.182   1.00 27.13 ? 2862 LYS A NZ  1 
ATOM   628  N N   . LEU A 1 75  ? -9.131  9.761   -1.100  1.00 12.77 ? 2863 LEU A N   1 
ATOM   629  C CA  . LEU A 1 75  ? -8.645  8.444   -1.578  1.00 11.94 ? 2863 LEU A CA  1 
ATOM   630  C C   . LEU A 1 75  ? -7.261  8.531   -2.214  1.00 11.92 ? 2863 LEU A C   1 
ATOM   631  O O   . LEU A 1 75  ? -6.406  7.636   -2.042  1.00 11.80 ? 2863 LEU A O   1 
ATOM   632  C CB  . LEU A 1 75  ? -9.651  7.831   -2.567  1.00 12.46 ? 2863 LEU A CB  1 
ATOM   633  C CG  . LEU A 1 75  ? -9.340  6.435   -3.111  1.00 12.97 ? 2863 LEU A CG  1 
ATOM   634  C CD1 . LEU A 1 75  ? -9.141  5.415   -1.982  1.00 13.29 ? 2863 LEU A CD1 1 
ATOM   635  C CD2 . LEU A 1 75  ? -10.413 6.002   -4.121  1.00 14.11 ? 2863 LEU A CD2 1 
ATOM   636  N N   . THR A 1 76  ? -6.993  9.615   -2.938  1.00 12.86 ? 2864 THR A N   1 
ATOM   637  C CA  . THR A 1 76  ? -5.679  9.808   -3.545  1.00 13.52 ? 2864 THR A CA  1 
ATOM   638  C C   . THR A 1 76  ? -4.524  9.700   -2.523  1.00 12.48 ? 2864 THR A C   1 
ATOM   639  O O   . THR A 1 76  ? -3.445  9.183   -2.864  1.00 12.64 ? 2864 THR A O   1 
ATOM   640  C CB  . THR A 1 76  ? -5.643  11.142  -4.314  1.00 15.71 ? 2864 THR A CB  1 
ATOM   641  O OG1 . THR A 1 76  ? -4.492  11.203  -5.155  1.00 21.87 ? 2864 THR A OG1 1 
ATOM   642  C CG2 . THR A 1 76  ? -5.783  12.325  -3.392  1.00 16.55 ? 2864 THR A CG2 1 
ATOM   643  N N   . GLU A 1 77  ? -4.714  10.164  -1.287  1.00 12.82 ? 2865 GLU A N   1 
ATOM   644  C CA  . GLU A 1 77  ? -3.661  10.135  -0.283  1.00 13.29 ? 2865 GLU A CA  1 
ATOM   645  C C   . GLU A 1 77  ? -3.371  8.683   0.202   1.00 11.52 ? 2865 GLU A C   1 
ATOM   646  O O   . GLU A 1 77  ? -2.206  8.293   0.479   1.00 11.66 ? 2865 GLU A O   1 
ATOM   647  C CB  . GLU A 1 77  ? -4.050  11.006  0.912   1.00 15.41 ? 2865 GLU A CB  1 
ATOM   648  C CG  . GLU A 1 77  ? -4.230  12.503  0.583   1.00 17.78 ? 2865 GLU A CG  1 
ATOM   649  C CD  . GLU A 1 77  ? -5.014  13.323  1.614   1.00 21.13 ? 2865 GLU A CD  1 
ATOM   650  O OE1 . GLU A 1 77  ? -5.404  12.815  2.699   1.00 22.38 ? 2865 GLU A OE1 1 
ATOM   651  O OE2 . GLU A 1 77  ? -5.244  14.531  1.318   1.00 26.41 ? 2865 GLU A OE2 1 
ATOM   652  N N   . PHE A 1 78  ? -4.430  7.868   0.304   1.00 11.15 ? 2866 PHE A N   1 
ATOM   653  C CA  . PHE A 1 78  ? -4.299  6.442   0.648   1.00 10.63 ? 2866 PHE A CA  1 
ATOM   654  C C   . PHE A 1 78  ? -3.571  5.692   -0.464  1.00 10.30 ? 2866 PHE A C   1 
ATOM   655  O O   . PHE A 1 78  ? -2.650  4.909   -0.208  1.00 10.36 ? 2866 PHE A O   1 
ATOM   656  C CB  . PHE A 1 78  ? -5.693  5.862   0.957   1.00 11.09 ? 2866 PHE A CB  1 
ATOM   657  C CG  . PHE A 1 78  ? -5.745  4.379   1.204   1.00 11.69 ? 2866 PHE A CG  1 
ATOM   658  C CD1 . PHE A 1 78  ? -5.979  3.459   0.162   1.00 12.38 ? 2866 PHE A CD1 1 
ATOM   659  C CD2 . PHE A 1 78  ? -5.592  3.885   2.493   1.00 12.13 ? 2866 PHE A CD2 1 
ATOM   660  C CE1 . PHE A 1 78  ? -6.042  2.085   0.416   1.00 13.05 ? 2866 PHE A CE1 1 
ATOM   661  C CE2 . PHE A 1 78  ? -5.702  2.518   2.753   1.00 12.36 ? 2866 PHE A CE2 1 
ATOM   662  C CZ  . PHE A 1 78  ? -5.901  1.623   1.719   1.00 12.82 ? 2866 PHE A CZ  1 
ATOM   663  N N   . VAL A 1 79  ? -3.984  5.932   -1.713  1.00 10.77 ? 2867 VAL A N   1 
ATOM   664  C CA  . VAL A 1 79  ? -3.323  5.325   -2.877  1.00 10.90 ? 2867 VAL A CA  1 
ATOM   665  C C   . VAL A 1 79  ? -1.841  5.718   -2.977  1.00 10.82 ? 2867 VAL A C   1 
ATOM   666  O O   . VAL A 1 79  ? -0.964  4.876   -3.258  1.00 11.16 ? 2867 VAL A O   1 
ATOM   667  C CB  . VAL A 1 79  ? -4.083  5.642   -4.197  1.00 11.01 ? 2867 VAL A CB  1 
ATOM   668  C CG1 . VAL A 1 79  ? -3.307  5.140   -5.430  1.00 12.07 ? 2867 VAL A CG1 1 
ATOM   669  C CG2 . VAL A 1 79  ? -5.472  5.049   -4.132  1.00 11.97 ? 2867 VAL A CG2 1 
ATOM   670  N N   . ALA A 1 80  ? -1.524  6.971   -2.665  1.00 11.18 ? 2868 ALA A N   1 
ATOM   671  C CA  . ALA A 1 80  ? -0.123  7.424   -2.681  1.00 11.57 ? 2868 ALA A CA  1 
ATOM   672  C C   . ALA A 1 80  ? 0.760   6.679   -1.643  1.00 10.16 ? 2868 ALA A C   1 
ATOM   673  O O   . ALA A 1 80  ? 1.899   6.286   -1.958  1.00 10.86 ? 2868 ALA A O   1 
ATOM   674  C CB  . ALA A 1 80  ? -0.020  8.948   -2.466  1.00 12.42 ? 2868 ALA A CB  1 
ATOM   675  N N   . ASP A 1 81  ? 0.281   6.474   -0.409  1.00 10.56 ? 2869 ASP A N   1 
ATOM   676  C CA  . ASP A 1 81  ? 1.054   5.695   0.578   1.00 10.35 ? 2869 ASP A CA  1 
ATOM   677  C C   . ASP A 1 81  ? 1.249   4.253   0.117   1.00 10.16 ? 2869 ASP A C   1 
ATOM   678  O O   . ASP A 1 81  ? 2.370   3.696   0.229   1.00 10.48 ? 2869 ASP A O   1 
ATOM   679  C CB  . ASP A 1 81  ? 0.406   5.710   1.977   1.00 10.89 ? 2869 ASP A CB  1 
ATOM   680  C CG  . ASP A 1 81  ? 0.800   6.911   2.853   1.00 11.34 ? 2869 ASP A CG  1 
ATOM   681  O OD1 . ASP A 1 81  ? 1.654   7.735   2.460   1.00 13.72 ? 2869 ASP A OD1 1 
ATOM   682  O OD2 . ASP A 1 81  ? 0.272   6.965   4.004   1.00 12.32 ? 2869 ASP A OD2 1 
ATOM   683  N N   . MET A 1 82  ? 0.195   3.629   -0.445  1.00 10.29 ? 2870 MET A N   1 
ATOM   684  C CA  . MET A 1 82  ? 0.323   2.243   -0.887  1.00 11.26 ? 2870 MET A CA  1 
ATOM   685  C C   . MET A 1 82  ? 1.344   2.132   -2.021  1.00 10.87 ? 2870 MET A C   1 
ATOM   686  O O   . MET A 1 82  ? 2.204   1.219   -2.084  1.00 11.21 ? 2870 MET A O   1 
ATOM   687  C CB  . MET A 1 82  ? -1.048  1.709   -1.334  1.00 11.71 ? 2870 MET A CB  1 
ATOM   688  C CG  . MET A 1 82  ? -1.052  0.209   -1.636  1.00 12.27 ? 2870 MET A CG  1 
ATOM   689  S SD  . MET A 1 82  ? -0.750  -0.912  -0.243  1.00 14.61 ? 2870 MET A SD  1 
ATOM   690  C CE  . MET A 1 82  ? -2.215  -0.635  0.698   1.00 15.45 ? 2870 MET A CE  1 
ATOM   691  N N   . THR A 1 83  ? 1.268   3.064   -2.978  1.00 11.22 ? 2871 THR A N   1 
ATOM   692  C CA  . THR A 1 83  ? 2.157   3.059   -4.143  1.00 11.89 ? 2871 THR A CA  1 
ATOM   693  C C   . THR A 1 83  ? 3.620   3.246   -3.716  1.00 12.11 ? 2871 THR A C   1 
ATOM   694  O O   . THR A 1 83  ? 4.553   2.652   -4.318  1.00 11.35 ? 2871 THR A O   1 
ATOM   695  C CB  . THR A 1 83  ? 1.701   4.142   -5.154  1.00 13.12 ? 2871 THR A CB  1 
ATOM   696  O OG1 . THR A 1 83  ? 0.363   3.828   -5.574  1.00 15.71 ? 2871 THR A OG1 1 
ATOM   697  C CG2 . THR A 1 83  ? 2.629   4.209   -6.391  1.00 14.74 ? 2871 THR A CG2 1 
ATOM   698  N N   . LYS A 1 84  ? 3.862   4.053   -2.685  1.00 11.32 ? 2872 LYS A N   1 
ATOM   699  C CA  . LYS A 1 84  ? 5.203   4.205   -2.100  1.00 12.39 ? 2872 LYS A CA  1 
ATOM   700  C C   . LYS A 1 84  ? 5.822   2.875   -1.618  1.00 10.70 ? 2872 LYS A C   1 
ATOM   701  O O   . LYS A 1 84  ? 7.016   2.623   -1.823  1.00 10.60 ? 2872 LYS A O   1 
ATOM   702  C CB  . LYS A 1 84  ? 5.139   5.253   -0.961  1.00 15.40 ? 2872 LYS A CB  1 
ATOM   703  C CG  . LYS A 1 84  ? 6.436   5.867   -0.510  1.00 17.74 ? 2872 LYS A CG  1 
ATOM   704  C CD  . LYS A 1 84  ? 6.210   7.256   0.080   1.00 19.20 ? 2872 LYS A CD  1 
ATOM   705  C CE  . LYS A 1 84  ? 5.431   7.247   1.383   1.00 19.75 ? 2872 LYS A CE  1 
ATOM   706  N NZ  . LYS A 1 84  ? 5.106   8.657   1.801   1.00 20.98 ? 2872 LYS A NZ  1 
ATOM   707  N N   . ILE A 1 85  ? 4.985   1.991   -1.044  1.00 10.37 ? 2873 ILE A N   1 
ATOM   708  C CA  . ILE A 1 85  ? 5.491   0.670   -0.638  1.00 10.13 ? 2873 ILE A CA  1 
ATOM   709  C C   . ILE A 1 85  ? 6.136   -0.039  -1.845  1.00 10.67 ? 2873 ILE A C   1 
ATOM   710  O O   . ILE A 1 85  ? 7.253   -0.577  -1.779  1.00 10.85 ? 2873 ILE A O   1 
ATOM   711  C CB  . ILE A 1 85  ? 4.387   -0.205  0.018   1.00 9.99  ? 2873 ILE A CB  1 
ATOM   712  C CG1 . ILE A 1 85  ? 3.873   0.449   1.323   1.00 10.23 ? 2873 ILE A CG1 1 
ATOM   713  C CG2 . ILE A 1 85  ? 4.889   -1.625  0.277   1.00 10.65 ? 2873 ILE A CG2 1 
ATOM   714  C CD1 . ILE A 1 85  ? 2.725   -0.252  2.000   1.00 10.21 ? 2873 ILE A CD1 1 
ATOM   715  N N   . PHE A 1 86  ? 5.406   -0.069  -2.938  1.00 10.21 ? 2874 PHE A N   1 
ATOM   716  C CA  . PHE A 1 86  ? 5.841   -0.839  -4.125  1.00 10.92 ? 2874 PHE A CA  1 
ATOM   717  C C   . PHE A 1 86  ? 6.984   -0.131  -4.883  1.00 10.36 ? 2874 PHE A C   1 
ATOM   718  O O   . PHE A 1 86  ? 7.939   -0.806  -5.324  1.00 11.06 ? 2874 PHE A O   1 
ATOM   719  C CB  . PHE A 1 86  ? 4.664   -1.125  -5.062  1.00 11.53 ? 2874 PHE A CB  1 
ATOM   720  C CG  . PHE A 1 86  ? 3.488   -1.795  -4.348  1.00 12.73 ? 2874 PHE A CG  1 
ATOM   721  C CD1 . PHE A 1 86  ? 3.716   -2.895  -3.529  1.00 15.08 ? 2874 PHE A CD1 1 
ATOM   722  C CD2 . PHE A 1 86  ? 2.193   -1.333  -4.483  1.00 13.81 ? 2874 PHE A CD2 1 
ATOM   723  C CE1 . PHE A 1 86  ? 2.661   -3.528  -2.848  1.00 17.03 ? 2874 PHE A CE1 1 
ATOM   724  C CE2 . PHE A 1 86  ? 1.144   -1.967  -3.819  1.00 15.47 ? 2874 PHE A CE2 1 
ATOM   725  C CZ  . PHE A 1 86  ? 1.400   -3.037  -3.011  1.00 15.95 ? 2874 PHE A CZ  1 
ATOM   726  N N   . ASP A 1 87  ? 6.897   1.182   -4.998  1.00 10.37 ? 2875 ASP A N   1 
ATOM   727  C CA  . ASP A 1 87  ? 7.947   1.924   -5.701  1.00 10.78 ? 2875 ASP A CA  1 
ATOM   728  C C   . ASP A 1 87  ? 9.278   1.903   -4.911  1.00 10.64 ? 2875 ASP A C   1 
ATOM   729  O O   . ASP A 1 87  ? 10.381  1.782   -5.529  1.00 10.68 ? 2875 ASP A O   1 
ATOM   730  C CB  . ASP A 1 87  ? 7.512   3.367   -5.959  1.00 12.22 ? 2875 ASP A CB  1 
ATOM   731  C CG  . ASP A 1 87  ? 6.455   3.505   -7.069  1.00 14.47 ? 2875 ASP A CG  1 
ATOM   732  O OD1 . ASP A 1 87  ? 6.074   2.509   -7.727  1.00 16.98 ? 2875 ASP A OD1 1 
ATOM   733  O OD2 . ASP A 1 87  ? 6.040   4.676   -7.253  1.00 17.33 ? 2875 ASP A OD2 1 
ATOM   734  N N   . ASN A 1 88  ? 9.213   1.985   -3.581  1.00 9.97  ? 2876 ASN A N   1 
ATOM   735  C CA  . ASN A 1 88  ? 10.431  1.897   -2.767  1.00 10.01 ? 2876 ASN A CA  1 
ATOM   736  C C   . ASN A 1 88  ? 11.124  0.547   -3.006  1.00 10.44 ? 2876 ASN A C   1 
ATOM   737  O O   . ASN A 1 88  ? 12.353  0.448   -3.176  1.00 10.90 ? 2876 ASN A O   1 
ATOM   738  C CB  . ASN A 1 88  ? 10.118  2.044   -1.262  1.00 9.86  ? 2876 ASN A CB  1 
ATOM   739  C CG  . ASN A 1 88  ? 9.759   3.464   -0.841  1.00 10.57 ? 2876 ASN A CG  1 
ATOM   740  O OD1 . ASN A 1 88  ? 9.885   4.429   -1.610  1.00 11.31 ? 2876 ASN A OD1 1 
ATOM   741  N ND2 . ASN A 1 88  ? 9.265   3.586   0.432   1.00 11.10 ? 2876 ASN A ND2 1 
ATOM   742  N N   . CYS A 1 89  ? 10.308  -0.515  -3.043  1.00 9.65  ? 2877 CYS A N   1 
ATOM   743  C CA  . CYS A 1 89  ? 10.829  -1.870  -3.204  1.00 11.07 ? 2877 CYS A CA  1 
ATOM   744  C C   . CYS A 1 89  ? 11.504  -2.063  -4.584  1.00 11.06 ? 2877 CYS A C   1 
ATOM   745  O O   . CYS A 1 89  ? 12.606  -2.691  -4.671  1.00 12.06 ? 2877 CYS A O   1 
ATOM   746  C CB  . CYS A 1 89  ? 9.703   -2.915  -2.995  1.00 10.69 ? 2877 CYS A CB  1 
ATOM   747  S SG  . CYS A 1 89  ? 10.145  -4.646  -3.160  1.00 13.67 ? 2877 CYS A SG  1 
ATOM   748  N N   . ARG A 1 90  ? 10.846  -1.613  -5.639  1.00 11.54 ? 2878 ARG A N   1 
ATOM   749  C CA  . ARG A 1 90  ? 11.425  -1.718  -6.988  1.00 12.43 ? 2878 ARG A CA  1 
ATOM   750  C C   . ARG A 1 90  ? 12.650  -0.845  -7.236  1.00 12.90 ? 2878 ARG A C   1 
ATOM   751  O O   . ARG A 1 90  ? 13.438  -1.156  -8.135  1.00 14.67 ? 2878 ARG A O   1 
ATOM   752  C CB  . ARG A 1 90  ? 10.361  -1.492  -8.042  1.00 13.43 ? 2878 ARG A CB  1 
ATOM   753  C CG  . ARG A 1 90  ? 9.330   -2.636  -8.066  1.00 15.10 ? 2878 ARG A CG  1 
ATOM   754  C CD  . ARG A 1 90  ? 8.423   -2.535  -9.270  1.00 16.86 ? 2878 ARG A CD  1 
ATOM   755  N NE  . ARG A 1 90  ? 7.547   -1.390  -9.072  1.00 17.14 ? 2878 ARG A NE  1 
ATOM   756  C CZ  . ARG A 1 90  ? 6.255   -1.405  -8.760  1.00 17.07 ? 2878 ARG A CZ  1 
ATOM   757  N NH1 . ARG A 1 90  ? 5.551   -2.533  -8.708  1.00 19.16 ? 2878 ARG A NH1 1 
ATOM   758  N NH2 . ARG A 1 90  ? 5.630   -0.258  -8.517  1.00 17.16 ? 2878 ARG A NH2 1 
ATOM   759  N N   . TYR A 1 91  ? 12.848  0.222   -6.464  1.00 11.88 ? 2879 TYR A N   1 
ATOM   760  C CA  . TYR A 1 91  ? 14.061  1.060   -6.533  1.00 12.00 ? 2879 TYR A CA  1 
ATOM   761  C C   . TYR A 1 91  ? 15.203  0.471   -5.723  1.00 12.46 ? 2879 TYR A C   1 
ATOM   762  O O   . TYR A 1 91  ? 16.358  0.504   -6.166  1.00 13.73 ? 2879 TYR A O   1 
ATOM   763  C CB  . TYR A 1 91  ? 13.711  2.482   -6.041  1.00 12.09 ? 2879 TYR A CB  1 
ATOM   764  C CG  . TYR A 1 91  ? 14.865  3.485   -5.979  1.00 12.19 ? 2879 TYR A CG  1 
ATOM   765  C CD1 . TYR A 1 91  ? 15.525  3.929   -7.138  1.00 11.99 ? 2879 TYR A CD1 1 
ATOM   766  C CD2 . TYR A 1 91  ? 15.285  4.023   -4.763  1.00 12.56 ? 2879 TYR A CD2 1 
ATOM   767  C CE1 . TYR A 1 91  ? 16.562  4.875   -7.052  1.00 12.57 ? 2879 TYR A CE1 1 
ATOM   768  C CE2 . TYR A 1 91  ? 16.277  4.973   -4.678  1.00 13.19 ? 2879 TYR A CE2 1 
ATOM   769  C CZ  . TYR A 1 91  ? 16.931  5.382   -5.817  1.00 13.06 ? 2879 TYR A CZ  1 
ATOM   770  O OH  . TYR A 1 91  ? 17.926  6.361   -5.706  1.00 15.68 ? 2879 TYR A OH  1 
ATOM   771  N N   . TYR A 1 92  ? 14.916  -0.068  -4.558  1.00 12.36 ? 2880 TYR A N   1 
ATOM   772  C CA  . TYR A 1 92  ? 15.979  -0.635  -3.695  1.00 12.30 ? 2880 TYR A CA  1 
ATOM   773  C C   . TYR A 1 92  ? 16.537  -1.959  -4.200  1.00 12.99 ? 2880 TYR A C   1 
ATOM   774  O O   . TYR A 1 92  ? 17.762  -2.197  -4.135  1.00 14.59 ? 2880 TYR A O   1 
ATOM   775  C CB  . TYR A 1 92  ? 15.504  -0.756  -2.219  1.00 13.35 ? 2880 TYR A CB  1 
ATOM   776  C CG  . TYR A 1 92  ? 16.578  -1.314  -1.287  1.00 14.73 ? 2880 TYR A CG  1 
ATOM   777  C CD1 . TYR A 1 92  ? 17.642  -0.518  -0.851  1.00 16.12 ? 2880 TYR A CD1 1 
ATOM   778  C CD2 . TYR A 1 92  ? 16.536  -2.650  -0.853  1.00 16.15 ? 2880 TYR A CD2 1 
ATOM   779  C CE1 . TYR A 1 92  ? 18.637  -1.047  -0.014  1.00 16.79 ? 2880 TYR A CE1 1 
ATOM   780  C CE2 . TYR A 1 92  ? 17.524  -3.172  -0.021  1.00 17.59 ? 2880 TYR A CE2 1 
ATOM   781  C CZ  . TYR A 1 92  ? 18.573  -2.365  0.368   1.00 16.74 ? 2880 TYR A CZ  1 
ATOM   782  O OH  . TYR A 1 92  ? 19.570  -2.885  1.213   1.00 21.46 ? 2880 TYR A OH  1 
ATOM   783  N N   . ASN A 1 93  ? 15.674  -2.841  -4.698  1.00 12.27 ? 2881 ASN A N   1 
ATOM   784  C CA  . ASN A 1 93  ? 16.035  -4.230  -5.029  1.00 13.11 ? 2881 ASN A CA  1 
ATOM   785  C C   . ASN A 1 93  ? 16.195  -4.412  -6.544  1.00 14.16 ? 2881 ASN A C   1 
ATOM   786  O O   . ASN A 1 93  ? 15.505  -3.758  -7.310  1.00 14.05 ? 2881 ASN A O   1 
ATOM   787  C CB  . ASN A 1 93  ? 14.922  -5.170  -4.551  1.00 13.38 ? 2881 ASN A CB  1 
ATOM   788  C CG  . ASN A 1 93  ? 14.766  -5.175  -3.043  1.00 13.07 ? 2881 ASN A CG  1 
ATOM   789  O OD1 . ASN A 1 93  ? 15.637  -5.696  -2.325  1.00 15.58 ? 2881 ASN A OD1 1 
ATOM   790  N ND2 . ASN A 1 93  ? 13.670  -4.632  -2.529  1.00 14.43 ? 2881 ASN A ND2 1 
ATOM   791  N N   . PRO A 1 94  ? 17.082  -5.337  -6.979  1.00 16.76 ? 2882 PRO A N   1 
ATOM   792  C CA  . PRO A 1 94  ? 17.155  -5.622  -8.430  1.00 17.73 ? 2882 PRO A CA  1 
ATOM   793  C C   . PRO A 1 94  ? 15.937  -6.372  -8.968  1.00 17.11 ? 2882 PRO A C   1 
ATOM   794  O O   . PRO A 1 94  ? 15.214  -7.030  -8.192  1.00 15.66 ? 2882 PRO A O   1 
ATOM   795  C CB  . PRO A 1 94  ? 18.419  -6.481  -8.563  1.00 20.29 ? 2882 PRO A CB  1 
ATOM   796  C CG  . PRO A 1 94  ? 18.670  -7.055  -7.213  1.00 19.51 ? 2882 PRO A CG  1 
ATOM   797  C CD  . PRO A 1 94  ? 18.032  -6.148  -6.197  1.00 18.76 ? 2882 PRO A CD  1 
ATOM   798  N N   . SER A 1 95  ? 15.716  -6.279  -10.277 1.00 17.09 ? 2883 SER A N   1 
ATOM   799  C CA  . SER A 1 95  ? 14.519  -6.831  -10.916 1.00 18.82 ? 2883 SER A CA  1 
ATOM   800  C C   . SER A 1 95  ? 14.404  -8.349  -10.828 1.00 20.25 ? 2883 SER A C   1 
ATOM   801  O O   . SER A 1 95  ? 13.309  -8.857  -11.009 1.00 22.84 ? 2883 SER A O   1 
ATOM   802  C CB  . SER A 1 95  ? 14.404  -6.395  -12.379 1.00 19.34 ? 2883 SER A CB  1 
ATOM   803  O OG  . SER A 1 95  ? 15.503  -6.853  -13.134 1.00 22.36 ? 2883 SER A OG  1 
ATOM   804  N N   . ASP A 1 96  ? 15.503  -9.062  -10.575 1.00 20.37 ? 2884 ASP A N   1 
ATOM   805  C CA  . ASP A 1 96  ? 15.443  -10.539 -10.385 1.00 20.57 ? 2884 ASP A CA  1 
ATOM   806  C C   . ASP A 1 96  ? 15.341  -11.050 -8.922  1.00 20.24 ? 2884 ASP A C   1 
ATOM   807  O O   . ASP A 1 96  ? 15.395  -12.260 -8.687  1.00 21.95 ? 2884 ASP A O   1 
ATOM   808  C CB  . ASP A 1 96  ? 16.611  -11.210 -11.138 1.00 23.89 ? 2884 ASP A CB  1 
ATOM   809  C CG  . ASP A 1 96  ? 17.970  -10.901 -10.540 1.00 27.15 ? 2884 ASP A CG  1 
ATOM   810  O OD1 . ASP A 1 96  ? 18.122  -9.968  -9.719  1.00 27.96 ? 2884 ASP A OD1 1 
ATOM   811  O OD2 . ASP A 1 96  ? 18.939  -11.615 -10.920 1.00 30.42 ? 2884 ASP A OD2 1 
ATOM   812  N N   A SER A 1 97  ? 15.214  -10.146 -7.960  0.25 19.00 ? 2885 SER A N   1 
ATOM   813  N N   B SER A 1 97  ? 15.190  -10.120 -7.976  0.25 18.78 ? 2885 SER A N   1 
ATOM   814  C CA  A SER A 1 97  ? 15.109  -10.542 -6.564  0.25 18.01 ? 2885 SER A CA  1 
ATOM   815  C CA  B SER A 1 97  ? 15.025  -10.410 -6.551  0.25 17.57 ? 2885 SER A CA  1 
ATOM   816  C C   A SER A 1 97  ? 13.674  -10.936 -6.211  0.25 17.43 ? 2885 SER A C   1 
ATOM   817  C C   B SER A 1 97  ? 13.622  -10.939 -6.231  0.25 17.22 ? 2885 SER A C   1 
ATOM   818  O O   A SER A 1 97  ? 12.718  -10.390 -6.776  0.25 16.80 ? 2885 SER A O   1 
ATOM   819  O O   B SER A 1 97  ? 12.640  -10.495 -6.842  0.25 16.62 ? 2885 SER A O   1 
ATOM   820  C CB  A SER A 1 97  ? 15.554  -9.399  -5.676  0.25 18.20 ? 2885 SER A CB  1 
ATOM   821  C CB  B SER A 1 97  ? 15.263  -9.119  -5.755  0.25 17.57 ? 2885 SER A CB  1 
ATOM   822  O OG  A SER A 1 97  ? 14.593  -8.370  -5.723  0.25 17.43 ? 2885 SER A OG  1 
ATOM   823  O OG  B SER A 1 97  ? 14.986  -9.273  -4.373  0.25 16.27 ? 2885 SER A OG  1 
ATOM   824  N N   . PRO A 1 98  ? 13.506  -11.867 -5.252  1.00 16.94 ? 2886 PRO A N   1 
ATOM   825  C CA  . PRO A 1 98  ? 12.141  -12.258 -4.811  1.00 16.14 ? 2886 PRO A CA  1 
ATOM   826  C C   . PRO A 1 98  ? 11.346  -11.065 -4.189  1.00 14.84 ? 2886 PRO A C   1 
ATOM   827  O O   . PRO A 1 98  ? 10.145  -11.036 -4.265  1.00 14.36 ? 2886 PRO A O   1 
ATOM   828  C CB  . PRO A 1 98  ? 12.402  -13.365 -3.763  1.00 18.07 ? 2886 PRO A CB  1 
ATOM   829  C CG  . PRO A 1 98  ? 13.808  -13.169 -3.346  1.00 19.50 ? 2886 PRO A CG  1 
ATOM   830  C CD  . PRO A 1 98  ? 14.550  -12.676 -4.554  1.00 18.02 ? 2886 PRO A CD  1 
ATOM   831  N N   . PHE A 1 99  ? 12.039  -10.091 -3.588  1.00 13.06 ? 2887 PHE A N   1 
ATOM   832  C CA  . PHE A 1 99  ? 11.347  -8.910  -3.069  1.00 13.33 ? 2887 PHE A CA  1 
ATOM   833  C C   . PHE A 1 99  ? 10.660  -8.111  -4.185  1.00 12.40 ? 2887 PHE A C   1 
ATOM   834  O O   . PHE A 1 99  ? 9.514   -7.732  -4.043  1.00 12.41 ? 2887 PHE A O   1 
ATOM   835  C CB  . PHE A 1 99  ? 12.337  -7.969  -2.350  1.00 15.32 ? 2887 PHE A CB  1 
ATOM   836  C CG  . PHE A 1 99  ? 12.928  -8.534  -1.070  1.00 17.24 ? 2887 PHE A CG  1 
ATOM   837  C CD1 . PHE A 1 99  ? 12.214  -8.491  0.110   1.00 19.99 ? 2887 PHE A CD1 1 
ATOM   838  C CD2 . PHE A 1 99  ? 14.223  -9.070  -1.039  1.00 21.35 ? 2887 PHE A CD2 1 
ATOM   839  C CE1 . PHE A 1 99  ? 12.745  -8.979  1.301   1.00 21.89 ? 2887 PHE A CE1 1 
ATOM   840  C CE2 . PHE A 1 99  ? 14.764  -9.564  0.150   1.00 22.00 ? 2887 PHE A CE2 1 
ATOM   841  C CZ  . PHE A 1 99  ? 14.024  -9.523  1.314   1.00 22.21 ? 2887 PHE A CZ  1 
ATOM   842  N N   . TYR A 1 100 ? 11.372  -7.897  -5.289  1.00 13.43 ? 2888 TYR A N   1 
ATOM   843  C CA  . TYR A 1 100 ? 10.829  -7.228  -6.475  1.00 13.81 ? 2888 TYR A CA  1 
ATOM   844  C C   . TYR A 1 100 ? 9.608   -7.966  -7.027  1.00 14.47 ? 2888 TYR A C   1 
ATOM   845  O O   . TYR A 1 100 ? 8.588   -7.335  -7.320  1.00 14.23 ? 2888 TYR A O   1 
ATOM   846  C CB  . TYR A 1 100 ? 11.957  -7.080  -7.518  1.00 13.76 ? 2888 TYR A CB  1 
ATOM   847  C CG  . TYR A 1 100 ? 11.690  -6.095  -8.663  1.00 14.27 ? 2888 TYR A CG  1 
ATOM   848  C CD1 . TYR A 1 100 ? 10.784  -6.392  -9.695  1.00 15.42 ? 2888 TYR A CD1 1 
ATOM   849  C CD2 . TYR A 1 100 ? 12.405  -4.890  -8.748  1.00 15.18 ? 2888 TYR A CD2 1 
ATOM   850  C CE1 . TYR A 1 100 ? 10.574  -5.520  -10.761 1.00 16.26 ? 2888 TYR A CE1 1 
ATOM   851  C CE2 . TYR A 1 100 ? 12.211  -4.016  -9.823  1.00 15.55 ? 2888 TYR A CE2 1 
ATOM   852  C CZ  . TYR A 1 100 ? 11.293  -4.335  -10.816 1.00 15.30 ? 2888 TYR A CZ  1 
ATOM   853  O OH  . TYR A 1 100 ? 11.070  -3.458  -11.881 1.00 20.18 ? 2888 TYR A OH  1 
ATOM   854  N N   A GLN A 1 101 ? 9.723   -9.285  -7.163  0.38 15.25 ? 2889 GLN A N   1 
ATOM   855  N N   B GLN A 1 101 ? 9.722   -9.291  -7.148  0.12 14.11 ? 2889 GLN A N   1 
ATOM   856  C CA  A GLN A 1 101 ? 8.617   -10.146 -7.593  0.38 16.52 ? 2889 GLN A CA  1 
ATOM   857  C CA  B GLN A 1 101 ? 8.619   -10.158 -7.582  0.12 14.19 ? 2889 GLN A CA  1 
ATOM   858  C C   A GLN A 1 101 ? 7.370   -9.974  -6.710  0.38 14.98 ? 2889 GLN A C   1 
ATOM   859  C C   B GLN A 1 101 ? 7.370   -10.000 -6.711  0.12 13.87 ? 2889 GLN A C   1 
ATOM   860  O O   A GLN A 1 101 ? 6.246   -9.883  -7.220  0.38 14.80 ? 2889 GLN A O   1 
ATOM   861  O O   B GLN A 1 101 ? 6.254   -9.942  -7.234  0.12 13.82 ? 2889 GLN A O   1 
ATOM   862  C CB  A GLN A 1 101 ? 9.060   -11.623 -7.583  0.38 19.68 ? 2889 GLN A CB  1 
ATOM   863  C CB  B GLN A 1 101 ? 9.050   -11.632 -7.571  0.12 14.61 ? 2889 GLN A CB  1 
ATOM   864  C CG  A GLN A 1 101 ? 7.970   -12.662 -7.858  0.38 22.35 ? 2889 GLN A CG  1 
ATOM   865  C CG  B GLN A 1 101 ? 7.940   -12.616 -7.925  0.12 14.82 ? 2889 GLN A CG  1 
ATOM   866  C CD  A GLN A 1 101 ? 8.374   -14.075 -7.454  0.38 25.13 ? 2889 GLN A CD  1 
ATOM   867  C CD  B GLN A 1 101 ? 8.293   -14.062 -7.616  0.12 14.91 ? 2889 GLN A CD  1 
ATOM   868  O OE1 A GLN A 1 101 ? 9.554   -14.435 -7.485  0.38 28.00 ? 2889 GLN A OE1 1 
ATOM   869  O OE1 B GLN A 1 101 ? 8.512   -14.436 -6.456  0.12 13.59 ? 2889 GLN A OE1 1 
ATOM   870  N NE2 A GLN A 1 101 ? 7.391   -14.881 -7.062  0.38 23.89 ? 2889 GLN A NE2 1 
ATOM   871  N NE2 B GLN A 1 101 ? 8.330   -14.888 -8.650  0.12 14.86 ? 2889 GLN A NE2 1 
ATOM   872  N N   . CYS A 1 102 ? 7.559   -9.951  -5.391  1.00 13.40 ? 2890 CYS A N   1 
ATOM   873  C CA  . CYS A 1 102 ? 6.430   -9.764  -4.461  1.00 13.74 ? 2890 CYS A CA  1 
ATOM   874  C C   . CYS A 1 102 ? 5.729   -8.424  -4.672  1.00 12.79 ? 2890 CYS A C   1 
ATOM   875  O O   . CYS A 1 102 ? 4.512   -8.339  -4.642  1.00 12.66 ? 2890 CYS A O   1 
ATOM   876  C CB  . CYS A 1 102 ? 6.851   -9.898  -3.008  1.00 13.76 ? 2890 CYS A CB  1 
ATOM   877  S SG  . CYS A 1 102 ? 7.325   -11.540 -2.410  1.00 16.99 ? 2890 CYS A SG  1 
ATOM   878  N N   . ALA A 1 103 ? 6.503   -7.372  -4.930  1.00 12.12 ? 2891 ALA A N   1 
ATOM   879  C CA  . ALA A 1 103 ? 5.919   -6.072  -5.275  1.00 12.54 ? 2891 ALA A CA  1 
ATOM   880  C C   . ALA A 1 103 ? 5.047   -6.093  -6.544  1.00 12.79 ? 2891 ALA A C   1 
ATOM   881  O O   . ALA A 1 103 ? 3.958   -5.474  -6.563  1.00 12.91 ? 2891 ALA A O   1 
ATOM   882  C CB  . ALA A 1 103 ? 7.007   -4.960  -5.392  1.00 12.79 ? 2891 ALA A CB  1 
ATOM   883  N N   A GLU A 1 104 ? 5.515   -6.783  -7.588  0.25 13.03 ? 2892 GLU A N   1 
ATOM   884  N N   B GLU A 1 104 ? 5.495   -6.786  -7.590  0.25 12.57 ? 2892 GLU A N   1 
ATOM   885  C CA  A GLU A 1 104 ? 4.748   -6.947  -8.834  0.25 13.69 ? 2892 GLU A CA  1 
ATOM   886  C CA  B GLU A 1 104 ? 4.711   -6.870  -8.830  0.25 12.89 ? 2892 GLU A CA  1 
ATOM   887  C C   A GLU A 1 104 ? 3.388   -7.603  -8.562  0.25 13.21 ? 2892 GLU A C   1 
ATOM   888  C C   B GLU A 1 104 ? 3.382   -7.632  -8.615  0.25 12.79 ? 2892 GLU A C   1 
ATOM   889  O O   A GLU A 1 104 ? 2.336   -7.107  -8.987  0.25 13.04 ? 2892 GLU A O   1 
ATOM   890  O O   B GLU A 1 104 ? 2.336   -7.232  -9.139  0.25 12.57 ? 2892 GLU A O   1 
ATOM   891  C CB  A GLU A 1 104 ? 5.532   -7.814  -9.833  0.25 15.04 ? 2892 GLU A CB  1 
ATOM   892  C CB  B GLU A 1 104 ? 5.549   -7.508  -9.951  0.25 13.51 ? 2892 GLU A CB  1 
ATOM   893  C CG  A GLU A 1 104 ? 6.799   -7.198  -10.402 0.25 16.21 ? 2892 GLU A CG  1 
ATOM   894  C CG  B GLU A 1 104 ? 6.829   -6.760  -10.309 0.25 14.25 ? 2892 GLU A CG  1 
ATOM   895  C CD  A GLU A 1 104 ? 7.556   -8.155  -11.310 0.25 17.49 ? 2892 GLU A CD  1 
ATOM   896  C CD  B GLU A 1 104 ? 6.600   -5.580  -11.236 0.25 14.73 ? 2892 GLU A CD  1 
ATOM   897  O OE1 A GLU A 1 104 ? 7.652   -9.355  -10.975 0.25 19.54 ? 2892 GLU A OE1 1 
ATOM   898  O OE1 B GLU A 1 104 ? 7.075   -5.652  -12.393 0.25 16.37 ? 2892 GLU A OE1 1 
ATOM   899  O OE2 A GLU A 1 104 ? 8.058   -7.700  -12.358 0.25 19.63 ? 2892 GLU A OE2 1 
ATOM   900  O OE2 B GLU A 1 104 ? 5.959   -4.597  -10.815 0.25 15.85 ? 2892 GLU A OE2 1 
ATOM   901  N N   . VAL A 1 105 ? 3.423   -8.725  -7.853  1.00 12.37 ? 2893 VAL A N   1 
ATOM   902  C CA  . VAL A 1 105 ? 2.194   -9.490  -7.538  1.00 13.09 ? 2893 VAL A CA  1 
ATOM   903  C C   . VAL A 1 105 ? 1.216   -8.690  -6.669  1.00 12.44 ? 2893 VAL A C   1 
ATOM   904  O O   . VAL A 1 105 ? 0.012   -8.560  -6.985  1.00 12.15 ? 2893 VAL A O   1 
ATOM   905  C CB  . VAL A 1 105 ? 2.512   -10.881 -6.874  1.00 14.81 ? 2893 VAL A CB  1 
ATOM   906  C CG1 . VAL A 1 105 ? 1.205   -11.673 -6.651  1.00 16.47 ? 2893 VAL A CG1 1 
ATOM   907  C CG2 . VAL A 1 105 ? 3.510   -11.719 -7.685  1.00 16.32 ? 2893 VAL A CG2 1 
ATOM   908  N N   . LEU A 1 106 ? 1.744   -8.135  -5.585  1.00 11.63 ? 2894 LEU A N   1 
ATOM   909  C CA  . LEU A 1 106 ? 0.869   -7.484  -4.637  1.00 12.80 ? 2894 LEU A CA  1 
ATOM   910  C C   . LEU A 1 106 ? 0.321   -6.182  -5.207  1.00 12.52 ? 2894 LEU A C   1 
ATOM   911  O O   . LEU A 1 106 ? -0.838  -5.829  -4.947  1.00 12.66 ? 2894 LEU A O   1 
ATOM   912  C CB  . LEU A 1 106 ? 1.539   -7.277  -3.270  1.00 13.30 ? 2894 LEU A CB  1 
ATOM   913  C CG  . LEU A 1 106 ? 0.582   -7.064  -2.098  1.00 14.90 ? 2894 LEU A CG  1 
ATOM   914  C CD1 . LEU A 1 106 ? -0.316  -8.264  -1.815  1.00 15.20 ? 2894 LEU A CD1 1 
ATOM   915  C CD2 . LEU A 1 106 ? 1.352   -6.671  -0.850  1.00 15.63 ? 2894 LEU A CD2 1 
ATOM   916  N N   . GLU A 1 107 ? 1.084   -5.455  -6.037  1.00 11.98 ? 2895 GLU A N   1 
ATOM   917  C CA  . GLU A 1 107 ? 0.502   -4.247  -6.662  1.00 13.19 ? 2895 GLU A CA  1 
ATOM   918  C C   . GLU A 1 107 ? -0.666  -4.563  -7.618  1.00 12.82 ? 2895 GLU A C   1 
ATOM   919  O O   . GLU A 1 107 ? -1.688  -3.842  -7.608  1.00 12.04 ? 2895 GLU A O   1 
ATOM   920  C CB  . GLU A 1 107 ? 1.546   -3.401  -7.389  1.00 14.24 ? 2895 GLU A CB  1 
ATOM   921  C CG  . GLU A 1 107 ? 0.968   -2.064  -7.871  1.00 16.52 ? 2895 GLU A CG  1 
ATOM   922  C CD  . GLU A 1 107 ? 2.019   -1.000  -8.182  1.00 18.66 ? 2895 GLU A CD  1 
ATOM   923  O OE1 . GLU A 1 107 ? 3.124   -1.350  -8.601  1.00 22.79 ? 2895 GLU A OE1 1 
ATOM   924  O OE2 . GLU A 1 107 ? 1.726   0.200   -8.033  1.00 23.08 ? 2895 GLU A OE2 1 
ATOM   925  N N   . SER A 1 108 ? -0.533  -5.663  -8.381  1.00 12.76 ? 2896 SER A N   1 
ATOM   926  C CA  . SER A 1 108 ? -1.630  -6.112  -9.275  1.00 13.61 ? 2896 SER A CA  1 
ATOM   927  C C   . SER A 1 108 ? -2.906  -6.455  -8.457  1.00 12.72 ? 2896 SER A C   1 
ATOM   928  O O   . SER A 1 108 ? -4.035  -6.114  -8.855  1.00 11.94 ? 2896 SER A O   1 
ATOM   929  C CB  . SER A 1 108 ? -1.176  -7.335  -10.145 1.00 14.50 ? 2896 SER A CB  1 
ATOM   930  O OG  . SER A 1 108 ? -1.242  -8.580  -9.429  1.00 20.45 ? 2896 SER A OG  1 
ATOM   931  N N   . PHE A 1 109 ? -2.714  -7.097  -7.308  1.00 11.87 ? 2897 PHE A N   1 
ATOM   932  C CA  . PHE A 1 109 ? -3.813  -7.453  -6.404  1.00 11.50 ? 2897 PHE A CA  1 
ATOM   933  C C   . PHE A 1 109 ? -4.445  -6.175  -5.817  1.00 11.20 ? 2897 PHE A C   1 
ATOM   934  O O   . PHE A 1 109 ? -5.690  -6.044  -5.758  1.00 11.27 ? 2897 PHE A O   1 
ATOM   935  C CB  . PHE A 1 109 ? -3.295  -8.388  -5.310  1.00 12.58 ? 2897 PHE A CB  1 
ATOM   936  C CG  . PHE A 1 109 ? -4.339  -8.842  -4.338  1.00 13.12 ? 2897 PHE A CG  1 
ATOM   937  C CD1 . PHE A 1 109 ? -5.279  -9.817  -4.675  1.00 14.53 ? 2897 PHE A CD1 1 
ATOM   938  C CD2 . PHE A 1 109 ? -4.315  -8.393  -3.023  1.00 14.38 ? 2897 PHE A CD2 1 
ATOM   939  C CE1 . PHE A 1 109 ? -6.202  -10.249 -3.734  1.00 15.09 ? 2897 PHE A CE1 1 
ATOM   940  C CE2 . PHE A 1 109 ? -5.233  -8.843  -2.077  1.00 15.30 ? 2897 PHE A CE2 1 
ATOM   941  C CZ  . PHE A 1 109 ? -6.163  -9.781  -2.433  1.00 15.55 ? 2897 PHE A CZ  1 
ATOM   942  N N   . PHE A 1 110 ? -3.616  -5.226  -5.378  1.00 10.95 ? 2898 PHE A N   1 
ATOM   943  C CA  . PHE A 1 110 ? -4.124  -3.936  -4.904  1.00 11.24 ? 2898 PHE A CA  1 
ATOM   944  C C   . PHE A 1 110 ? -5.005  -3.229  -5.958  1.00 11.46 ? 2898 PHE A C   1 
ATOM   945  O O   . PHE A 1 110 ? -6.086  -2.722  -5.624  1.00 11.98 ? 2898 PHE A O   1 
ATOM   946  C CB  . PHE A 1 110 ? -2.981  -3.010  -4.439  1.00 11.24 ? 2898 PHE A CB  1 
ATOM   947  C CG  . PHE A 1 110 ? -3.435  -1.639  -4.045  1.00 11.47 ? 2898 PHE A CG  1 
ATOM   948  C CD1 . PHE A 1 110 ? -4.268  -1.435  -2.959  1.00 11.49 ? 2898 PHE A CD1 1 
ATOM   949  C CD2 . PHE A 1 110 ? -3.048  -0.512  -4.781  1.00 12.55 ? 2898 PHE A CD2 1 
ATOM   950  C CE1 . PHE A 1 110 ? -4.720  -0.154  -2.617  1.00 12.80 ? 2898 PHE A CE1 1 
ATOM   951  C CE2 . PHE A 1 110 ? -3.471  0.772   -4.418  1.00 12.78 ? 2898 PHE A CE2 1 
ATOM   952  C CZ  . PHE A 1 110 ? -4.313  0.936   -3.348  1.00 12.87 ? 2898 PHE A CZ  1 
ATOM   953  N N   . VAL A 1 111 ? -4.536  -3.165  -7.202  1.00 11.12 ? 2899 VAL A N   1 
ATOM   954  C CA  . VAL A 1 111 ? -5.327  -2.529  -8.270  1.00 12.06 ? 2899 VAL A CA  1 
ATOM   955  C C   . VAL A 1 111 ? -6.698  -3.225  -8.420  1.00 11.70 ? 2899 VAL A C   1 
ATOM   956  O O   . VAL A 1 111 ? -7.734  -2.533  -8.575  1.00 12.49 ? 2899 VAL A O   1 
ATOM   957  C CB  . VAL A 1 111 ? -4.526  -2.474  -9.575  1.00 13.21 ? 2899 VAL A CB  1 
ATOM   958  C CG1 . VAL A 1 111 ? -5.425  -2.110  -10.774 1.00 14.39 ? 2899 VAL A CG1 1 
ATOM   959  C CG2 . VAL A 1 111 ? -3.416  -1.473  -9.448  1.00 14.58 ? 2899 VAL A CG2 1 
ATOM   960  N N   . GLN A 1 112 ? -6.723  -4.561  -8.406  1.00 11.67 ? 2900 GLN A N   1 
ATOM   961  C CA  . GLN A 1 112 ? -8.034  -5.274  -8.454  1.00 12.21 ? 2900 GLN A CA  1 
ATOM   962  C C   . GLN A 1 112 ? -8.974  -4.861  -7.329  1.00 12.60 ? 2900 GLN A C   1 
ATOM   963  O O   . GLN A 1 112 ? -10.171 -4.554  -7.578  1.00 13.48 ? 2900 GLN A O   1 
ATOM   964  C CB  . GLN A 1 112 ? -7.825  -6.794  -8.429  1.00 12.51 ? 2900 GLN A CB  1 
ATOM   965  C CG  . GLN A 1 112 ? -7.161  -7.419  -9.665  1.00 13.01 ? 2900 GLN A CG  1 
ATOM   966  C CD  . GLN A 1 112 ? -6.804  -8.891  -9.510  1.00 13.44 ? 2900 GLN A CD  1 
ATOM   967  O OE1 . GLN A 1 112 ? -6.414  -9.341  -8.419  1.00 14.58 ? 2900 GLN A OE1 1 
ATOM   968  N NE2 . GLN A 1 112 ? -6.845  -9.649  -10.621 1.00 14.08 ? 2900 GLN A NE2 1 
ATOM   969  N N   . LYS A 1 113 ? -8.468  -4.824  -6.097  1.00 11.66 ? 2901 LYS A N   1 
ATOM   970  C CA  . LYS A 1 113 ? -9.286  -4.456  -4.948  1.00 11.96 ? 2901 LYS A CA  1 
ATOM   971  C C   . LYS A 1 113 ? -9.702  -2.980  -4.959  1.00 11.83 ? 2901 LYS A C   1 
ATOM   972  O O   . LYS A 1 113 ? -10.815 -2.632  -4.564  1.00 12.38 ? 2901 LYS A O   1 
ATOM   973  C CB  . LYS A 1 113 ? -8.519  -4.796  -3.642  1.00 12.39 ? 2901 LYS A CB  1 
ATOM   974  C CG  . LYS A 1 113 ? -8.361  -6.291  -3.390  1.00 13.89 ? 2901 LYS A CG  1 
ATOM   975  C CD  . LYS A 1 113 ? -9.666  -6.947  -2.945  1.00 15.59 ? 2901 LYS A CD  1 
ATOM   976  C CE  . LYS A 1 113 ? -9.462  -8.443  -2.722  1.00 16.30 ? 2901 LYS A CE  1 
ATOM   977  N NZ  . LYS A 1 113 ? -10.724 -9.065  -2.194  1.00 18.58 ? 2901 LYS A NZ  1 
ATOM   978  N N   . LEU A 1 114 ? -8.791  -2.111  -5.392  1.00 11.62 ? 2902 LEU A N   1 
ATOM   979  C CA  . LEU A 1 114 ? -9.055  -0.657  -5.489  1.00 12.92 ? 2902 LEU A CA  1 
ATOM   980  C C   . LEU A 1 114 ? -10.165 -0.383  -6.500  1.00 12.97 ? 2902 LEU A C   1 
ATOM   981  O O   . LEU A 1 114 ? -11.059 0.455   -6.248  1.00 12.41 ? 2902 LEU A O   1 
ATOM   982  C CB  . LEU A 1 114 ? -7.749  0.084   -5.853  1.00 13.42 ? 2902 LEU A CB  1 
ATOM   983  C CG  . LEU A 1 114 ? -7.868  1.613   -6.057  1.00 14.60 ? 2902 LEU A CG  1 
ATOM   984  C CD1 . LEU A 1 114 ? -8.271  2.272   -4.737  1.00 14.42 ? 2902 LEU A CD1 1 
ATOM   985  C CD2 . LEU A 1 114 ? -6.577  2.192   -6.611  1.00 14.87 ? 2902 LEU A CD2 1 
ATOM   986  N N   . LYS A 1 115 ? -10.128 -1.043  -7.666  1.00 13.20 ? 2903 LYS A N   1 
ATOM   987  C CA  . LYS A 1 115 ? -11.245 -0.907  -8.629  1.00 13.49 ? 2903 LYS A CA  1 
ATOM   988  C C   . LYS A 1 115 ? -12.580 -1.337  -7.999  1.00 13.40 ? 2903 LYS A C   1 
ATOM   989  O O   . LYS A 1 115 ? -13.602 -0.690  -8.221  1.00 14.03 ? 2903 LYS A O   1 
ATOM   990  C CB  . LYS A 1 115 ? -10.984 -1.719  -9.894  1.00 15.05 ? 2903 LYS A CB  1 
ATOM   991  C CG  . LYS A 1 115 ? -9.913  -1.112  -10.762 1.00 16.93 ? 2903 LYS A CG  1 
ATOM   992  C CD  . LYS A 1 115 ? -9.678  -2.018  -11.949 1.00 19.47 ? 2903 LYS A CD  1 
ATOM   993  C CE  . LYS A 1 115 ? -8.574  -1.549  -12.864 1.00 20.68 ? 2903 LYS A CE  1 
ATOM   994  N NZ  . LYS A 1 115 ? -8.569  -2.445  -14.050 1.00 22.79 ? 2903 LYS A NZ  1 
ATOM   995  N N   . GLY A 1 116 ? -12.582 -2.411  -7.228  1.00 13.12 ? 2904 GLY A N   1 
ATOM   996  C CA  . GLY A 1 116 ? -13.819 -2.875  -6.539  1.00 13.62 ? 2904 GLY A CA  1 
ATOM   997  C C   . GLY A 1 116 ? -14.328 -1.808  -5.550  1.00 14.52 ? 2904 GLY A C   1 
ATOM   998  O O   . GLY A 1 116 ? -15.535 -1.492  -5.499  1.00 15.28 ? 2904 GLY A O   1 
ATOM   999  N N   . PHE A 1 117 ? -13.408 -1.235  -4.751  1.00 13.22 ? 2905 PHE A N   1 
ATOM   1000 C CA  . PHE A 1 117 ? -13.761 -0.163  -3.812  1.00 14.26 ? 2905 PHE A CA  1 
ATOM   1001 C C   . PHE A 1 117 ? -14.360 1.070   -4.524  1.00 14.30 ? 2905 PHE A C   1 
ATOM   1002 O O   . PHE A 1 117 ? -15.390 1.613   -4.093  1.00 14.43 ? 2905 PHE A O   1 
ATOM   1003 C CB  . PHE A 1 117 ? -12.519 0.237   -2.993  1.00 14.35 ? 2905 PHE A CB  1 
ATOM   1004 C CG  . PHE A 1 117 ? -12.760 1.428   -2.097  1.00 15.25 ? 2905 PHE A CG  1 
ATOM   1005 C CD1 . PHE A 1 117 ? -13.480 1.273   -0.935  1.00 17.32 ? 2905 PHE A CD1 1 
ATOM   1006 C CD2 . PHE A 1 117 ? -12.336 2.709   -2.454  1.00 16.48 ? 2905 PHE A CD2 1 
ATOM   1007 C CE1 . PHE A 1 117 ? -13.711 2.365   -0.091  1.00 18.38 ? 2905 PHE A CE1 1 
ATOM   1008 C CE2 . PHE A 1 117 ? -12.605 3.799   -1.632  1.00 18.29 ? 2905 PHE A CE2 1 
ATOM   1009 C CZ  . PHE A 1 117 ? -13.274 3.618   -0.440  1.00 17.97 ? 2905 PHE A CZ  1 
ATOM   1010 N N   . LYS A 1 118 ? -13.719 1.506   -5.610  1.00 14.22 ? 2906 LYS A N   1 
ATOM   1011 C CA  . LYS A 1 118 ? -14.198 2.685   -6.339  1.00 15.76 ? 2906 LYS A CA  1 
ATOM   1012 C C   . LYS A 1 118 ? -15.613 2.447   -6.889  1.00 17.22 ? 2906 LYS A C   1 
ATOM   1013 O O   . LYS A 1 118 ? -16.477 3.346   -6.811  1.00 18.28 ? 2906 LYS A O   1 
ATOM   1014 C CB  . LYS A 1 118 ? -13.225 3.093   -7.445  1.00 15.65 ? 2906 LYS A CB  1 
ATOM   1015 C CG  . LYS A 1 118 ? -11.900 3.691   -6.945  1.00 15.89 ? 2906 LYS A CG  1 
ATOM   1016 C CD  . LYS A 1 118 ? -10.972 3.985   -8.114  1.00 17.95 ? 2906 LYS A CD  1 
ATOM   1017 C CE  . LYS A 1 118 ? -9.655  4.633   -7.706  1.00 18.58 ? 2906 LYS A CE  1 
ATOM   1018 N NZ  . LYS A 1 118 ? -8.785  4.939   -8.888  1.00 20.23 ? 2906 LYS A NZ  1 
ATOM   1019 N N   . ALA A 1 119 ? -15.864 1.264   -7.435  1.00 16.69 ? 2907 ALA A N   1 
ATOM   1020 C CA  . ALA A 1 119 ? -17.197 0.909   -7.958  1.00 18.86 ? 2907 ALA A CA  1 
ATOM   1021 C C   . ALA A 1 119 ? -18.280 0.978   -6.876  1.00 21.24 ? 2907 ALA A C   1 
ATOM   1022 O O   . ALA A 1 119 ? -19.388 1.453   -7.119  1.00 22.34 ? 2907 ALA A O   1 
ATOM   1023 C CB  . ALA A 1 119 ? -17.145 -0.479  -8.589  1.00 19.04 ? 2907 ALA A CB  1 
ATOM   1024 N N   . SER A 1 120 ? -17.953 0.504   -5.683  1.00 20.87 ? 2908 SER A N   1 
ATOM   1025 C CA  . SER A 1 120 ? -18.890 0.446   -4.564  1.00 23.57 ? 2908 SER A CA  1 
ATOM   1026 C C   . SER A 1 120 ? -19.223 1.824   -3.994  1.00 23.73 ? 2908 SER A C   1 
ATOM   1027 O O   . SER A 1 120 ? -20.276 1.975   -3.361  1.00 25.12 ? 2908 SER A O   1 
ATOM   1028 C CB  . SER A 1 120 ? -18.310 -0.421  -3.430  1.00 24.41 ? 2908 SER A CB  1 
ATOM   1029 O OG  . SER A 1 120 ? -17.257 0.259   -2.744  1.00 29.40 ? 2908 SER A OG  1 
ATOM   1030 N N   . ARG A 1 121 ? -18.321 2.797   -4.156  1.00 22.66 ? 2909 ARG A N   1 
ATOM   1031 C CA  . ARG A 1 121 ? -18.561 4.167   -3.670  1.00 26.87 ? 2909 ARG A CA  1 
ATOM   1032 C C   . ARG A 1 121 ? -19.701 4.823   -4.446  1.00 33.05 ? 2909 ARG A C   1 
ATOM   1033 O O   . ARG A 1 121 ? -20.489 5.537   -3.857  1.00 35.38 ? 2909 ARG A O   1 
ATOM   1034 C CB  . ARG A 1 121 ? -17.361 5.102   -3.865  1.00 26.09 ? 2909 ARG A CB  1 
ATOM   1035 C CG  . ARG A 1 121 ? -16.151 4.956   -2.979  1.00 25.13 ? 2909 ARG A CG  1 
ATOM   1036 C CD  . ARG A 1 121 ? -15.189 6.119   -3.251  1.00 21.77 ? 2909 ARG A CD  1 
ATOM   1037 N NE  . ARG A 1 121 ? -15.211 7.195   -2.260  1.00 19.47 ? 2909 ARG A NE  1 
ATOM   1038 C CZ  . ARG A 1 121 ? -14.431 8.285   -2.292  1.00 17.51 ? 2909 ARG A CZ  1 
ATOM   1039 N NH1 . ARG A 1 121 ? -13.602 8.490   -3.310  1.00 17.36 ? 2909 ARG A NH1 1 
ATOM   1040 N NH2 . ARG A 1 121 ? -14.490 9.171   -1.308  1.00 17.96 ? 2909 ARG A NH2 1 
ATOM   1041 N N   . SER A 1 122 ? -19.714 4.637   -5.770  1.00 40.17 ? 2910 SER A N   1 
ATOM   1042 C CA  . SER A 1 122 ? -20.626 5.367   -6.669  1.00 46.39 ? 2910 SER A CA  1 
ATOM   1043 C C   . SER A 1 122 ? -22.008 4.719   -6.797  1.00 51.52 ? 2910 SER A C   1 
ATOM   1044 O O   . SER A 1 122 ? -22.998 5.426   -7.003  1.00 56.40 ? 2910 SER A O   1 
ATOM   1045 C CB  . SER A 1 122 ? -19.989 5.565   -8.057  1.00 47.31 ? 2910 SER A CB  1 
ATOM   1046 O OG  . SER A 1 122 ? -19.177 4.468   -8.446  1.00 47.73 ? 2910 SER A OG  1 
ATOM   1047 N N   . HIS A 1 123 ? -22.068 3.390   -6.680  1.00 54.81 ? 2911 HIS A N   1 
ATOM   1048 C CA  . HIS A 1 123 ? -23.326 2.634   -6.779  1.00 55.77 ? 2911 HIS A CA  1 
ATOM   1049 C C   . HIS A 1 123 ? -23.447 1.617   -5.643  1.00 55.62 ? 2911 HIS A C   1 
ATOM   1050 O O   . HIS A 1 123 ? -23.626 1.988   -4.484  1.00 54.33 ? 2911 HIS A O   1 
ATOM   1051 C CB  . HIS A 1 123 ? -23.434 1.939   -8.149  1.00 56.46 ? 2911 HIS A CB  1 
ATOM   1052 C CG  . HIS A 1 123 ? -22.360 0.924   -8.415  1.00 56.58 ? 2911 HIS A CG  1 
ATOM   1053 N ND1 . HIS A 1 123 ? -22.361 -0.332  -7.843  1.00 56.70 ? 2911 HIS A ND1 1 
ATOM   1054 C CD2 . HIS A 1 123 ? -21.267 0.967   -9.217  1.00 57.86 ? 2911 HIS A CD2 1 
ATOM   1055 C CE1 . HIS A 1 123 ? -21.309 -1.009  -8.268  1.00 55.13 ? 2911 HIS A CE1 1 
ATOM   1056 N NE2 . HIS A 1 123 ? -20.630 -0.245  -9.105  1.00 56.24 ? 2911 HIS A NE2 1 
HETATM 1057 S S   . DMS B 2 .   ? -0.547  -13.939 5.244   1.00 63.99 ? 3001 DMS A S   1 
HETATM 1058 O O   . DMS B 2 .   ? -0.386  -14.504 6.603   1.00 60.67 ? 3001 DMS A O   1 
HETATM 1059 C C1  . DMS B 2 .   ? 0.695   -12.795 4.941   1.00 59.47 ? 3001 DMS A C1  1 
HETATM 1060 C C2  . DMS B 2 .   ? -0.249  -15.205 4.137   1.00 63.11 ? 3001 DMS A C2  1 
HETATM 1061 N N1  . RU4 C 3 .   ? 19.336  -8.710  2.265   0.66 36.73 ? 3002 RU4 A N1  1 
HETATM 1062 N N3  . RU4 C 3 .   ? 12.750  -4.260  0.842   0.66 25.19 ? 3002 RU4 A N3  1 
HETATM 1063 C C4  . RU4 C 3 .   ? 16.478  -7.068  2.965   0.66 29.12 ? 3002 RU4 A C4  1 
HETATM 1064 C C5  . RU4 C 3 .   ? 16.321  -6.582  1.675   0.66 28.43 ? 3002 RU4 A C5  1 
HETATM 1065 C C6  . RU4 C 3 .   ? 15.119  -6.006  1.295   0.66 27.28 ? 3002 RU4 A C6  1 
HETATM 1066 C C7  . RU4 C 3 .   ? 14.061  -5.905  2.195   0.66 26.40 ? 3002 RU4 A C7  1 
HETATM 1067 C C8  . RU4 C 3 .   ? 14.233  -6.404  3.485   0.66 27.49 ? 3002 RU4 A C8  1 
HETATM 1068 C C10 . RU4 C 3 .   ? 12.781  -5.299  1.792   0.66 25.41 ? 3002 RU4 A C10 1 
HETATM 1069 C C1  . RU4 C 3 .   ? 19.958  -7.214  0.436   0.66 37.31 ? 3002 RU4 A C1  1 
HETATM 1070 C C11 . RU4 C 3 .   ? 11.546  -5.634  2.233   0.66 24.45 ? 3002 RU4 A C11 1 
HETATM 1071 C C2  . RU4 C 3 .   ? 19.979  -7.447  1.917   0.66 37.04 ? 3002 RU4 A C2  1 
HETATM 1072 C C3  . RU4 C 3 .   ? 18.072  -8.796  2.685   0.66 35.08 ? 3002 RU4 A C3  1 
HETATM 1073 C C9  . RU4 C 3 .   ? 15.431  -6.981  3.871   0.66 28.29 ? 3002 RU4 A C9  1 
HETATM 1074 N N2  . RU4 C 3 .   ? 11.573  -4.097  0.380   0.66 24.27 ? 3002 RU4 A N2  1 
HETATM 1075 O O1  . RU4 C 3 .   ? 17.342  -9.751  2.559   0.66 36.73 ? 3002 RU4 A O1  1 
HETATM 1076 O O2  . RU4 C 3 .   ? 17.689  -7.656  3.356   0.66 32.18 ? 3002 RU4 A O2  1 
HETATM 1077 S S1  . RU4 C 3 .   ? 10.384  -4.633  1.467   0.66 23.59 ? 3002 RU4 A S1  1 
HETATM 1078 O O   . HOH D 4 .   ? 5.193   -2.015  13.144  1.00 32.85 ? 3101 HOH A O   1 
HETATM 1079 O O   . HOH D 4 .   ? 11.351  -1.249  -0.004  0.66 12.75 ? 3102 HOH A O   1 
HETATM 1080 O O   . HOH D 4 .   ? -5.747  -4.067  9.379   1.00 27.05 ? 3103 HOH A O   1 
HETATM 1081 O O   . HOH D 4 .   ? 17.987  7.536   -3.453  1.00 23.98 ? 3104 HOH A O   1 
HETATM 1082 O O   . HOH D 4 .   ? -11.622 10.625  -2.315  1.00 14.17 ? 3105 HOH A O   1 
HETATM 1083 O O   . HOH D 4 .   ? -7.131  8.073   -13.952 1.00 42.82 ? 3106 HOH A O   1 
HETATM 1084 O O   . HOH D 4 .   ? 22.711  -3.156  3.499   1.00 50.07 ? 3107 HOH A O   1 
HETATM 1085 O O   . HOH D 4 .   ? 11.880  -10.611 -9.666  1.00 32.56 ? 3108 HOH A O   1 
HETATM 1086 O O   . HOH D 4 .   ? -6.887  15.662  -3.563  1.00 51.05 ? 3109 HOH A O   1 
HETATM 1087 O O   . HOH D 4 .   ? -15.812 3.841   9.624   1.00 31.55 ? 3110 HOH A O   1 
HETATM 1088 O O   . HOH D 4 .   ? 17.908  -7.045  -2.316  1.00 32.94 ? 3111 HOH A O   1 
HETATM 1089 O O   . HOH D 4 .   ? -5.686  14.989  -1.248  1.00 49.05 ? 3112 HOH A O   1 
HETATM 1090 O O   . HOH D 4 .   ? -5.741  11.162  -14.315 1.00 49.61 ? 3113 HOH A O   1 
HETATM 1091 O O   . HOH D 4 .   ? 13.166  -0.215  -10.610 1.00 37.07 ? 3114 HOH A O   1 
HETATM 1092 O O   . HOH D 4 .   ? 2.895   8.955   0.331   1.00 25.53 ? 3115 HOH A O   1 
HETATM 1093 O O   . HOH D 4 .   ? -17.170 1.274   1.815   1.00 44.64 ? 3116 HOH A O   1 
HETATM 1094 O O   . HOH D 4 .   ? -7.296  -2.609  12.557  1.00 29.00 ? 3117 HOH A O   1 
HETATM 1095 O O   . HOH D 4 .   ? 11.625  11.051  5.479   1.00 21.11 ? 3118 HOH A O   1 
HETATM 1096 O O   . HOH D 4 .   ? -15.243 -6.072  7.848   1.00 26.13 ? 3119 HOH A O   1 
HETATM 1097 O O   . HOH D 4 .   ? 17.082  1.071   -8.691  1.00 16.30 ? 3120 HOH A O   1 
HETATM 1098 O O   . HOH D 4 .   ? 2.611   2.075   -9.743  1.00 40.60 ? 3121 HOH A O   1 
HETATM 1099 O O   . HOH D 4 .   ? -11.801 16.252  3.593   1.00 49.79 ? 3122 HOH A O   1 
HETATM 1100 O O   . HOH D 4 .   ? -3.649  12.012  -9.078  1.00 49.13 ? 3123 HOH A O   1 
HETATM 1101 O O   . HOH D 4 .   ? 18.291  -14.145 -11.602 1.00 57.02 ? 3124 HOH A O   1 
HETATM 1102 O O   . HOH D 4 .   ? -12.575 2.645   13.592  1.00 60.29 ? 3125 HOH A O   1 
HETATM 1103 O O   . HOH D 4 .   ? 16.036  -1.611  -8.867  1.00 20.41 ? 3126 HOH A O   1 
HETATM 1104 O O   . HOH D 4 .   ? 9.520   1.310   2.291   1.00 15.28 ? 3127 HOH A O   1 
HETATM 1105 O O   . HOH D 4 .   ? 1.964   -5.494  -11.186 1.00 24.30 ? 3128 HOH A O   1 
HETATM 1106 O O   . HOH D 4 .   ? 20.117  6.253   -7.302  1.00 16.54 ? 3129 HOH A O   1 
HETATM 1107 O O   . HOH D 4 .   ? 19.370  -12.501 -13.447 1.00 48.28 ? 3130 HOH A O   1 
HETATM 1108 O O   . HOH D 4 .   ? -24.466 -1.932  -8.454  1.00 60.03 ? 3131 HOH A O   1 
HETATM 1109 O O   . HOH D 4 .   ? 1.161   10.419  3.388   1.00 17.36 ? 3132 HOH A O   1 
HETATM 1110 O O   . HOH D 4 .   ? -13.832 -3.304  10.620  1.00 40.54 ? 3133 HOH A O   1 
HETATM 1111 O O   . HOH D 4 .   ? -3.916  -15.684 1.602   1.00 40.19 ? 3134 HOH A O   1 
HETATM 1112 O O   . HOH D 4 .   ? 17.837  8.816   3.598   1.00 38.19 ? 3135 HOH A O   1 
HETATM 1113 O O   . HOH D 4 .   ? -5.847  -11.850 0.610   1.00 21.08 ? 3136 HOH A O   1 
HETATM 1114 O O   . HOH D 4 .   ? 15.184  7.010   5.451   1.00 19.62 ? 3137 HOH A O   1 
HETATM 1115 O O   . HOH D 4 .   ? -20.198 7.432   1.585   1.00 35.27 ? 3138 HOH A O   1 
HETATM 1116 O O   . HOH D 4 .   ? -13.205 18.708  -2.434  1.00 35.92 ? 3139 HOH A O   1 
HETATM 1117 O O   . HOH D 4 .   ? -6.944  16.688  1.468   1.00 37.82 ? 3140 HOH A O   1 
HETATM 1118 O O   . HOH D 4 .   ? 7.392   -1.932  2.901   1.00 17.22 ? 3141 HOH A O   1 
HETATM 1119 O O   . HOH D 4 .   ? 3.314   9.793   3.562   1.00 41.35 ? 3142 HOH A O   1 
HETATM 1120 O O   . HOH D 4 .   ? -5.798  11.989  12.139  1.00 26.68 ? 3143 HOH A O   1 
HETATM 1121 O O   . HOH D 4 .   ? 10.233  -3.647  11.840  1.00 31.93 ? 3144 HOH A O   1 
HETATM 1122 O O   . HOH D 4 .   ? 7.937   8.053   5.049   1.00 15.35 ? 3145 HOH A O   1 
HETATM 1123 O O   . HOH D 4 .   ? 2.352   -17.520 4.111   1.00 59.31 ? 3146 HOH A O   1 
HETATM 1124 O O   . HOH D 4 .   ? 8.173   2.275   7.156   1.00 17.75 ? 3147 HOH A O   1 
HETATM 1125 O O   . HOH D 4 .   ? 8.732   -3.506  4.760   1.00 15.28 ? 3148 HOH A O   1 
HETATM 1126 O O   . HOH D 4 .   ? -10.503 6.872   -10.549 1.00 28.38 ? 3149 HOH A O   1 
HETATM 1127 O O   . HOH D 4 .   ? -0.939  -10.336 8.179   1.00 21.23 ? 3150 HOH A O   1 
HETATM 1128 O O   . HOH D 4 .   ? 0.726   14.356  5.338   1.00 25.82 ? 3151 HOH A O   1 
HETATM 1129 O O   . HOH D 4 .   ? 5.803   4.161   11.309  1.00 18.29 ? 3152 HOH A O   1 
HETATM 1130 O O   . HOH D 4 .   ? -12.107 12.214  5.454   1.00 34.71 ? 3153 HOH A O   1 
HETATM 1131 O O   . HOH D 4 .   ? -17.718 12.895  0.855   1.00 30.08 ? 3154 HOH A O   1 
HETATM 1132 O O   . HOH D 4 .   ? -11.867 -8.028  0.258   1.00 22.59 ? 3155 HOH A O   1 
HETATM 1133 O O   . HOH D 4 .   ? 0.760   -5.072  8.670   1.00 18.07 ? 3156 HOH A O   1 
HETATM 1134 O O   . HOH D 4 .   ? 3.507   7.598   -3.848  1.00 16.69 ? 3157 HOH A O   1 
HETATM 1135 O O   . HOH D 4 .   ? -12.578 -4.396  -3.273  1.00 19.36 ? 3158 HOH A O   1 
HETATM 1136 O O   . HOH D 4 .   ? 8.636   -1.078  0.619   1.00 16.55 ? 3159 HOH A O   1 
HETATM 1137 O O   . HOH D 4 .   ? 8.609   1.160   -9.633  1.00 24.10 ? 3160 HOH A O   1 
HETATM 1138 O O   . HOH D 4 .   ? -3.455  -15.141 5.351   1.00 20.98 ? 3161 HOH A O   1 
HETATM 1139 O O   . HOH D 4 .   ? -0.301  7.182   16.686  1.00 33.37 ? 3162 HOH A O   1 
HETATM 1140 O O   . HOH D 4 .   ? -6.279  5.746   -7.880  1.00 25.86 ? 3163 HOH A O   1 
HETATM 1141 O O   . HOH D 4 .   ? -9.801  7.752   14.933  1.00 17.73 ? 3164 HOH A O   1 
HETATM 1142 O O   . HOH D 4 .   ? -13.850 0.932   -10.522 1.00 21.20 ? 3165 HOH A O   1 
HETATM 1143 O O   . HOH D 4 .   ? -0.440  1.247   -6.544  1.00 22.42 ? 3166 HOH A O   1 
HETATM 1144 O O   . HOH D 4 .   ? -13.499 -2.331  0.322   1.00 55.10 ? 3167 HOH A O   1 
HETATM 1145 O O   . HOH D 4 .   ? 10.485  2.762   -8.184  1.00 14.84 ? 3168 HOH A O   1 
HETATM 1146 O O   . HOH D 4 .   ? 16.746  -4.734  -14.548 1.00 28.06 ? 3169 HOH A O   1 
HETATM 1147 O O   . HOH D 4 .   ? -18.016 8.913   -0.631  1.00 32.56 ? 3170 HOH A O   1 
HETATM 1148 O O   . HOH D 4 .   ? -8.569  2.345   -10.061 1.00 32.54 ? 3171 HOH A O   1 
HETATM 1149 O O   . HOH D 4 .   ? -10.906 -2.684  -15.675 1.00 28.57 ? 3172 HOH A O   1 
HETATM 1150 O O   . HOH D 4 .   ? 13.273  -6.308  7.137   1.00 31.16 ? 3173 HOH A O   1 
HETATM 1151 O O   . HOH D 4 .   ? -15.486 6.011   -7.135  1.00 24.35 ? 3174 HOH A O   1 
HETATM 1152 O O   . HOH D 4 .   ? 7.496   -7.271  7.115   1.00 19.84 ? 3175 HOH A O   1 
HETATM 1153 O O   . HOH D 4 .   ? -17.476 -3.483  -6.235  1.00 23.28 ? 3176 HOH A O   1 
HETATM 1154 O O   . HOH D 4 .   ? 8.344   5.987   -3.473  1.00 19.51 ? 3177 HOH A O   1 
HETATM 1155 O O   . HOH D 4 .   ? -2.541  8.822   -5.573  1.00 18.07 ? 3178 HOH A O   1 
HETATM 1156 O O   . HOH D 4 .   ? -4.437  -5.606  -11.663 1.00 16.36 ? 3179 HOH A O   1 
HETATM 1157 O O   . HOH D 4 .   ? -3.143  -12.719 -6.185  1.00 21.64 ? 3180 HOH A O   1 
HETATM 1158 O O   . HOH D 4 .   ? -19.047 10.175  7.555   1.00 35.56 ? 3181 HOH A O   1 
HETATM 1159 O O   . HOH D 4 .   ? -18.727 12.179  -4.911  1.00 57.62 ? 3182 HOH A O   1 
HETATM 1160 O O   . HOH D 4 .   ? -6.944  5.285   17.022  1.00 16.52 ? 3183 HOH A O   1 
HETATM 1161 O O   . HOH D 4 .   ? -3.662  13.664  5.347   1.00 29.56 ? 3184 HOH A O   1 
HETATM 1162 O O   . HOH D 4 .   ? -14.222 -2.957  7.595   1.00 37.84 ? 3185 HOH A O   1 
HETATM 1163 O O   . HOH D 4 .   ? 2.381   1.297   13.176  1.00 25.75 ? 3186 HOH A O   1 
HETATM 1164 O O   . HOH D 4 .   ? 5.874   6.459   -4.967  1.00 18.84 ? 3187 HOH A O   1 
HETATM 1165 O O   . HOH D 4 .   ? 0.693   8.508   13.268  1.00 24.75 ? 3188 HOH A O   1 
HETATM 1166 O O   . HOH D 4 .   ? -17.671 3.427   0.292   1.00 31.43 ? 3189 HOH A O   1 
HETATM 1167 O O   . HOH D 4 .   ? -13.254 7.175   -5.892  1.00 26.11 ? 3190 HOH A O   1 
HETATM 1168 O O   . HOH D 4 .   ? -0.456  10.481  1.298   1.00 27.17 ? 3191 HOH A O   1 
HETATM 1169 O O   . HOH D 4 .   ? 19.826  -0.142  -3.851  1.00 38.48 ? 3192 HOH A O   1 
HETATM 1170 O O   . HOH D 4 .   ? 17.035  -4.191  -11.886 1.00 26.17 ? 3193 HOH A O   1 
HETATM 1171 O O   . HOH D 4 .   ? 2.176   7.954   10.854  1.00 21.67 ? 3194 HOH A O   1 
HETATM 1172 O O   . HOH D 4 .   ? 4.646   3.675   -10.035 1.00 28.80 ? 3195 HOH A O   1 
HETATM 1173 O O   . HOH D 4 .   ? 11.000  -6.778  5.273   1.00 31.88 ? 3196 HOH A O   1 
HETATM 1174 O O   . HOH D 4 .   ? 3.689   5.880   12.249  1.00 22.61 ? 3197 HOH A O   1 
HETATM 1175 O O   . HOH D 4 .   ? -2.698  -15.030 -1.237  1.00 25.89 ? 3198 HOH A O   1 
HETATM 1176 O O   . HOH D 4 .   ? -15.243 2.180   12.956  1.00 32.15 ? 3199 HOH A O   1 
HETATM 1177 O O   . HOH D 4 .   ? 19.384  1.096   6.947   1.00 28.73 ? 3200 HOH A O   1 
HETATM 1178 O O   . HOH D 4 .   ? 10.001  -6.055  7.788   1.00 25.90 ? 3201 HOH A O   1 
HETATM 1179 O O   . HOH D 4 .   ? -14.532 10.076  7.827   1.00 37.71 ? 3202 HOH A O   1 
HETATM 1180 O O   . HOH D 4 .   ? -16.077 13.157  5.695   1.00 44.27 ? 3203 HOH A O   1 
HETATM 1181 O O   . HOH D 4 .   ? 22.964  -2.979  11.205  1.00 57.68 ? 3204 HOH A O   1 
HETATM 1182 O O   . HOH D 4 .   ? -0.747  5.003   -8.176  1.00 28.46 ? 3205 HOH A O   1 
HETATM 1183 O O   . HOH D 4 .   ? -20.801 7.391   5.717   1.00 28.86 ? 3206 HOH A O   1 
HETATM 1184 O O   . HOH D 4 .   ? -10.691 11.793  7.745   1.00 28.58 ? 3207 HOH A O   1 
HETATM 1185 O O   . HOH D 4 .   ? -0.282  -4.640  13.466  1.00 43.76 ? 3208 HOH A O   1 
HETATM 1186 O O   . HOH D 4 .   ? -9.369  -11.289 -0.473  1.00 30.30 ? 3209 HOH A O   1 
HETATM 1187 O O   . HOH D 4 .   ? -14.207 8.732   13.190  1.00 35.82 ? 3210 HOH A O   1 
HETATM 1188 O O   . HOH D 4 .   ? -7.642  -2.370  8.376   1.00 25.87 ? 3211 HOH A O   1 
HETATM 1189 O O   . HOH D 4 .   ? -3.089  6.665   -9.375  1.00 35.86 ? 3212 HOH A O   1 
HETATM 1190 O O   . HOH D 4 .   ? 9.724   0.276   5.665   1.00 19.40 ? 3213 HOH A O   1 
HETATM 1191 O O   . HOH D 4 .   ? -16.205 -2.820  2.773   1.00 38.03 ? 3214 HOH A O   1 
HETATM 1192 O O   . HOH D 4 .   ? 4.702   0.240   11.718  1.00 24.28 ? 3215 HOH A O   1 
HETATM 1193 O O   . HOH D 4 .   ? 18.891  2.342   -5.510  1.00 26.00 ? 3216 HOH A O   1 
HETATM 1194 O O   . HOH D 4 .   ? -15.893 -1.457  -0.414  1.00 29.38 ? 3217 HOH A O   1 
HETATM 1195 O O   . HOH D 4 .   ? -9.554  -11.088 1.873   1.00 27.48 ? 3218 HOH A O   1 
HETATM 1196 O O   . HOH D 4 .   ? -1.310  11.428  -5.626  1.00 35.59 ? 3219 HOH A O   1 
HETATM 1197 O O   . HOH D 4 .   ? -6.526  14.203  -11.659 1.00 38.25 ? 3220 HOH A O   1 
HETATM 1198 O O   . HOH D 4 .   ? 12.867  0.068   11.515  1.00 27.22 ? 3221 HOH A O   1 
HETATM 1199 O O   . HOH D 4 .   ? -9.103  -5.539  -13.152 1.00 8.06  ? 3222 HOH A O   1 
HETATM 1200 O O   . HOH D 4 .   ? 18.701  -1.171  -7.983  1.00 26.18 ? 3223 HOH A O   1 
HETATM 1201 O O   . HOH D 4 .   ? -2.203  12.381  -2.574  1.00 37.39 ? 3224 HOH A O   1 
HETATM 1202 O O   . HOH D 4 .   ? 18.785  -7.600  -12.376 1.00 30.58 ? 3225 HOH A O   1 
HETATM 1203 O O   . HOH D 4 .   ? -0.238  7.183   -6.277  1.00 21.85 ? 3226 HOH A O   1 
HETATM 1204 O O   . HOH D 4 .   ? 9.054   8.528   -2.437  1.00 31.20 ? 3227 HOH A O   1 
HETATM 1205 O O   . HOH D 4 .   ? -0.282  -3.349  -11.019 1.00 29.21 ? 3228 HOH A O   1 
HETATM 1206 O O   . HOH D 4 .   ? -16.747 -3.442  -2.606  1.00 35.21 ? 3229 HOH A O   1 
HETATM 1207 O O   . HOH D 4 .   ? -15.829 2.875   -10.779 1.00 31.35 ? 3230 HOH A O   1 
HETATM 1208 O O   . HOH D 4 .   ? -11.687 -4.922  -0.497  1.00 32.89 ? 3231 HOH A O   1 
HETATM 1209 O O   . HOH D 4 .   ? -17.441 12.858  -7.885  1.00 55.64 ? 3232 HOH A O   1 
HETATM 1210 O O   . HOH D 4 .   ? -21.157 -5.759  3.606   1.00 26.29 ? 3233 HOH A O   1 
HETATM 1211 O O   . HOH D 4 .   ? 9.256   -11.307 7.141   1.00 32.64 ? 3234 HOH A O   1 
HETATM 1212 O O   . HOH D 4 .   ? -22.073 8.481   3.228   1.00 57.76 ? 3235 HOH A O   1 
HETATM 1213 O O   . HOH D 4 .   ? -5.139  -13.829 -4.520  1.00 24.46 ? 3236 HOH A O   1 
HETATM 1214 O O   . HOH D 4 .   ? -3.696  -11.186 8.308   1.00 20.89 ? 3237 HOH A O   1 
HETATM 1215 O O   . HOH D 4 .   ? 5.171   -7.252  15.131  1.00 40.42 ? 3238 HOH A O   1 
HETATM 1216 O O   . HOH D 4 .   ? 4.505   -9.348  10.893  1.00 35.34 ? 3239 HOH A O   1 
HETATM 1217 O O   . HOH D 4 .   ? 6.338   1.926   12.966  1.00 31.05 ? 3240 HOH A O   1 
HETATM 1218 O O   . HOH D 4 .   ? 4.059   9.743   -2.157  1.00 31.82 ? 3241 HOH A O   1 
HETATM 1219 O O   . HOH D 4 .   ? -5.001  -13.534 -1.528  1.00 20.41 ? 3242 HOH A O   1 
HETATM 1220 O O   . HOH D 4 .   ? -2.400  2.352   -8.237  1.00 29.64 ? 3243 HOH A O   1 
HETATM 1221 O O   . HOH D 4 .   ? 18.732  -10.731 -5.719  1.00 39.66 ? 3244 HOH A O   1 
HETATM 1222 O O   . HOH D 4 .   ? -3.597  14.506  -2.688  1.00 39.96 ? 3245 HOH A O   1 
HETATM 1223 O O   . HOH D 4 .   ? 3.313   -18.849 6.411   1.00 31.64 ? 3246 HOH A O   1 
HETATM 1224 O O   . HOH D 4 .   ? -12.044 14.966  5.708   1.00 44.92 ? 3247 HOH A O   1 
HETATM 1225 O O   . HOH D 4 .   ? 6.716   -8.963  9.472   1.00 31.43 ? 3248 HOH A O   1 
HETATM 1226 O O   . HOH D 4 .   ? -17.945 13.828  3.781   1.00 48.35 ? 3249 HOH A O   1 
HETATM 1227 O O   . HOH D 4 .   ? -11.313 2.284   -11.489 1.00 30.66 ? 3250 HOH A O   1 
HETATM 1228 O O   . HOH D 4 .   ? -1.609  8.887   12.017  1.00 18.63 ? 3251 HOH A O   1 
HETATM 1229 O O   . HOH D 4 .   ? 2.111   8.418   -6.062  1.00 27.15 ? 3252 HOH A O   1 
HETATM 1230 O O   . HOH D 4 .   ? -26.125 1.188   2.823   1.00 41.75 ? 3253 HOH A O   1 
HETATM 1231 O O   . HOH D 4 .   ? -12.712 11.946  9.973   1.00 39.59 ? 3254 HOH A O   1 
HETATM 1232 O O   . HOH D 4 .   ? 11.674  -9.698  4.826   1.00 32.66 ? 3255 HOH A O   1 
HETATM 1233 O O   . HOH D 4 .   ? -4.775  1.696   -10.005 1.00 36.19 ? 3256 HOH A O   1 
# 
